data_6THP
#
_entry.id   6THP
#
_cell.length_a   59.790
_cell.length_b   109.390
_cell.length_c   248.018
_cell.angle_alpha   90.000
_cell.angle_beta   90.000
_cell.angle_gamma   90.000
#
_symmetry.space_group_name_H-M   'P 21 21 21'
#
loop_
_entity.id
_entity.type
_entity.pdbx_description
1 polymer Neprilysin
2 non-polymer 2-acetamido-2-deoxy-beta-D-glucopyranose
3 non-polymer 'ZINC ION'
4 non-polymer '4-[[(2~{R})-1-[4-(3-chlorophenyl)phenyl]-4-oxidanyl-4-oxidanylidene-butan-2-yl]amino]-4-oxidanylidene-butanoic acid'
5 water water
#
_entity_poly.entity_id   1
_entity_poly.type   'polypeptide(L)'
_entity_poly.pdbx_seq_one_letter_code
;GICKSSDCIKSAARLIQNMDATTEPCTDFFKYACGGWLKRNVIPETSSRYGNFDILRDELEVVLKDVLQEPKTEDIVAVQ
KAKALYRSCINESAIDSRGGEPLLKLLPDIYGWPVATENWEQKYGASWTAEKAIAQLNSKYGKKVLINLFVGTDDKNSVN
HVIHIDQPRLGLPSRDYYECTGIYKEACTAYVDFMISVARLIRQEERLPIDENQLALEMNKVMELEKEIANATAKPEDRN
DPMLLYNKMTLAQIQNNFSLEINGKPFSWLNFTNEIMSTVNISITNEEDVVVYAPEYLTKLKPILTKYSARDLQNLMSWR
FIMDLVSSLSRTYKESRNAFRKALYGTTSETATWRRCANYVNGNMENAVGRLYVEAAFAGESKHVVEDLIAQIREVFIQT
LDDLTWMDAETKKRAEEKALAIKERIGYPDDIVSNDNKLNNEYLELNYKEDEYFENIIQNLKFSQSKQLKKLREKVDKDE
WISGAAVVNAFYSSGRNQIVFPAGILQPPFFSAQQSNSLNYGGIGMVIGHEITHGFDDNGRNFNKDGDLVDWWTQQSASN
FKEQSQCMVYQYGNFSWDLAGGQHLNGINTLGENIADNGGLGQAYRAYQNYIKKNGEEKLLPGLDLNHKQLFFLNFAQVW
CGTYRPEYAVNSIKTDVHSPGNFRIIGTLQNSAEFSEAFHCRKNSYMNPEKKCRVW
;
_entity_poly.pdbx_strand_id   A,B
#
# COMPACT_ATOMS: atom_id res chain seq x y z
N GLY A 1 -18.30 36.13 11.09
CA GLY A 1 -19.37 35.06 11.16
C GLY A 1 -18.89 33.72 10.62
N ILE A 2 -17.57 33.51 10.72
CA ILE A 2 -16.89 32.37 10.12
C ILE A 2 -16.27 31.52 11.21
N CYS A 3 -16.45 30.21 11.12
CA CYS A 3 -15.80 29.32 12.06
C CYS A 3 -14.30 29.26 11.80
N LYS A 4 -13.50 29.31 12.86
CA LYS A 4 -12.04 29.29 12.70
C LYS A 4 -11.37 28.32 13.66
N SER A 5 -12.16 27.43 14.24
CA SER A 5 -11.64 26.37 15.10
C SER A 5 -10.74 25.42 14.30
N SER A 6 -9.95 24.61 14.99
CA SER A 6 -9.11 23.61 14.34
C SER A 6 -9.96 22.58 13.58
N ASP A 7 -11.07 22.19 14.20
CA ASP A 7 -11.97 21.21 13.63
C ASP A 7 -12.58 21.74 12.36
N CYS A 8 -13.00 23.00 12.36
CA CYS A 8 -13.64 23.58 11.17
C CYS A 8 -12.71 23.59 10.00
N ILE A 9 -11.42 23.76 10.30
CA ILE A 9 -10.37 23.87 9.32
C ILE A 9 -10.16 22.50 8.65
N LYS A 10 -10.05 21.46 9.48
CA LYS A 10 -9.95 20.08 9.00
C LYS A 10 -11.15 19.70 8.13
N SER A 11 -12.37 20.02 8.59
CA SER A 11 -13.56 19.80 7.78
C SER A 11 -13.40 20.46 6.43
N ALA A 12 -13.09 21.75 6.47
CA ALA A 12 -12.95 22.55 5.26
C ALA A 12 -12.00 21.96 4.26
N ALA A 13 -10.79 21.62 4.72
CA ALA A 13 -9.72 21.24 3.82
C ALA A 13 -10.09 19.98 3.05
N ARG A 14 -10.71 19.08 3.79
CA ARG A 14 -11.06 17.76 3.32
C ARG A 14 -12.09 17.95 2.22
N LEU A 15 -13.17 18.68 2.54
CA LEU A 15 -14.19 19.05 1.55
C LEU A 15 -13.59 19.70 0.31
N ILE A 16 -12.71 20.66 0.54
CA ILE A 16 -12.11 21.39 -0.56
C ILE A 16 -11.27 20.45 -1.43
N GLN A 17 -10.41 19.68 -0.80
CA GLN A 17 -9.56 18.74 -1.51
C GLN A 17 -10.29 17.67 -2.31
N ASN A 18 -11.38 17.13 -1.77
CA ASN A 18 -12.14 16.11 -2.50
C ASN A 18 -12.90 16.63 -3.69
N MET A 19 -13.46 17.82 -3.57
CA MET A 19 -14.32 18.34 -4.62
C MET A 19 -13.56 18.88 -5.85
N ASP A 20 -14.30 19.02 -6.94
CA ASP A 20 -13.78 19.64 -8.16
C ASP A 20 -14.74 20.75 -8.53
N ALA A 21 -14.37 21.98 -8.17
CA ALA A 21 -15.28 23.13 -8.27
C ALA A 21 -15.59 23.57 -9.71
N THR A 22 -14.94 22.96 -10.70
CA THR A 22 -15.06 23.37 -12.10
C THR A 22 -16.10 22.57 -12.87
N THR A 23 -16.47 21.41 -12.32
CA THR A 23 -17.62 20.68 -12.79
C THR A 23 -18.82 21.45 -12.30
N GLU A 24 -19.90 21.40 -13.06
CA GLU A 24 -21.12 22.03 -12.65
C GLU A 24 -21.88 21.06 -11.74
N PRO A 25 -22.33 21.52 -10.55
CA PRO A 25 -23.09 20.67 -9.62
C PRO A 25 -24.34 19.99 -10.23
N CYS A 26 -25.00 20.63 -11.19
CA CYS A 26 -26.29 20.12 -11.72
C CYS A 26 -26.15 19.21 -12.93
N THR A 27 -24.94 19.14 -13.44
CA THR A 27 -24.55 18.21 -14.49
C THR A 27 -24.27 16.85 -13.88
N ASP A 28 -23.43 16.85 -12.84
CA ASP A 28 -22.93 15.65 -12.20
C ASP A 28 -22.42 15.95 -10.79
N PHE A 29 -23.27 15.76 -9.79
CA PHE A 29 -22.90 16.14 -8.43
C PHE A 29 -21.78 15.27 -7.87
N PHE A 30 -21.69 14.04 -8.35
CA PHE A 30 -20.62 13.15 -7.93
C PHE A 30 -19.23 13.72 -8.32
N LYS A 31 -19.06 13.99 -9.60
CA LYS A 31 -17.89 14.70 -10.08
C LYS A 31 -17.61 15.99 -9.31
N TYR A 32 -18.66 16.80 -9.14
CA TYR A 32 -18.53 18.03 -8.39
C TYR A 32 -18.05 17.77 -6.98
N ALA A 33 -18.64 16.78 -6.31
CA ALA A 33 -18.28 16.46 -4.92
C ALA A 33 -16.96 15.74 -4.81
N CYS A 34 -16.64 14.91 -5.81
CA CYS A 34 -15.55 13.96 -5.67
C CYS A 34 -14.45 14.08 -6.69
N GLY A 35 -14.58 15.00 -7.64
CA GLY A 35 -13.63 15.08 -8.73
C GLY A 35 -12.18 15.27 -8.34
N GLY A 36 -11.95 16.06 -7.30
CA GLY A 36 -10.60 16.29 -6.77
C GLY A 36 -9.96 14.99 -6.27
N TRP A 37 -10.72 14.24 -5.47
CA TRP A 37 -10.31 12.93 -4.99
C TRP A 37 -10.03 11.94 -6.14
N LEU A 38 -10.89 11.92 -7.14
CA LEU A 38 -10.73 11.02 -8.29
C LEU A 38 -9.46 11.31 -9.08
N LYS A 39 -9.19 12.60 -9.27
CA LYS A 39 -8.05 13.12 -10.03
C LYS A 39 -6.74 12.76 -9.37
N ARG A 40 -6.76 12.67 -8.05
CA ARG A 40 -5.54 12.57 -7.25
C ARG A 40 -5.21 11.16 -6.77
N ASN A 41 -6.18 10.27 -6.79
CA ASN A 41 -5.96 8.96 -6.19
C ASN A 41 -5.85 7.84 -7.24
N VAL A 42 -4.97 6.89 -6.93
CA VAL A 42 -4.85 5.64 -7.67
C VAL A 42 -5.30 4.53 -6.71
N ILE A 43 -5.95 3.49 -7.24
CA ILE A 43 -6.35 2.34 -6.44
C ILE A 43 -5.12 1.51 -6.07
N PRO A 44 -4.85 1.33 -4.77
CA PRO A 44 -3.70 0.50 -4.38
C PRO A 44 -3.75 -0.88 -5.03
N GLU A 45 -2.58 -1.45 -5.31
CA GLU A 45 -2.51 -2.81 -5.87
C GLU A 45 -3.33 -3.86 -5.09
N THR A 46 -3.57 -3.59 -3.81
CA THR A 46 -4.21 -4.55 -2.93
C THR A 46 -5.71 -4.31 -2.69
N SER A 47 -6.25 -3.23 -3.26
CA SER A 47 -7.67 -2.93 -3.10
C SER A 47 -8.43 -3.23 -4.37
N SER A 48 -9.62 -3.80 -4.21
CA SER A 48 -10.48 -4.07 -5.35
C SER A 48 -11.36 -2.84 -5.63
N ARG A 49 -11.46 -2.02 -4.59
CA ARG A 49 -12.21 -0.79 -4.57
C ARG A 49 -11.45 0.16 -3.62
N TYR A 50 -11.52 1.47 -3.89
CA TYR A 50 -10.82 2.43 -3.04
C TYR A 50 -11.60 3.74 -2.90
N GLY A 51 -11.38 4.45 -1.82
CA GLY A 51 -12.20 5.61 -1.56
C GLY A 51 -12.32 5.86 -0.10
N ASN A 52 -13.07 6.92 0.26
CA ASN A 52 -13.05 7.45 1.61
C ASN A 52 -13.52 6.43 2.63
N PHE A 53 -14.52 5.67 2.22
CA PHE A 53 -15.11 4.64 3.05
C PHE A 53 -14.10 3.54 3.32
N ASP A 54 -13.35 3.13 2.30
CA ASP A 54 -12.33 2.08 2.45
C ASP A 54 -11.12 2.56 3.21
N ILE A 55 -10.73 3.81 2.99
CA ILE A 55 -9.69 4.43 3.82
C ILE A 55 -10.05 4.33 5.31
N LEU A 56 -11.32 4.61 5.64
CA LEU A 56 -11.77 4.49 7.01
C LEU A 56 -11.57 3.09 7.53
N ARG A 57 -11.82 2.09 6.69
CA ARG A 57 -11.62 0.70 7.10
C ARG A 57 -10.14 0.37 7.24
N ASP A 58 -9.32 0.90 6.33
CA ASP A 58 -7.86 0.74 6.44
C ASP A 58 -7.27 1.38 7.69
N GLU A 59 -7.83 2.51 8.11
CA GLU A 59 -7.31 3.21 9.28
C GLU A 59 -7.77 2.53 10.58
N LEU A 60 -8.96 1.93 10.54
CA LEU A 60 -9.42 1.16 11.65
C LEU A 60 -8.49 -0.03 11.84
N GLU A 61 -8.05 -0.63 10.74
CA GLU A 61 -7.10 -1.75 10.81
C GLU A 61 -5.79 -1.36 11.51
N VAL A 62 -5.30 -0.15 11.25
CA VAL A 62 -4.09 0.38 11.90
C VAL A 62 -4.25 0.40 13.43
N VAL A 63 -5.39 0.90 13.89
CA VAL A 63 -5.72 0.88 15.31
C VAL A 63 -5.66 -0.55 15.85
N LEU A 64 -6.30 -1.49 15.15
CA LEU A 64 -6.27 -2.89 15.55
C LEU A 64 -4.85 -3.47 15.64
N LYS A 65 -4.01 -3.16 14.66
CA LYS A 65 -2.60 -3.53 14.72
C LYS A 65 -1.99 -3.05 16.03
N ASP A 66 -2.14 -1.76 16.29
CA ASP A 66 -1.57 -1.15 17.49
C ASP A 66 -2.03 -1.83 18.77
N VAL A 67 -3.31 -2.20 18.86
CA VAL A 67 -3.81 -2.81 20.12
C VAL A 67 -3.55 -4.31 20.26
N LEU A 68 -3.23 -4.99 19.17
CA LEU A 68 -3.00 -6.44 19.22
C LEU A 68 -1.53 -6.84 19.28
N GLN A 69 -0.64 -6.02 18.73
CA GLN A 69 0.75 -6.44 18.49
C GLN A 69 1.67 -6.35 19.71
N GLU A 70 1.15 -5.81 20.80
CA GLU A 70 1.93 -5.54 21.99
C GLU A 70 1.23 -6.06 23.23
N PRO A 71 1.78 -7.11 23.84
CA PRO A 71 1.35 -7.60 25.16
C PRO A 71 1.49 -6.53 26.25
N LYS A 72 0.54 -6.47 27.17
CA LYS A 72 0.60 -5.54 28.33
C LYS A 72 0.30 -6.29 29.64
N THR A 73 0.84 -5.82 30.74
CA THR A 73 0.67 -6.47 32.04
C THR A 73 -0.81 -6.67 32.32
N GLU A 74 -1.55 -5.57 32.20
CA GLU A 74 -2.93 -5.50 32.63
C GLU A 74 -3.93 -6.30 31.76
N ASP A 75 -3.44 -7.06 30.78
CA ASP A 75 -4.32 -7.77 29.84
C ASP A 75 -5.09 -8.93 30.46
N ILE A 76 -6.41 -8.88 30.35
CA ILE A 76 -7.25 -9.97 30.82
C ILE A 76 -7.05 -11.19 29.92
N VAL A 77 -7.47 -12.36 30.40
CA VAL A 77 -7.31 -13.60 29.65
C VAL A 77 -7.95 -13.49 28.25
N ALA A 78 -9.11 -12.87 28.17
CA ALA A 78 -9.80 -12.70 26.89
C ALA A 78 -8.93 -11.99 25.86
N VAL A 79 -8.31 -10.88 26.27
CA VAL A 79 -7.38 -10.11 25.45
C VAL A 79 -6.11 -10.90 25.14
N GLN A 80 -5.60 -11.66 26.12
CA GLN A 80 -4.44 -12.50 25.93
C GLN A 80 -4.65 -13.52 24.82
N LYS A 81 -5.82 -14.15 24.83
CA LYS A 81 -6.21 -15.10 23.83
C LYS A 81 -6.24 -14.48 22.45
N ALA A 82 -6.74 -13.25 22.37
CA ALA A 82 -6.81 -12.51 21.10
C ALA A 82 -5.46 -12.14 20.52
N LYS A 83 -4.52 -11.71 21.36
CA LYS A 83 -3.16 -11.37 20.93
C LYS A 83 -2.35 -12.62 20.54
N ALA A 84 -2.62 -13.72 21.25
CA ALA A 84 -1.98 -14.97 20.93
C ALA A 84 -2.42 -15.40 19.56
N LEU A 85 -3.74 -15.36 19.31
CA LEU A 85 -4.28 -15.65 17.99
C LEU A 85 -3.62 -14.79 16.93
N TYR A 86 -3.54 -13.49 17.19
CA TYR A 86 -2.82 -12.56 16.32
C TYR A 86 -1.37 -12.97 16.07
N ARG A 87 -0.62 -13.32 17.11
CA ARG A 87 0.77 -13.70 16.89
C ARG A 87 0.89 -14.96 16.04
N SER A 88 0.07 -15.96 16.32
CA SER A 88 0.08 -17.16 15.49
C SER A 88 -0.11 -16.79 14.00
N CYS A 89 -1.08 -15.91 13.77
CA CYS A 89 -1.44 -15.44 12.45
C CYS A 89 -0.34 -14.71 11.67
N ILE A 90 0.37 -13.78 12.33
CA ILE A 90 1.42 -13.03 11.63
C ILE A 90 2.79 -13.72 11.55
N ASN A 91 2.94 -14.88 12.19
CA ASN A 91 4.21 -15.61 12.07
C ASN A 91 4.29 -16.49 10.83
N GLU A 92 4.71 -15.86 9.72
CA GLU A 92 4.67 -16.48 8.40
C GLU A 92 5.82 -17.45 8.20
N SER A 93 6.88 -17.24 8.96
CA SER A 93 8.03 -18.09 8.84
C SER A 93 7.74 -19.42 9.53
N ALA A 94 6.97 -19.41 10.62
CA ALA A 94 6.41 -20.65 11.19
C ALA A 94 5.41 -21.34 10.24
N ILE A 95 4.45 -20.56 9.72
CA ILE A 95 3.46 -21.07 8.78
C ILE A 95 4.17 -21.67 7.58
N ASP A 96 5.09 -20.92 6.98
CA ASP A 96 5.82 -21.37 5.79
C ASP A 96 6.57 -22.70 5.97
N SER A 97 7.14 -22.89 7.14
CA SER A 97 7.95 -24.09 7.38
C SER A 97 7.09 -25.34 7.54
N ARG A 98 5.77 -25.16 7.61
CA ARG A 98 4.84 -26.28 7.71
C ARG A 98 4.23 -26.65 6.36
N GLY A 99 4.65 -25.95 5.30
CA GLY A 99 4.16 -26.24 3.96
C GLY A 99 2.67 -26.48 3.91
N GLY A 100 2.29 -27.68 3.47
CA GLY A 100 0.89 -28.03 3.30
C GLY A 100 0.51 -29.11 4.27
N GLU A 101 1.46 -29.50 5.12
CA GLU A 101 1.25 -30.59 6.07
C GLU A 101 0.00 -30.45 6.96
N PRO A 102 -0.29 -29.25 7.51
CA PRO A 102 -1.51 -29.14 8.33
C PRO A 102 -2.77 -29.51 7.57
N LEU A 103 -2.83 -29.15 6.29
CA LEU A 103 -3.95 -29.50 5.43
C LEU A 103 -3.97 -31.01 5.16
N LEU A 104 -2.84 -31.59 4.78
CA LEU A 104 -2.75 -33.04 4.60
C LEU A 104 -3.33 -33.81 5.78
N LYS A 105 -2.93 -33.44 7.00
CA LYS A 105 -3.42 -34.11 8.22
C LYS A 105 -4.94 -34.02 8.32
N LEU A 106 -5.51 -32.93 7.81
CA LEU A 106 -6.96 -32.70 7.87
C LEU A 106 -7.72 -33.51 6.84
N LEU A 107 -7.12 -33.72 5.68
CA LEU A 107 -7.83 -34.30 4.55
C LEU A 107 -8.66 -35.59 4.78
N PRO A 108 -8.15 -36.55 5.59
CA PRO A 108 -8.98 -37.75 5.78
C PRO A 108 -10.25 -37.52 6.60
N ASP A 109 -10.25 -36.51 7.45
CA ASP A 109 -11.42 -36.19 8.28
C ASP A 109 -12.61 -35.67 7.46
N ILE A 110 -12.36 -35.35 6.19
CA ILE A 110 -13.42 -34.89 5.29
C ILE A 110 -13.63 -35.86 4.11
N TYR A 111 -13.02 -37.04 4.21
CA TYR A 111 -13.15 -38.12 3.21
C TYR A 111 -12.22 -37.86 2.02
N GLY A 112 -11.11 -37.19 2.30
CA GLY A 112 -10.09 -36.91 1.31
C GLY A 112 -10.53 -36.00 0.18
N TRP A 113 -9.57 -35.70 -0.70
CA TRP A 113 -9.84 -35.02 -1.97
C TRP A 113 -9.44 -35.94 -3.15
N PRO A 114 -10.44 -36.63 -3.74
CA PRO A 114 -10.19 -37.71 -4.72
C PRO A 114 -9.06 -37.47 -5.69
N VAL A 115 -9.01 -36.29 -6.32
CA VAL A 115 -7.96 -35.97 -7.30
C VAL A 115 -6.54 -36.04 -6.72
N ALA A 116 -6.41 -35.90 -5.40
CA ALA A 116 -5.11 -35.89 -4.73
C ALA A 116 -4.93 -37.10 -3.79
N THR A 117 -5.79 -38.09 -3.94
CA THR A 117 -5.66 -39.36 -3.24
C THR A 117 -5.58 -40.41 -4.32
N GLU A 118 -4.71 -41.39 -4.18
CA GLU A 118 -4.79 -42.49 -5.12
C GLU A 118 -5.51 -43.69 -4.47
N ASN A 119 -6.25 -44.43 -5.30
CA ASN A 119 -7.22 -45.43 -4.82
C ASN A 119 -8.18 -44.82 -3.79
N TRP A 120 -8.79 -43.69 -4.17
CA TRP A 120 -9.76 -42.99 -3.33
C TRP A 120 -10.95 -43.88 -3.01
N GLU A 121 -11.50 -44.49 -4.07
CA GLU A 121 -12.61 -45.43 -3.98
C GLU A 121 -12.32 -46.54 -3.00
N GLN A 122 -11.08 -47.00 -3.05
CA GLN A 122 -10.62 -48.07 -2.20
C GLN A 122 -10.64 -47.59 -0.74
N LYS A 123 -10.03 -46.43 -0.51
CA LYS A 123 -9.79 -45.88 0.83
C LYS A 123 -11.04 -45.32 1.51
N TYR A 124 -12.00 -44.80 0.73
CA TYR A 124 -13.17 -44.09 1.29
C TYR A 124 -14.54 -44.60 0.83
N GLY A 125 -14.56 -45.37 -0.26
CA GLY A 125 -15.79 -45.71 -0.97
C GLY A 125 -16.87 -46.42 -0.18
N ALA A 126 -16.45 -47.39 0.65
CA ALA A 126 -17.38 -48.25 1.37
C ALA A 126 -18.12 -47.46 2.43
N SER A 127 -17.49 -46.41 2.95
CA SER A 127 -18.00 -45.65 4.09
C SER A 127 -18.51 -44.26 3.73
N TRP A 128 -18.66 -43.98 2.44
CA TRP A 128 -19.00 -42.66 1.99
C TRP A 128 -20.47 -42.59 1.61
N THR A 129 -21.22 -41.74 2.31
CA THR A 129 -22.55 -41.34 1.87
C THR A 129 -22.66 -39.82 1.85
N ALA A 130 -23.45 -39.30 0.91
CA ALA A 130 -23.72 -37.86 0.84
C ALA A 130 -24.00 -37.33 2.25
N GLU A 131 -24.94 -37.96 2.94
CA GLU A 131 -25.42 -37.54 4.26
C GLU A 131 -24.31 -37.25 5.24
N LYS A 132 -23.25 -38.06 5.20
CA LYS A 132 -22.17 -37.91 6.16
C LYS A 132 -21.05 -37.01 5.63
N ALA A 133 -20.76 -37.14 4.34
CA ALA A 133 -19.82 -36.26 3.64
C ALA A 133 -20.25 -34.81 3.81
N ILE A 134 -21.43 -34.49 3.27
CA ILE A 134 -22.00 -33.14 3.41
C ILE A 134 -22.05 -32.70 4.89
N ALA A 135 -22.54 -33.60 5.74
CA ALA A 135 -22.69 -33.32 7.17
C ALA A 135 -21.38 -32.89 7.81
N GLN A 136 -20.31 -33.60 7.45
CA GLN A 136 -19.00 -33.37 8.03
C GLN A 136 -18.52 -31.96 7.78
N LEU A 137 -18.53 -31.55 6.52
CA LEU A 137 -18.11 -30.20 6.16
C LEU A 137 -18.93 -29.17 6.92
N ASN A 138 -20.25 -29.39 6.98
CA ASN A 138 -21.20 -28.49 7.65
C ASN A 138 -20.97 -28.40 9.16
N SER A 139 -21.07 -29.54 9.85
CA SER A 139 -21.14 -29.55 11.30
C SER A 139 -19.82 -29.25 11.99
N LYS A 140 -18.72 -29.73 11.41
CA LYS A 140 -17.44 -29.57 12.04
C LYS A 140 -16.72 -28.33 11.54
N TYR A 141 -16.90 -27.98 10.26
CA TYR A 141 -16.09 -26.92 9.65
C TYR A 141 -16.84 -25.69 9.13
N GLY A 142 -18.17 -25.66 9.32
CA GLY A 142 -19.01 -24.55 8.87
C GLY A 142 -19.12 -24.38 7.35
N LYS A 143 -18.74 -25.41 6.61
CA LYS A 143 -18.72 -25.36 5.15
C LYS A 143 -19.96 -26.01 4.54
N LYS A 144 -20.74 -25.20 3.85
CA LYS A 144 -22.02 -25.62 3.35
C LYS A 144 -21.90 -25.90 1.87
N VAL A 145 -22.02 -27.17 1.47
CA VAL A 145 -21.94 -27.57 0.06
C VAL A 145 -23.21 -28.34 -0.34
N LEU A 146 -23.65 -28.14 -1.59
CA LEU A 146 -24.80 -28.87 -2.19
C LEU A 146 -26.14 -28.54 -1.57
N ILE A 147 -26.34 -28.97 -0.33
CA ILE A 147 -27.50 -28.60 0.46
C ILE A 147 -26.99 -27.76 1.63
N ASN A 148 -27.56 -26.57 1.83
CA ASN A 148 -27.21 -25.74 3.00
C ASN A 148 -28.16 -25.94 4.20
N LEU A 149 -27.66 -26.55 5.26
CA LEU A 149 -28.44 -26.67 6.50
C LEU A 149 -27.87 -25.76 7.58
N PHE A 150 -28.73 -24.94 8.18
CA PHE A 150 -28.33 -24.11 9.31
C PHE A 150 -29.41 -23.90 10.35
N VAL A 151 -29.00 -23.57 11.57
CA VAL A 151 -29.89 -23.12 12.64
C VAL A 151 -29.95 -21.59 12.59
N GLY A 152 -31.16 -21.04 12.56
CA GLY A 152 -31.34 -19.59 12.61
C GLY A 152 -32.67 -19.18 13.22
N THR A 153 -32.82 -17.88 13.46
CA THR A 153 -34.08 -17.31 13.92
C THR A 153 -35.24 -17.73 13.02
N ASP A 154 -36.36 -18.09 13.63
CA ASP A 154 -37.58 -18.36 12.89
C ASP A 154 -38.16 -17.03 12.46
N ASP A 155 -38.39 -16.88 11.16
CA ASP A 155 -38.91 -15.63 10.62
C ASP A 155 -40.29 -15.33 11.16
N LYS A 156 -41.10 -16.37 11.32
CA LYS A 156 -42.46 -16.21 11.82
C LYS A 156 -42.59 -16.38 13.32
N ASN A 157 -41.48 -16.65 13.99
CA ASN A 157 -41.40 -16.69 15.46
C ASN A 157 -40.00 -16.26 15.96
N SER A 158 -39.82 -14.97 16.17
CA SER A 158 -38.50 -14.36 16.34
C SER A 158 -37.87 -14.58 17.72
N VAL A 159 -38.58 -15.24 18.62
CA VAL A 159 -37.96 -15.56 19.91
C VAL A 159 -37.27 -16.91 19.81
N ASN A 160 -37.56 -17.65 18.74
CA ASN A 160 -37.05 -19.02 18.56
C ASN A 160 -36.13 -19.24 17.36
N HIS A 161 -35.43 -20.37 17.40
CA HIS A 161 -34.64 -20.86 16.28
C HIS A 161 -35.32 -22.04 15.62
N VAL A 162 -34.99 -22.26 14.36
CA VAL A 162 -35.42 -23.43 13.62
C VAL A 162 -34.29 -23.79 12.66
N ILE A 163 -34.37 -25.00 12.11
CA ILE A 163 -33.45 -25.46 11.10
C ILE A 163 -33.85 -24.88 9.73
N HIS A 164 -32.89 -24.52 8.92
CA HIS A 164 -33.18 -24.01 7.60
C HIS A 164 -32.54 -24.88 6.56
N ILE A 165 -33.22 -25.04 5.42
CA ILE A 165 -32.64 -25.64 4.23
C ILE A 165 -32.70 -24.64 3.08
N ASP A 166 -31.53 -24.30 2.56
CA ASP A 166 -31.41 -23.36 1.46
C ASP A 166 -30.38 -23.83 0.44
N GLN A 167 -30.34 -23.18 -0.71
CA GLN A 167 -29.30 -23.41 -1.72
C GLN A 167 -27.89 -22.97 -1.23
N PRO A 168 -26.84 -23.71 -1.64
CA PRO A 168 -25.50 -23.41 -1.16
C PRO A 168 -24.90 -22.23 -1.93
N ARG A 169 -23.76 -21.73 -1.51
CA ARG A 169 -23.07 -20.72 -2.30
C ARG A 169 -22.10 -21.45 -3.23
N LEU A 170 -21.60 -20.70 -4.20
CA LEU A 170 -20.79 -21.20 -5.30
C LEU A 170 -19.35 -20.73 -5.12
N GLY A 171 -18.39 -21.44 -5.69
CA GLY A 171 -17.00 -21.06 -5.61
C GLY A 171 -16.77 -19.72 -6.27
N LEU A 172 -17.41 -19.51 -7.42
CA LEU A 172 -17.36 -18.18 -8.08
C LEU A 172 -18.38 -17.24 -7.42
N PRO A 173 -18.25 -15.90 -7.65
CA PRO A 173 -19.03 -14.88 -6.93
C PRO A 173 -20.54 -14.98 -7.09
N SER A 174 -21.03 -15.21 -8.31
CA SER A 174 -22.48 -15.42 -8.54
C SER A 174 -22.77 -16.51 -9.60
N ARG A 175 -24.05 -16.84 -9.79
CA ARG A 175 -24.43 -17.84 -10.83
C ARG A 175 -24.13 -17.36 -12.24
N ASP A 176 -24.23 -16.05 -12.46
CA ASP A 176 -23.86 -15.42 -13.72
C ASP A 176 -22.46 -15.80 -14.23
N TYR A 177 -21.52 -16.04 -13.32
CA TYR A 177 -20.15 -16.31 -13.72
C TYR A 177 -20.06 -17.62 -14.49
N TYR A 178 -21.01 -18.52 -14.23
CA TYR A 178 -20.96 -19.84 -14.77
C TYR A 178 -21.32 -19.95 -16.26
N GLU A 179 -21.81 -18.88 -16.88
CA GLU A 179 -21.96 -18.88 -18.34
C GLU A 179 -20.61 -18.95 -19.01
N CYS A 180 -19.57 -18.50 -18.31
CA CYS A 180 -18.17 -18.60 -18.77
C CYS A 180 -17.82 -18.01 -20.14
N THR A 181 -18.55 -16.99 -20.56
CA THR A 181 -18.28 -16.32 -21.83
C THR A 181 -18.08 -14.86 -21.56
N GLY A 182 -17.35 -14.17 -22.43
CA GLY A 182 -17.22 -12.71 -22.35
C GLY A 182 -16.49 -12.18 -21.12
N ILE A 183 -17.19 -11.42 -20.29
CA ILE A 183 -16.59 -10.84 -19.08
C ILE A 183 -16.27 -11.88 -17.99
N TYR A 184 -16.95 -13.03 -18.01
CA TYR A 184 -16.73 -14.10 -17.02
C TYR A 184 -15.69 -15.15 -17.43
N LYS A 185 -15.12 -15.04 -18.62
CA LYS A 185 -14.29 -16.11 -19.15
C LYS A 185 -13.01 -16.30 -18.36
N GLU A 186 -12.31 -15.20 -18.09
CA GLU A 186 -11.06 -15.29 -17.37
C GLU A 186 -11.25 -15.88 -15.97
N ALA A 187 -12.33 -15.49 -15.29
CA ALA A 187 -12.64 -16.03 -13.99
C ALA A 187 -12.82 -17.55 -14.05
N CYS A 188 -13.55 -18.06 -15.05
CA CYS A 188 -13.75 -19.51 -15.22
C CYS A 188 -12.42 -20.23 -15.46
N THR A 189 -11.57 -19.64 -16.31
CA THR A 189 -10.23 -20.17 -16.59
C THR A 189 -9.40 -20.18 -15.31
N ALA A 190 -9.29 -19.04 -14.64
CA ALA A 190 -8.57 -18.94 -13.36
C ALA A 190 -9.11 -19.93 -12.32
N TYR A 191 -10.42 -20.10 -12.27
CA TYR A 191 -11.07 -20.97 -11.29
C TYR A 191 -10.62 -22.41 -11.46
N VAL A 192 -10.64 -22.88 -12.71
CA VAL A 192 -10.21 -24.24 -13.02
C VAL A 192 -8.71 -24.42 -12.87
N ASP A 193 -7.93 -23.39 -13.24
CA ASP A 193 -6.50 -23.45 -13.08
C ASP A 193 -6.10 -23.47 -11.62
N PHE A 194 -6.88 -22.75 -10.82
CA PHE A 194 -6.69 -22.68 -9.39
C PHE A 194 -6.85 -24.09 -8.83
N MET A 195 -7.96 -24.77 -9.15
CA MET A 195 -8.15 -26.16 -8.70
C MET A 195 -6.99 -27.01 -9.17
N ILE A 196 -6.71 -27.00 -10.47
CA ILE A 196 -5.59 -27.78 -11.00
C ILE A 196 -4.33 -27.57 -10.15
N SER A 197 -3.97 -26.30 -9.93
CA SER A 197 -2.72 -25.93 -9.26
C SER A 197 -2.60 -26.45 -7.85
N VAL A 198 -3.72 -26.47 -7.13
CA VAL A 198 -3.73 -26.90 -5.75
C VAL A 198 -3.61 -28.41 -5.71
N ALA A 199 -4.37 -29.11 -6.56
CA ALA A 199 -4.23 -30.56 -6.66
C ALA A 199 -2.83 -30.96 -7.08
N ARG A 200 -2.21 -30.19 -7.97
CA ARG A 200 -0.82 -30.46 -8.34
C ARG A 200 0.14 -30.25 -7.17
N LEU A 201 -0.10 -29.23 -6.33
CA LEU A 201 0.77 -28.97 -5.18
C LEU A 201 0.68 -30.04 -4.10
N ILE A 202 -0.53 -30.58 -3.90
CA ILE A 202 -0.78 -31.58 -2.89
C ILE A 202 -0.22 -32.90 -3.38
N ARG A 203 -0.26 -33.12 -4.69
CA ARG A 203 0.29 -34.36 -5.24
C ARG A 203 1.81 -34.37 -5.14
N GLN A 204 2.42 -33.22 -5.41
CA GLN A 204 3.86 -33.08 -5.26
C GLN A 204 4.28 -33.36 -3.82
N GLU A 205 3.52 -32.84 -2.86
CA GLU A 205 3.88 -32.96 -1.45
C GLU A 205 3.79 -34.41 -0.93
N GLU A 206 2.64 -35.07 -1.16
CA GLU A 206 2.40 -36.48 -0.78
C GLU A 206 3.32 -37.47 -1.56
N ARG A 207 4.12 -36.94 -2.47
CA ARG A 207 5.05 -37.71 -3.32
C ARG A 207 4.37 -38.63 -4.35
N LEU A 208 3.19 -38.24 -4.81
CA LEU A 208 2.41 -39.02 -5.78
C LEU A 208 2.63 -38.57 -7.23
N PRO A 209 2.46 -39.49 -8.20
CA PRO A 209 2.70 -39.17 -9.62
C PRO A 209 1.72 -38.10 -10.12
N ILE A 210 2.11 -37.37 -11.18
CA ILE A 210 1.29 -36.30 -11.73
C ILE A 210 1.05 -36.44 -13.26
N ASP A 211 -0.15 -36.91 -13.59
CA ASP A 211 -0.64 -36.99 -14.98
C ASP A 211 -1.47 -35.71 -15.23
N GLU A 212 -0.89 -34.76 -15.97
CA GLU A 212 -1.50 -33.43 -16.14
C GLU A 212 -2.88 -33.47 -16.78
N ASN A 213 -3.02 -34.37 -17.75
CA ASN A 213 -4.27 -34.57 -18.45
C ASN A 213 -5.36 -35.11 -17.56
N GLN A 214 -4.96 -35.93 -16.59
CA GLN A 214 -5.88 -36.39 -15.57
C GLN A 214 -6.37 -35.22 -14.69
N LEU A 215 -5.48 -34.29 -14.37
CA LEU A 215 -5.87 -33.14 -13.53
C LEU A 215 -6.91 -32.33 -14.26
N ALA A 216 -6.62 -32.02 -15.52
CA ALA A 216 -7.49 -31.20 -16.37
C ALA A 216 -8.87 -31.81 -16.49
N LEU A 217 -8.92 -33.10 -16.78
CA LEU A 217 -10.16 -33.79 -16.98
C LEU A 217 -10.98 -33.81 -15.69
N GLU A 218 -10.33 -34.13 -14.58
CA GLU A 218 -11.02 -34.29 -13.31
C GLU A 218 -11.54 -32.95 -12.78
N MET A 219 -10.74 -31.90 -12.97
CA MET A 219 -11.14 -30.59 -12.48
C MET A 219 -12.23 -29.95 -13.32
N ASN A 220 -12.12 -30.10 -14.64
CA ASN A 220 -13.20 -29.64 -15.55
C ASN A 220 -14.55 -30.34 -15.33
N LYS A 221 -14.47 -31.60 -14.94
CA LYS A 221 -15.61 -32.30 -14.38
C LYS A 221 -16.17 -31.52 -13.17
N VAL A 222 -15.29 -31.09 -12.28
CA VAL A 222 -15.72 -30.33 -11.10
C VAL A 222 -16.50 -29.08 -11.52
N MET A 223 -15.91 -28.30 -12.42
CA MET A 223 -16.57 -27.14 -13.03
C MET A 223 -17.90 -27.48 -13.71
N GLU A 224 -17.95 -28.59 -14.45
CA GLU A 224 -19.19 -28.96 -15.10
C GLU A 224 -20.27 -29.28 -14.08
N LEU A 225 -19.88 -29.95 -13.01
CA LEU A 225 -20.80 -30.22 -11.91
C LEU A 225 -21.30 -28.91 -11.29
N GLU A 226 -20.38 -27.99 -10.99
CA GLU A 226 -20.76 -26.75 -10.31
C GLU A 226 -21.53 -25.80 -11.22
N LYS A 227 -21.26 -25.87 -12.53
CA LYS A 227 -22.09 -25.17 -13.52
C LYS A 227 -23.53 -25.62 -13.45
N GLU A 228 -23.77 -26.92 -13.25
CA GLU A 228 -25.15 -27.44 -13.13
C GLU A 228 -25.81 -27.07 -11.82
N ILE A 229 -25.04 -27.01 -10.75
CA ILE A 229 -25.58 -26.54 -9.48
C ILE A 229 -25.94 -25.06 -9.58
N ALA A 230 -25.03 -24.27 -10.14
CA ALA A 230 -25.28 -22.84 -10.37
C ALA A 230 -26.59 -22.62 -11.10
N ASN A 231 -26.79 -23.37 -12.19
CA ASN A 231 -28.04 -23.27 -13.00
C ASN A 231 -29.31 -23.62 -12.21
N ALA A 232 -29.18 -24.55 -11.28
CA ALA A 232 -30.31 -24.98 -10.46
C ALA A 232 -30.72 -23.98 -9.36
N THR A 233 -29.80 -23.10 -8.95
CA THR A 233 -30.07 -22.18 -7.85
C THR A 233 -30.97 -21.04 -8.32
N ALA A 234 -31.80 -20.54 -7.42
CA ALA A 234 -32.68 -19.38 -7.69
C ALA A 234 -31.93 -18.04 -7.79
N LYS A 235 -32.28 -17.24 -8.79
CA LYS A 235 -31.76 -15.88 -8.95
C LYS A 235 -32.15 -15.03 -7.74
N PRO A 236 -31.27 -14.08 -7.36
CA PRO A 236 -31.58 -13.19 -6.23
C PRO A 236 -32.94 -12.46 -6.34
N GLU A 237 -33.32 -12.06 -7.55
CA GLU A 237 -34.66 -11.49 -7.84
C GLU A 237 -35.84 -12.39 -7.51
N ASP A 238 -35.61 -13.70 -7.40
CA ASP A 238 -36.69 -14.65 -7.09
C ASP A 238 -36.57 -15.12 -5.65
N ARG A 239 -35.87 -14.34 -4.84
CA ARG A 239 -35.59 -14.66 -3.44
C ARG A 239 -35.84 -13.47 -2.52
N ASN A 240 -36.29 -12.36 -3.09
CA ASN A 240 -36.41 -11.12 -2.34
C ASN A 240 -37.82 -10.85 -1.80
N ASP A 241 -38.74 -11.80 -1.98
CA ASP A 241 -40.01 -11.73 -1.27
C ASP A 241 -39.90 -12.65 -0.07
N PRO A 242 -39.74 -12.07 1.12
CA PRO A 242 -39.53 -12.93 2.30
C PRO A 242 -40.72 -13.84 2.59
N MET A 243 -41.92 -13.45 2.15
CA MET A 243 -43.15 -14.25 2.33
C MET A 243 -43.12 -15.51 1.49
N LEU A 244 -42.69 -15.36 0.23
CA LEU A 244 -42.68 -16.49 -0.70
C LEU A 244 -41.47 -17.41 -0.53
N LEU A 245 -40.51 -16.98 0.29
CA LEU A 245 -39.29 -17.74 0.51
C LEU A 245 -39.47 -18.71 1.67
N TYR A 246 -40.23 -18.26 2.66
CA TYR A 246 -40.49 -19.04 3.87
C TYR A 246 -41.50 -20.16 3.59
N ASN A 247 -41.07 -21.40 3.80
CA ASN A 247 -41.90 -22.57 3.60
C ASN A 247 -41.66 -23.55 4.74
N LYS A 248 -42.43 -23.41 5.82
CA LYS A 248 -42.27 -24.30 6.97
C LYS A 248 -42.82 -25.70 6.70
N MET A 249 -42.00 -26.68 7.01
CA MET A 249 -42.29 -28.08 6.74
C MET A 249 -41.80 -28.98 7.87
N THR A 250 -42.01 -30.28 7.68
CA THR A 250 -41.45 -31.28 8.58
C THR A 250 -40.50 -32.12 7.76
N LEU A 251 -39.50 -32.71 8.42
CA LEU A 251 -38.60 -33.65 7.77
C LEU A 251 -39.40 -34.80 7.14
N ALA A 252 -40.54 -35.10 7.75
CA ALA A 252 -41.53 -36.02 7.18
C ALA A 252 -41.92 -35.55 5.79
N GLN A 253 -42.60 -34.41 5.75
CA GLN A 253 -43.04 -33.79 4.51
C GLN A 253 -41.91 -33.65 3.49
N ILE A 254 -40.73 -33.27 3.97
CA ILE A 254 -39.55 -33.03 3.11
C ILE A 254 -39.11 -34.28 2.37
N GLN A 255 -39.18 -35.42 3.06
CA GLN A 255 -38.81 -36.70 2.47
C GLN A 255 -39.68 -37.08 1.25
N ASN A 256 -40.96 -36.69 1.26
CA ASN A 256 -41.87 -36.95 0.14
C ASN A 256 -41.57 -36.01 -1.01
N ASN A 257 -41.91 -34.74 -0.79
CA ASN A 257 -41.85 -33.69 -1.79
C ASN A 257 -40.45 -33.39 -2.32
N PHE A 258 -39.41 -33.78 -1.57
CA PHE A 258 -38.02 -33.48 -1.97
C PHE A 258 -37.06 -34.62 -1.72
N SER A 259 -37.28 -35.69 -2.48
CA SER A 259 -36.41 -36.84 -2.43
C SER A 259 -35.20 -36.62 -3.33
N LEU A 260 -34.11 -37.28 -3.01
CA LEU A 260 -32.91 -37.23 -3.82
C LEU A 260 -32.35 -38.64 -3.96
N GLU A 261 -31.54 -38.86 -4.99
CA GLU A 261 -30.80 -40.10 -5.14
C GLU A 261 -29.38 -39.80 -5.55
N ILE A 262 -28.46 -40.10 -4.65
CA ILE A 262 -27.06 -39.70 -4.79
C ILE A 262 -26.20 -40.95 -4.75
N ASN A 263 -25.44 -41.16 -5.83
CA ASN A 263 -24.65 -42.38 -5.99
C ASN A 263 -25.57 -43.61 -5.96
N GLY A 264 -26.81 -43.43 -6.43
CA GLY A 264 -27.90 -44.39 -6.27
C GLY A 264 -28.17 -44.81 -4.83
N LYS A 265 -28.40 -43.85 -3.93
CA LYS A 265 -28.40 -44.17 -2.50
C LYS A 265 -29.71 -44.78 -1.95
N PRO A 266 -30.83 -44.01 -1.86
CA PRO A 266 -31.13 -42.59 -1.99
C PRO A 266 -31.06 -41.84 -0.65
N PHE A 267 -31.20 -40.52 -0.71
CA PHE A 267 -30.88 -39.61 0.38
C PHE A 267 -31.86 -39.63 1.57
N SER A 268 -31.33 -39.57 2.79
CA SER A 268 -32.17 -39.52 3.99
C SER A 268 -32.02 -38.22 4.77
N TRP A 269 -32.98 -37.31 4.58
CA TRP A 269 -32.99 -36.04 5.28
C TRP A 269 -32.81 -36.22 6.77
N LEU A 270 -33.43 -37.27 7.32
CA LEU A 270 -33.42 -37.51 8.77
C LEU A 270 -32.02 -37.92 9.28
N ASN A 271 -31.35 -38.82 8.56
CA ASN A 271 -29.97 -39.21 8.80
C ASN A 271 -29.07 -37.97 8.74
N PHE A 272 -29.24 -37.22 7.66
CA PHE A 272 -28.48 -36.00 7.41
C PHE A 272 -28.61 -34.99 8.55
N THR A 273 -29.83 -34.73 9.01
CA THR A 273 -30.04 -33.78 10.11
C THR A 273 -29.42 -34.24 11.43
N ASN A 274 -29.49 -35.53 11.71
CA ASN A 274 -28.94 -36.05 12.95
C ASN A 274 -27.42 -36.12 12.92
N GLU A 275 -26.84 -36.40 11.75
CA GLU A 275 -25.39 -36.31 11.55
C GLU A 275 -24.90 -34.93 11.96
N ILE A 276 -25.54 -33.89 11.44
CA ILE A 276 -25.20 -32.53 11.81
C ILE A 276 -25.59 -32.25 13.26
N MET A 277 -26.85 -32.49 13.63
CA MET A 277 -27.35 -32.06 14.93
C MET A 277 -26.78 -32.82 16.11
N SER A 278 -26.34 -34.06 15.88
CA SER A 278 -25.75 -34.87 16.95
C SER A 278 -24.44 -34.28 17.44
N THR A 279 -23.75 -33.54 16.57
CA THR A 279 -22.54 -32.80 16.90
C THR A 279 -22.67 -32.00 18.20
N VAL A 280 -23.91 -31.77 18.65
CA VAL A 280 -24.14 -31.09 19.91
C VAL A 280 -25.24 -31.73 20.79
N ASN A 281 -25.35 -33.06 20.74
CA ASN A 281 -26.25 -33.82 21.64
C ASN A 281 -27.71 -33.42 21.56
N ILE A 282 -28.22 -33.27 20.33
CA ILE A 282 -29.63 -33.02 20.08
C ILE A 282 -30.03 -33.99 18.97
N SER A 283 -31.06 -34.81 19.21
CA SER A 283 -31.54 -35.70 18.16
C SER A 283 -32.91 -35.29 17.64
N ILE A 284 -33.19 -35.74 16.42
CA ILE A 284 -34.27 -35.19 15.62
C ILE A 284 -35.14 -36.29 15.05
N THR A 285 -36.45 -36.05 15.03
CA THR A 285 -37.43 -36.94 14.43
C THR A 285 -38.23 -36.18 13.37
N ASN A 286 -39.02 -36.91 12.58
CA ASN A 286 -39.85 -36.30 11.54
C ASN A 286 -40.83 -35.26 12.05
N GLU A 287 -41.03 -35.24 13.37
CA GLU A 287 -41.79 -34.22 14.05
C GLU A 287 -41.26 -32.82 13.70
N GLU A 288 -39.93 -32.70 13.71
CA GLU A 288 -39.21 -31.43 13.65
C GLU A 288 -39.70 -30.51 12.56
N ASP A 289 -39.95 -29.26 12.95
CA ASP A 289 -40.31 -28.22 11.99
C ASP A 289 -39.06 -27.71 11.25
N VAL A 290 -39.16 -27.58 9.91
CA VAL A 290 -38.04 -27.14 9.05
C VAL A 290 -38.47 -26.10 8.00
N VAL A 291 -37.81 -24.94 7.99
CA VAL A 291 -38.07 -23.87 7.02
C VAL A 291 -37.25 -24.10 5.74
N VAL A 292 -37.92 -24.14 4.60
CA VAL A 292 -37.26 -24.48 3.35
C VAL A 292 -37.21 -23.26 2.42
N TYR A 293 -36.03 -22.68 2.23
CA TYR A 293 -35.90 -21.49 1.38
C TYR A 293 -35.72 -21.78 -0.12
N ALA A 294 -35.30 -23.01 -0.46
CA ALA A 294 -35.07 -23.34 -1.85
C ALA A 294 -35.73 -24.65 -2.33
N PRO A 295 -37.08 -24.72 -2.24
CA PRO A 295 -37.84 -25.87 -2.72
C PRO A 295 -37.62 -26.19 -4.21
N GLU A 296 -37.72 -25.17 -5.07
CA GLU A 296 -37.45 -25.36 -6.51
C GLU A 296 -36.05 -25.91 -6.78
N TYR A 297 -35.06 -25.41 -6.03
CA TYR A 297 -33.66 -25.86 -6.16
C TYR A 297 -33.45 -27.33 -5.83
N LEU A 298 -34.04 -27.78 -4.72
CA LEU A 298 -33.98 -29.18 -4.29
C LEU A 298 -34.58 -30.10 -5.35
N THR A 299 -35.70 -29.65 -5.91
CA THR A 299 -36.33 -30.33 -7.03
C THR A 299 -35.40 -30.41 -8.23
N LYS A 300 -34.79 -29.29 -8.59
CA LYS A 300 -33.91 -29.22 -9.75
C LYS A 300 -32.64 -30.06 -9.59
N LEU A 301 -32.37 -30.48 -8.35
CA LEU A 301 -31.12 -31.14 -7.97
C LEU A 301 -31.19 -32.66 -8.18
N LYS A 302 -32.38 -33.19 -7.96
CA LYS A 302 -32.74 -34.60 -8.15
C LYS A 302 -32.24 -35.18 -9.49
N PRO A 303 -32.61 -34.56 -10.63
CA PRO A 303 -32.11 -35.06 -11.93
C PRO A 303 -30.62 -34.86 -12.18
N ILE A 304 -29.97 -34.03 -11.36
CA ILE A 304 -28.53 -33.72 -11.51
C ILE A 304 -27.70 -34.66 -10.65
N LEU A 305 -28.12 -34.85 -9.41
CA LEU A 305 -27.35 -35.63 -8.43
C LEU A 305 -27.38 -37.14 -8.70
N THR A 306 -28.28 -37.58 -9.57
CA THR A 306 -28.28 -38.99 -9.99
C THR A 306 -27.18 -39.23 -11.02
N LYS A 307 -26.67 -38.17 -11.65
CA LYS A 307 -25.71 -38.31 -12.75
C LYS A 307 -24.25 -38.41 -12.32
N TYR A 308 -23.97 -38.22 -11.03
CA TYR A 308 -22.58 -38.13 -10.59
C TYR A 308 -22.23 -39.13 -9.50
N SER A 309 -20.98 -39.60 -9.57
CA SER A 309 -20.42 -40.56 -8.60
C SER A 309 -19.95 -39.87 -7.30
N ALA A 310 -19.73 -40.68 -6.26
CA ALA A 310 -19.27 -40.19 -4.98
C ALA A 310 -17.93 -39.49 -5.14
N ARG A 311 -17.09 -40.01 -6.03
CA ARG A 311 -15.80 -39.42 -6.32
C ARG A 311 -15.95 -38.06 -7.01
N ASP A 312 -16.92 -37.98 -7.92
CA ASP A 312 -17.18 -36.72 -8.58
C ASP A 312 -17.64 -35.65 -7.58
N LEU A 313 -18.54 -36.02 -6.68
CA LEU A 313 -19.05 -35.07 -5.71
C LEU A 313 -17.99 -34.68 -4.70
N GLN A 314 -17.23 -35.65 -4.20
CA GLN A 314 -16.29 -35.38 -3.13
C GLN A 314 -15.21 -34.46 -3.64
N ASN A 315 -14.89 -34.57 -4.93
CA ASN A 315 -13.98 -33.64 -5.61
C ASN A 315 -14.38 -32.16 -5.49
N LEU A 316 -15.68 -31.90 -5.60
CA LEU A 316 -16.19 -30.55 -5.49
C LEU A 316 -16.26 -30.11 -4.04
N MET A 317 -16.82 -30.98 -3.21
CA MET A 317 -17.08 -30.66 -1.81
C MET A 317 -15.78 -30.32 -1.10
N SER A 318 -14.74 -31.10 -1.40
CA SER A 318 -13.44 -30.88 -0.83
C SER A 318 -12.86 -29.60 -1.36
N TRP A 319 -12.90 -29.43 -2.68
CA TRP A 319 -12.35 -28.22 -3.27
C TRP A 319 -12.92 -26.96 -2.61
N ARG A 320 -14.23 -26.96 -2.36
CA ARG A 320 -14.88 -25.77 -1.80
C ARG A 320 -14.34 -25.39 -0.41
N PHE A 321 -13.86 -26.37 0.35
CA PHE A 321 -13.22 -26.16 1.65
C PHE A 321 -11.77 -25.76 1.42
N ILE A 322 -11.03 -26.63 0.75
CA ILE A 322 -9.64 -26.41 0.42
C ILE A 322 -9.38 -25.00 -0.11
N MET A 323 -10.23 -24.59 -1.04
CA MET A 323 -10.31 -23.23 -1.57
C MET A 323 -10.14 -22.14 -0.52
N ASP A 324 -10.86 -22.29 0.59
CA ASP A 324 -10.81 -21.37 1.71
C ASP A 324 -9.53 -21.44 2.52
N LEU A 325 -8.89 -22.59 2.53
CA LEU A 325 -7.82 -22.88 3.47
C LEU A 325 -6.45 -22.58 2.90
N VAL A 326 -6.39 -22.39 1.60
CA VAL A 326 -5.12 -22.28 0.90
C VAL A 326 -4.28 -21.02 1.23
N SER A 327 -4.94 -19.95 1.65
CA SER A 327 -4.24 -18.73 2.02
C SER A 327 -3.66 -18.84 3.44
N SER A 328 -4.22 -19.74 4.24
CA SER A 328 -3.73 -20.09 5.56
C SER A 328 -2.52 -21.05 5.55
N LEU A 329 -2.06 -21.51 4.38
CA LEU A 329 -0.88 -22.40 4.32
C LEU A 329 0.37 -21.63 3.83
N SER A 330 1.44 -22.36 3.47
CA SER A 330 2.69 -21.74 3.01
C SER A 330 2.57 -20.85 1.78
N ARG A 331 3.60 -20.02 1.61
CA ARG A 331 3.79 -19.11 0.48
C ARG A 331 3.48 -19.77 -0.87
N THR A 332 3.87 -21.04 -0.99
CA THR A 332 3.66 -21.82 -2.22
C THR A 332 2.18 -22.01 -2.52
N TYR A 333 1.43 -22.42 -1.50
CA TYR A 333 0.00 -22.54 -1.60
C TYR A 333 -0.67 -21.19 -1.78
N LYS A 334 -0.11 -20.14 -1.17
CA LYS A 334 -0.68 -18.79 -1.28
C LYS A 334 -0.71 -18.29 -2.71
N GLU A 335 0.43 -18.44 -3.41
CA GLU A 335 0.60 -18.07 -4.83
C GLU A 335 -0.43 -18.73 -5.77
N SER A 336 -0.82 -19.97 -5.47
CA SER A 336 -1.74 -20.71 -6.33
C SER A 336 -3.05 -19.96 -6.60
N ARG A 337 -3.37 -19.00 -5.73
CA ARG A 337 -4.61 -18.26 -5.80
C ARG A 337 -4.51 -16.98 -6.62
N ASN A 338 -3.29 -16.64 -7.06
CA ASN A 338 -3.02 -15.33 -7.67
C ASN A 338 -3.95 -14.91 -8.78
N ALA A 339 -4.00 -15.71 -9.82
CA ALA A 339 -4.85 -15.42 -10.96
C ALA A 339 -6.31 -15.38 -10.56
N PHE A 340 -6.70 -16.30 -9.68
CA PHE A 340 -8.08 -16.34 -9.18
C PHE A 340 -8.49 -15.04 -8.46
N ARG A 341 -7.62 -14.56 -7.57
CA ARG A 341 -7.83 -13.29 -6.91
C ARG A 341 -7.89 -12.13 -7.89
N LYS A 342 -6.98 -12.12 -8.86
CA LYS A 342 -6.93 -11.09 -9.87
C LYS A 342 -8.20 -11.05 -10.72
N ALA A 343 -8.71 -12.23 -11.11
CA ALA A 343 -9.91 -12.29 -11.96
C ALA A 343 -11.19 -11.86 -11.23
N LEU A 344 -11.26 -12.10 -9.92
CA LEU A 344 -12.45 -11.71 -9.15
C LEU A 344 -12.43 -10.29 -8.55
N TYR A 345 -11.25 -9.73 -8.35
CA TYR A 345 -11.04 -8.55 -7.51
C TYR A 345 -10.14 -7.54 -8.20
N GLY A 346 -9.39 -7.97 -9.20
CA GLY A 346 -8.47 -7.10 -9.89
C GLY A 346 -7.19 -6.80 -9.14
N THR A 347 -6.97 -7.49 -8.02
CA THR A 347 -5.79 -7.20 -7.21
C THR A 347 -4.59 -8.03 -7.62
N THR A 348 -3.45 -7.35 -7.74
CA THR A 348 -2.21 -7.97 -8.17
C THR A 348 -1.41 -8.50 -7.00
N SER A 349 -1.91 -8.31 -5.79
CA SER A 349 -1.22 -8.77 -4.62
C SER A 349 -2.23 -8.94 -3.50
N GLU A 350 -1.93 -9.78 -2.49
CA GLU A 350 -2.79 -9.85 -1.31
C GLU A 350 -2.48 -8.72 -0.35
N THR A 351 -3.50 -8.30 0.39
CA THR A 351 -3.33 -7.24 1.37
C THR A 351 -2.37 -7.68 2.50
N ALA A 352 -1.76 -6.71 3.19
CA ALA A 352 -0.78 -7.01 4.22
C ALA A 352 -1.24 -8.10 5.20
N THR A 353 -0.33 -9.01 5.58
CA THR A 353 -0.62 -10.04 6.56
C THR A 353 -1.19 -9.47 7.85
N TRP A 354 -0.50 -8.53 8.46
CA TRP A 354 -1.01 -7.91 9.66
C TRP A 354 -2.49 -7.42 9.49
N ARG A 355 -2.83 -6.89 8.30
CA ARG A 355 -4.21 -6.50 8.03
C ARG A 355 -5.17 -7.70 8.00
N ARG A 356 -4.81 -8.78 7.32
CA ARG A 356 -5.73 -9.90 7.28
C ARG A 356 -5.87 -10.48 8.68
N CYS A 357 -4.76 -10.54 9.42
CA CYS A 357 -4.76 -11.03 10.81
C CYS A 357 -5.63 -10.18 11.73
N ALA A 358 -5.46 -8.87 11.66
CA ALA A 358 -6.32 -8.00 12.45
C ALA A 358 -7.79 -8.27 12.15
N ASN A 359 -8.12 -8.42 10.87
CA ASN A 359 -9.52 -8.67 10.51
C ASN A 359 -10.00 -10.03 10.97
N TYR A 360 -9.10 -11.02 10.89
CA TYR A 360 -9.43 -12.35 11.29
C TYR A 360 -9.76 -12.38 12.78
N VAL A 361 -8.88 -11.82 13.62
CA VAL A 361 -9.13 -11.97 15.05
C VAL A 361 -10.33 -11.12 15.50
N ASN A 362 -10.53 -9.97 14.83
CA ASN A 362 -11.70 -9.13 15.04
C ASN A 362 -12.98 -9.91 14.80
N GLY A 363 -12.99 -10.64 13.70
CA GLY A 363 -14.16 -11.37 13.28
C GLY A 363 -14.45 -12.57 14.15
N ASN A 364 -13.43 -13.17 14.75
CA ASN A 364 -13.65 -14.33 15.63
C ASN A 364 -13.75 -13.98 17.10
N MET A 365 -13.24 -12.81 17.49
CA MET A 365 -13.27 -12.37 18.89
C MET A 365 -13.79 -10.94 18.98
N GLU A 366 -15.02 -10.73 18.54
CA GLU A 366 -15.52 -9.38 18.33
C GLU A 366 -15.66 -8.55 19.60
N ASN A 367 -16.00 -9.20 20.70
CA ASN A 367 -16.12 -8.51 21.98
C ASN A 367 -14.77 -8.11 22.58
N ALA A 368 -13.80 -9.01 22.52
CA ALA A 368 -12.47 -8.74 22.99
C ALA A 368 -11.84 -7.64 22.14
N VAL A 369 -11.91 -7.77 20.82
CA VAL A 369 -11.27 -6.80 19.95
C VAL A 369 -12.01 -5.46 19.97
N GLY A 370 -13.34 -5.50 19.96
CA GLY A 370 -14.17 -4.30 20.22
C GLY A 370 -13.80 -3.54 21.49
N ARG A 371 -13.57 -4.28 22.59
CA ARG A 371 -13.07 -3.68 23.84
C ARG A 371 -11.74 -2.96 23.64
N LEU A 372 -10.80 -3.63 22.99
CA LEU A 372 -9.50 -3.03 22.75
C LEU A 372 -9.65 -1.76 21.90
N TYR A 373 -10.40 -1.90 20.81
CA TYR A 373 -10.70 -0.78 19.92
C TYR A 373 -11.30 0.45 20.66
N VAL A 374 -12.46 0.28 21.33
CA VAL A 374 -13.16 1.45 21.91
C VAL A 374 -12.35 2.16 22.96
N GLU A 375 -11.58 1.41 23.72
CA GLU A 375 -10.67 2.00 24.69
C GLU A 375 -9.60 2.84 24.00
N ALA A 376 -9.27 2.47 22.76
CA ALA A 376 -8.20 3.13 22.02
C ALA A 376 -8.67 4.29 21.15
N ALA A 377 -9.90 4.22 20.66
CA ALA A 377 -10.29 5.12 19.59
C ALA A 377 -11.60 5.87 19.83
N PHE A 378 -12.51 5.28 20.60
CA PHE A 378 -13.89 5.76 20.65
C PHE A 378 -14.18 6.62 21.87
N ALA A 379 -14.74 7.81 21.62
CA ALA A 379 -14.99 8.79 22.68
C ALA A 379 -15.81 8.21 23.83
N GLY A 380 -17.00 7.70 23.54
CA GLY A 380 -17.89 7.24 24.60
C GLY A 380 -18.88 8.33 24.93
N GLU A 381 -18.43 9.59 24.92
CA GLU A 381 -19.32 10.73 25.07
C GLU A 381 -20.22 10.88 23.84
N SER A 382 -19.63 10.58 22.68
CA SER A 382 -20.35 10.59 21.41
C SER A 382 -21.72 9.94 21.55
N LYS A 383 -21.78 8.90 22.39
CA LYS A 383 -22.98 8.06 22.52
C LYS A 383 -24.28 8.85 22.75
N HIS A 384 -24.26 9.83 23.65
CA HIS A 384 -25.47 10.60 23.97
C HIS A 384 -25.92 11.48 22.81
N VAL A 385 -24.94 12.10 22.14
CA VAL A 385 -25.22 12.94 20.97
C VAL A 385 -25.91 12.14 19.85
N VAL A 386 -25.40 10.94 19.59
CA VAL A 386 -25.95 10.04 18.58
C VAL A 386 -27.35 9.54 18.94
N GLU A 387 -27.54 9.18 20.22
CA GLU A 387 -28.85 8.91 20.83
C GLU A 387 -29.90 9.96 20.48
N ASP A 388 -29.52 11.23 20.60
CA ASP A 388 -30.44 12.35 20.33
C ASP A 388 -30.72 12.55 18.84
N LEU A 389 -29.71 12.31 18.01
CA LEU A 389 -29.90 12.28 16.56
C LEU A 389 -30.92 11.22 16.14
N ILE A 390 -30.80 10.02 16.69
CA ILE A 390 -31.76 8.95 16.43
C ILE A 390 -33.21 9.33 16.82
N ALA A 391 -33.38 9.96 17.98
CA ALA A 391 -34.68 10.45 18.40
C ALA A 391 -35.21 11.49 17.40
N GLN A 392 -34.38 12.45 17.00
CA GLN A 392 -34.80 13.44 16.01
C GLN A 392 -35.26 12.81 14.71
N ILE A 393 -34.46 11.87 14.19
CA ILE A 393 -34.73 11.21 12.91
C ILE A 393 -35.86 10.19 13.03
N ARG A 394 -35.91 9.45 14.12
CA ARG A 394 -37.06 8.57 14.37
C ARG A 394 -38.33 9.43 14.32
N GLU A 395 -38.20 10.63 14.87
CA GLU A 395 -39.30 11.53 14.98
C GLU A 395 -39.76 11.86 13.58
N VAL A 396 -38.86 12.46 12.81
CA VAL A 396 -39.16 12.86 11.43
C VAL A 396 -39.86 11.72 10.68
N PHE A 397 -39.32 10.51 10.76
CA PHE A 397 -39.92 9.40 10.04
C PHE A 397 -41.39 9.24 10.36
N ILE A 398 -41.72 9.21 11.65
CA ILE A 398 -43.13 9.17 12.11
C ILE A 398 -43.99 10.29 11.51
N GLN A 399 -43.49 11.53 11.50
CA GLN A 399 -44.22 12.67 10.95
C GLN A 399 -44.49 12.56 9.45
N THR A 400 -43.53 11.98 8.72
CA THR A 400 -43.59 11.83 7.26
C THR A 400 -44.76 10.94 6.89
N LEU A 401 -45.07 9.98 7.76
CA LEU A 401 -46.19 9.07 7.53
C LEU A 401 -47.52 9.78 7.28
N ASP A 402 -47.77 10.87 8.01
CA ASP A 402 -49.03 11.62 7.88
C ASP A 402 -49.18 12.35 6.55
N ASP A 403 -48.06 12.54 5.85
CA ASP A 403 -48.10 13.15 4.53
C ASP A 403 -48.04 12.10 3.43
N LEU A 404 -48.17 10.83 3.80
CA LEU A 404 -48.23 9.79 2.79
C LEU A 404 -49.67 9.64 2.33
N THR A 405 -49.95 10.19 1.15
CA THR A 405 -51.29 10.18 0.60
C THR A 405 -51.65 8.84 -0.02
N TRP A 406 -50.65 7.98 -0.26
CA TRP A 406 -50.86 6.68 -0.90
C TRP A 406 -51.05 5.53 0.11
N MET A 407 -50.94 5.86 1.39
CA MET A 407 -51.09 4.86 2.44
C MET A 407 -52.31 5.18 3.30
N ASP A 408 -53.11 4.16 3.60
CA ASP A 408 -54.33 4.35 4.37
C ASP A 408 -54.05 4.43 5.87
N ALA A 409 -55.08 4.79 6.63
CA ALA A 409 -54.93 5.22 8.02
C ALA A 409 -54.54 4.10 8.96
N GLU A 410 -55.11 2.91 8.75
CA GLU A 410 -54.80 1.76 9.60
C GLU A 410 -53.35 1.31 9.37
N THR A 411 -52.92 1.32 8.11
CA THR A 411 -51.53 0.99 7.77
C THR A 411 -50.57 2.05 8.32
N LYS A 412 -50.95 3.33 8.19
CA LYS A 412 -50.22 4.43 8.82
C LYS A 412 -50.00 4.18 10.31
N LYS A 413 -51.04 3.80 11.02
CA LYS A 413 -50.94 3.60 12.46
C LYS A 413 -50.01 2.45 12.83
N ARG A 414 -50.08 1.37 12.04
CA ARG A 414 -49.28 0.18 12.32
C ARG A 414 -47.79 0.37 11.97
N ALA A 415 -47.54 1.26 11.02
CA ALA A 415 -46.19 1.69 10.68
C ALA A 415 -45.58 2.50 11.82
N GLU A 416 -46.39 3.38 12.40
CA GLU A 416 -45.96 4.15 13.55
C GLU A 416 -45.61 3.29 14.77
N GLU A 417 -46.33 2.19 14.96
CA GLU A 417 -46.07 1.27 16.05
C GLU A 417 -44.68 0.69 15.93
N LYS A 418 -44.34 0.22 14.74
CA LYS A 418 -43.01 -0.36 14.50
C LYS A 418 -41.89 0.66 14.63
N ALA A 419 -42.13 1.87 14.14
CA ALA A 419 -41.20 2.96 14.29
C ALA A 419 -40.91 3.23 15.78
N LEU A 420 -41.95 3.40 16.58
CA LEU A 420 -41.73 3.64 18.01
C LEU A 420 -41.05 2.44 18.65
N ALA A 421 -41.30 1.27 18.08
CA ALA A 421 -40.76 0.01 18.60
C ALA A 421 -39.29 -0.26 18.28
N ILE A 422 -38.71 0.45 17.32
CA ILE A 422 -37.33 0.18 16.90
C ILE A 422 -36.33 0.40 18.03
N LYS A 423 -35.59 -0.65 18.37
CA LYS A 423 -34.56 -0.55 19.41
C LYS A 423 -33.20 -0.17 18.82
N GLU A 424 -32.52 0.80 19.43
CA GLU A 424 -31.21 1.21 18.93
C GLU A 424 -30.03 0.77 19.82
N ARG A 425 -28.86 0.62 19.20
CA ARG A 425 -27.64 0.17 19.85
C ARG A 425 -26.52 1.05 19.37
N ILE A 426 -25.82 1.67 20.30
CA ILE A 426 -24.88 2.73 19.94
C ILE A 426 -23.45 2.54 20.51
N GLY A 427 -22.46 2.64 19.63
CA GLY A 427 -21.06 2.52 20.04
C GLY A 427 -20.61 1.10 20.27
N TYR A 428 -20.95 0.56 21.45
CA TYR A 428 -20.51 -0.75 21.90
C TYR A 428 -21.36 -1.21 23.07
N PRO A 429 -21.44 -2.54 23.31
CA PRO A 429 -22.05 -2.96 24.58
C PRO A 429 -21.09 -2.70 25.77
N ASP A 430 -21.60 -2.16 26.88
CA ASP A 430 -20.76 -1.83 28.04
C ASP A 430 -20.09 -3.02 28.69
N ASP A 431 -20.79 -4.15 28.67
CA ASP A 431 -20.25 -5.43 29.09
C ASP A 431 -18.78 -5.63 28.74
N ILE A 432 -18.45 -5.40 27.48
CA ILE A 432 -17.12 -5.69 26.99
C ILE A 432 -16.07 -4.82 27.68
N VAL A 433 -16.48 -3.66 28.20
CA VAL A 433 -15.56 -2.79 28.93
C VAL A 433 -15.64 -3.03 30.44
N SER A 434 -16.86 -3.07 30.99
CA SER A 434 -17.04 -3.09 32.43
C SER A 434 -17.08 -4.47 33.09
N ASN A 435 -17.27 -5.54 32.31
CA ASN A 435 -17.36 -6.91 32.85
C ASN A 435 -16.32 -7.89 32.28
N ASP A 436 -15.08 -7.75 32.74
CA ASP A 436 -13.97 -8.61 32.35
C ASP A 436 -14.26 -10.11 32.36
N ASN A 437 -14.85 -10.59 33.44
CA ASN A 437 -15.05 -12.03 33.65
C ASN A 437 -16.04 -12.66 32.68
N LYS A 438 -17.12 -11.94 32.39
CA LYS A 438 -18.11 -12.36 31.40
C LYS A 438 -17.46 -12.50 30.00
N LEU A 439 -16.60 -11.55 29.67
CA LEU A 439 -15.85 -11.56 28.42
C LEU A 439 -14.84 -12.72 28.40
N ASN A 440 -14.16 -12.94 29.52
CA ASN A 440 -13.30 -14.12 29.69
C ASN A 440 -14.06 -15.43 29.47
N ASN A 441 -15.28 -15.51 30.00
CA ASN A 441 -16.07 -16.74 29.93
C ASN A 441 -16.47 -17.07 28.49
N GLU A 442 -16.73 -16.03 27.69
CA GLU A 442 -17.17 -16.21 26.32
C GLU A 442 -16.16 -17.05 25.55
N TYR A 443 -14.88 -16.81 25.78
CA TYR A 443 -13.83 -17.47 25.03
C TYR A 443 -13.18 -18.64 25.79
N LEU A 444 -13.86 -19.15 26.81
CA LEU A 444 -13.34 -20.18 27.70
C LEU A 444 -12.81 -21.42 26.95
N GLU A 445 -13.62 -21.99 26.07
CA GLU A 445 -13.21 -23.17 25.29
C GLU A 445 -12.09 -22.99 24.27
N LEU A 446 -11.72 -21.74 23.98
CA LEU A 446 -10.67 -21.48 23.00
C LEU A 446 -9.29 -21.49 23.65
N ASN A 447 -8.41 -22.33 23.09
CA ASN A 447 -7.01 -22.36 23.49
C ASN A 447 -6.11 -22.35 22.27
N TYR A 448 -5.37 -21.27 22.09
CA TYR A 448 -4.55 -21.13 20.91
C TYR A 448 -3.09 -21.38 21.18
N LYS A 449 -2.47 -22.23 20.38
CA LYS A 449 -1.02 -22.36 20.39
C LYS A 449 -0.44 -21.34 19.41
N GLU A 450 0.62 -20.66 19.82
CA GLU A 450 1.12 -19.52 19.08
C GLU A 450 1.82 -19.88 17.78
N ASP A 451 2.19 -21.13 17.66
CA ASP A 451 2.90 -21.56 16.48
C ASP A 451 2.10 -22.55 15.67
N GLU A 452 0.78 -22.49 15.83
CA GLU A 452 -0.15 -23.41 15.21
C GLU A 452 -1.33 -22.64 14.62
N TYR A 453 -1.05 -21.74 13.68
CA TYR A 453 -2.10 -20.88 13.12
C TYR A 453 -3.25 -21.70 12.55
N PHE A 454 -2.91 -22.71 11.76
CA PHE A 454 -3.89 -23.56 11.12
C PHE A 454 -4.78 -24.28 12.14
N GLU A 455 -4.19 -24.88 13.16
CA GLU A 455 -5.00 -25.53 14.19
C GLU A 455 -5.91 -24.53 14.90
N ASN A 456 -5.41 -23.30 15.03
CA ASN A 456 -6.22 -22.24 15.59
C ASN A 456 -7.47 -21.95 14.81
N ILE A 457 -7.36 -21.83 13.47
CA ILE A 457 -8.51 -21.48 12.64
C ILE A 457 -9.47 -22.65 12.46
N ILE A 458 -8.94 -23.85 12.56
CA ILE A 458 -9.77 -25.04 12.54
C ILE A 458 -10.57 -25.10 13.84
N GLN A 459 -9.91 -24.84 14.95
CA GLN A 459 -10.59 -24.76 16.23
C GLN A 459 -11.68 -23.69 16.18
N ASN A 460 -11.39 -22.58 15.49
CA ASN A 460 -12.34 -21.50 15.37
C ASN A 460 -13.56 -21.90 14.57
N LEU A 461 -13.32 -22.60 13.47
CA LEU A 461 -14.38 -23.17 12.67
C LEU A 461 -15.36 -24.03 13.50
N LYS A 462 -14.84 -24.97 14.30
CA LYS A 462 -15.70 -25.87 15.09
C LYS A 462 -16.47 -25.11 16.14
N PHE A 463 -15.78 -24.21 16.83
CA PHE A 463 -16.39 -23.44 17.89
C PHE A 463 -17.57 -22.62 17.39
N SER A 464 -17.42 -21.98 16.23
CA SER A 464 -18.48 -21.15 15.70
C SER A 464 -19.68 -21.98 15.29
N GLN A 465 -19.41 -23.09 14.64
CA GLN A 465 -20.47 -23.92 14.14
C GLN A 465 -21.22 -24.60 15.30
N SER A 466 -20.48 -24.92 16.35
CA SER A 466 -21.04 -25.53 17.54
C SER A 466 -21.98 -24.58 18.26
N LYS A 467 -21.57 -23.31 18.37
CA LYS A 467 -22.36 -22.26 19.02
C LYS A 467 -23.66 -22.10 18.29
N GLN A 468 -23.58 -22.18 16.97
CA GLN A 468 -24.71 -21.92 16.11
C GLN A 468 -25.71 -23.06 16.19
N LEU A 469 -25.22 -24.30 16.10
CA LEU A 469 -26.07 -25.48 16.21
C LEU A 469 -26.76 -25.61 17.56
N LYS A 470 -26.02 -25.37 18.64
CA LYS A 470 -26.57 -25.50 19.99
C LYS A 470 -27.67 -24.48 20.34
N LYS A 471 -27.94 -23.55 19.43
CA LYS A 471 -28.98 -22.55 19.61
C LYS A 471 -30.40 -23.06 19.29
N LEU A 472 -30.49 -24.20 18.59
CA LEU A 472 -31.77 -24.68 18.07
C LEU A 472 -32.86 -24.74 19.13
N ARG A 473 -32.52 -25.30 20.28
CA ARG A 473 -33.45 -25.45 21.40
C ARG A 473 -33.37 -24.29 22.38
N GLU A 474 -32.83 -23.15 21.92
CA GLU A 474 -32.64 -22.01 22.78
C GLU A 474 -33.43 -20.82 22.30
N LYS A 475 -33.78 -19.95 23.22
CA LYS A 475 -34.49 -18.73 22.85
C LYS A 475 -33.49 -17.68 22.37
N VAL A 476 -33.91 -16.87 21.40
CA VAL A 476 -33.05 -15.82 20.83
C VAL A 476 -32.66 -14.86 21.93
N ASP A 477 -31.37 -14.56 22.02
CA ASP A 477 -30.93 -13.62 23.02
C ASP A 477 -31.24 -12.17 22.66
N LYS A 478 -31.93 -11.51 23.58
CA LYS A 478 -32.37 -10.13 23.38
C LYS A 478 -31.21 -9.13 23.40
N ASP A 479 -30.39 -9.21 24.43
CA ASP A 479 -29.32 -8.23 24.67
C ASP A 479 -28.13 -8.33 23.71
N GLU A 480 -28.08 -9.40 22.92
CA GLU A 480 -27.01 -9.69 21.95
C GLU A 480 -26.90 -8.67 20.82
N TRP A 481 -25.70 -8.09 20.68
CA TRP A 481 -25.38 -7.16 19.60
C TRP A 481 -25.11 -7.90 18.30
N ILE A 482 -25.70 -7.44 17.20
CA ILE A 482 -25.55 -8.08 15.87
C ILE A 482 -24.26 -7.74 15.11
N SER A 483 -23.43 -6.87 15.71
CA SER A 483 -22.12 -6.49 15.19
C SER A 483 -21.18 -6.16 16.34
N GLY A 484 -19.90 -6.50 16.18
CA GLY A 484 -18.88 -5.95 17.05
C GLY A 484 -18.75 -4.44 16.82
N ALA A 485 -17.98 -3.81 17.71
CA ALA A 485 -17.87 -2.38 17.78
C ALA A 485 -16.80 -1.83 16.86
N ALA A 486 -15.86 -2.70 16.48
CA ALA A 486 -14.74 -2.30 15.62
C ALA A 486 -15.08 -2.57 14.18
N VAL A 487 -16.12 -1.91 13.71
CA VAL A 487 -16.70 -2.12 12.38
C VAL A 487 -17.05 -0.74 11.78
N VAL A 488 -16.63 -0.47 10.54
CA VAL A 488 -17.06 0.77 9.87
C VAL A 488 -18.28 0.47 8.99
N ASN A 489 -19.44 0.42 9.65
CA ASN A 489 -20.69 0.03 9.02
C ASN A 489 -21.83 0.31 10.00
N ALA A 490 -23.07 0.02 9.58
CA ALA A 490 -24.28 0.15 10.41
C ALA A 490 -25.27 -0.88 9.95
N PHE A 491 -26.26 -1.20 10.79
CA PHE A 491 -27.14 -2.36 10.54
C PHE A 491 -28.55 -2.12 11.04
N TYR A 492 -29.48 -2.80 10.36
CA TYR A 492 -30.83 -2.99 10.80
C TYR A 492 -31.10 -4.47 10.73
N SER A 493 -31.82 -4.99 11.72
CA SER A 493 -32.22 -6.37 11.74
C SER A 493 -33.74 -6.42 11.84
N SER A 494 -34.38 -7.03 10.86
CA SER A 494 -35.82 -7.18 10.88
C SER A 494 -36.26 -8.14 12.00
N GLY A 495 -35.52 -9.24 12.20
CA GLY A 495 -35.81 -10.22 13.25
C GLY A 495 -35.80 -9.71 14.68
N ARG A 496 -35.22 -8.53 14.91
CA ARG A 496 -35.21 -7.86 16.22
C ARG A 496 -35.77 -6.47 16.13
N ASN A 497 -36.03 -6.03 14.91
CA ASN A 497 -36.48 -4.66 14.69
C ASN A 497 -35.57 -3.68 15.42
N GLN A 498 -34.27 -3.78 15.15
CA GLN A 498 -33.31 -2.93 15.84
C GLN A 498 -32.25 -2.34 14.92
N ILE A 499 -31.79 -1.15 15.25
CA ILE A 499 -30.75 -0.45 14.48
C ILE A 499 -29.44 -0.38 15.26
N VAL A 500 -28.33 -0.60 14.54
CA VAL A 500 -27.03 -0.76 15.18
C VAL A 500 -26.02 0.18 14.56
N PHE A 501 -25.34 0.97 15.40
CA PHE A 501 -24.34 1.92 14.95
C PHE A 501 -22.99 1.77 15.67
N PRO A 502 -22.10 0.88 15.17
CA PRO A 502 -20.85 0.60 15.91
C PRO A 502 -19.89 1.77 16.04
N ALA A 503 -19.03 1.73 17.06
CA ALA A 503 -18.04 2.80 17.27
C ALA A 503 -17.36 3.15 15.97
N GLY A 504 -16.98 2.12 15.20
CA GLY A 504 -16.30 2.27 13.93
C GLY A 504 -16.88 3.28 12.96
N ILE A 505 -18.20 3.46 13.00
CA ILE A 505 -18.84 4.43 12.11
C ILE A 505 -19.03 5.83 12.74
N LEU A 506 -18.79 5.96 14.03
CA LEU A 506 -19.07 7.25 14.69
C LEU A 506 -17.85 8.15 14.70
N GLN A 507 -17.36 8.47 13.50
CA GLN A 507 -16.18 9.31 13.30
C GLN A 507 -16.30 10.08 11.98
N PRO A 508 -15.49 11.13 11.78
CA PRO A 508 -15.49 11.85 10.50
C PRO A 508 -15.28 10.88 9.35
N PRO A 509 -15.94 11.13 8.20
CA PRO A 509 -16.79 12.29 7.95
C PRO A 509 -18.25 12.13 8.40
N PHE A 510 -18.62 10.98 8.96
CA PHE A 510 -20.00 10.73 9.36
C PHE A 510 -20.40 11.50 10.61
N PHE A 511 -19.52 11.48 11.61
CA PHE A 511 -19.87 12.06 12.88
C PHE A 511 -18.73 12.56 13.75
N SER A 512 -18.97 13.73 14.34
CA SER A 512 -18.05 14.35 15.27
C SER A 512 -18.77 15.45 16.01
N ALA A 513 -18.87 15.33 17.31
CA ALA A 513 -19.41 16.43 18.12
C ALA A 513 -18.72 17.76 17.76
N GLN A 514 -17.53 17.69 17.18
CA GLN A 514 -16.77 18.87 16.77
C GLN A 514 -16.88 19.27 15.29
N GLN A 515 -17.86 18.75 14.56
CA GLN A 515 -18.01 19.21 13.18
C GLN A 515 -19.37 19.85 13.07
N SER A 516 -19.54 20.74 12.09
CA SER A 516 -20.84 21.37 11.86
C SER A 516 -21.92 20.30 11.81
N ASN A 517 -23.15 20.67 12.17
CA ASN A 517 -24.25 19.74 12.20
C ASN A 517 -24.79 19.41 10.82
N SER A 518 -24.47 20.27 9.87
CA SER A 518 -24.80 20.04 8.49
C SER A 518 -24.04 18.80 8.04
N LEU A 519 -22.78 18.69 8.43
CA LEU A 519 -21.99 17.50 8.13
C LEU A 519 -22.53 16.30 8.90
N ASN A 520 -22.87 16.50 10.17
CA ASN A 520 -23.37 15.42 10.98
C ASN A 520 -24.68 14.79 10.46
N TYR A 521 -25.61 15.63 10.01
CA TYR A 521 -26.88 15.15 9.47
C TYR A 521 -26.66 14.54 8.09
N GLY A 522 -25.85 15.22 7.28
CA GLY A 522 -25.45 14.74 5.96
C GLY A 522 -24.74 13.39 5.99
N GLY A 523 -24.09 13.06 7.13
CA GLY A 523 -23.32 11.83 7.31
C GLY A 523 -24.05 10.76 8.11
N ILE A 524 -23.76 10.68 9.41
CA ILE A 524 -24.43 9.72 10.28
C ILE A 524 -25.95 9.96 10.32
N GLY A 525 -26.38 11.20 10.10
CA GLY A 525 -27.82 11.48 10.06
C GLY A 525 -28.49 10.67 8.95
N MET A 526 -27.92 10.76 7.75
CA MET A 526 -28.39 9.98 6.59
C MET A 526 -28.37 8.47 6.89
N VAL A 527 -27.30 8.02 7.53
CA VAL A 527 -27.14 6.61 7.82
C VAL A 527 -28.21 6.12 8.82
N ILE A 528 -28.48 6.93 9.83
CA ILE A 528 -29.58 6.66 10.74
C ILE A 528 -30.91 6.48 9.97
N GLY A 529 -31.22 7.44 9.10
CA GLY A 529 -32.41 7.37 8.27
C GLY A 529 -32.44 6.14 7.39
N HIS A 530 -31.32 5.85 6.76
CA HIS A 530 -31.17 4.65 5.97
C HIS A 530 -31.56 3.40 6.74
N GLU A 531 -31.05 3.29 7.97
CA GLU A 531 -31.32 2.10 8.79
C GLU A 531 -32.75 2.02 9.33
N ILE A 532 -33.32 3.13 9.79
CA ILE A 532 -34.75 3.16 10.16
C ILE A 532 -35.58 2.75 8.94
N THR A 533 -35.26 3.34 7.78
CA THR A 533 -35.97 3.00 6.52
C THR A 533 -35.93 1.51 6.15
N HIS A 534 -34.85 0.80 6.48
CA HIS A 534 -34.77 -0.66 6.25
C HIS A 534 -35.95 -1.40 6.90
N GLY A 535 -36.51 -0.81 7.97
CA GLY A 535 -37.66 -1.36 8.69
C GLY A 535 -38.89 -1.41 7.80
N PHE A 536 -38.80 -0.66 6.71
CA PHE A 536 -39.94 -0.41 5.88
C PHE A 536 -39.65 -0.55 4.38
N ASP A 537 -38.58 -1.26 4.02
CA ASP A 537 -38.31 -1.46 2.59
C ASP A 537 -39.07 -2.68 2.03
N ASP A 538 -38.77 -3.10 0.80
CA ASP A 538 -39.50 -4.20 0.19
C ASP A 538 -39.40 -5.49 1.01
N ASN A 539 -38.45 -5.51 1.93
CA ASN A 539 -38.21 -6.65 2.80
C ASN A 539 -38.73 -6.42 4.23
N GLY A 540 -38.27 -5.33 4.86
CA GLY A 540 -38.60 -4.98 6.25
C GLY A 540 -40.07 -4.73 6.57
N ARG A 541 -40.84 -4.24 5.57
CA ARG A 541 -42.26 -3.98 5.73
C ARG A 541 -43.07 -5.27 5.98
N ASN A 542 -42.49 -6.38 5.57
CA ASN A 542 -43.07 -7.68 5.82
C ASN A 542 -42.92 -8.15 7.26
N PHE A 543 -42.18 -7.39 8.06
CA PHE A 543 -41.88 -7.78 9.42
C PHE A 543 -42.49 -6.76 10.36
N ASN A 544 -43.08 -7.23 11.45
CA ASN A 544 -43.72 -6.35 12.42
C ASN A 544 -42.80 -5.83 13.52
N LYS A 545 -43.39 -5.12 14.49
CA LYS A 545 -42.66 -4.40 15.51
C LYS A 545 -41.79 -5.31 16.36
N ASP A 546 -42.12 -6.60 16.37
CA ASP A 546 -41.46 -7.59 17.22
C ASP A 546 -40.52 -8.46 16.42
N GLY A 547 -40.42 -8.18 15.13
CA GLY A 547 -39.53 -8.90 14.25
C GLY A 547 -40.14 -10.13 13.60
N ASP A 548 -41.45 -10.30 13.76
CA ASP A 548 -42.15 -11.45 13.18
C ASP A 548 -42.68 -11.17 11.76
N LEU A 549 -42.50 -12.14 10.88
CA LEU A 549 -42.90 -12.01 9.48
C LEU A 549 -44.40 -12.21 9.28
N VAL A 550 -45.14 -11.13 9.52
CA VAL A 550 -46.60 -11.09 9.38
C VAL A 550 -46.98 -9.87 8.53
N ASP A 551 -47.94 -10.06 7.64
CA ASP A 551 -48.44 -8.98 6.83
C ASP A 551 -49.27 -8.03 7.67
N TRP A 552 -48.86 -6.77 7.74
CA TRP A 552 -49.63 -5.76 8.44
C TRP A 552 -50.11 -4.64 7.53
N TRP A 553 -50.18 -4.94 6.24
CA TRP A 553 -50.56 -3.99 5.21
C TRP A 553 -51.93 -4.36 4.60
N THR A 554 -52.77 -3.37 4.31
CA THR A 554 -53.99 -3.60 3.55
C THR A 554 -53.63 -3.77 2.07
N GLN A 555 -54.38 -4.63 1.37
CA GLN A 555 -54.14 -4.88 -0.06
C GLN A 555 -53.70 -3.63 -0.81
N GLN A 556 -54.49 -2.57 -0.63
CA GLN A 556 -54.31 -1.32 -1.32
C GLN A 556 -52.99 -0.64 -0.97
N SER A 557 -52.72 -0.47 0.31
CA SER A 557 -51.51 0.24 0.73
C SER A 557 -50.25 -0.49 0.20
N ALA A 558 -50.24 -1.82 0.37
CA ALA A 558 -49.15 -2.66 -0.12
C ALA A 558 -48.96 -2.50 -1.61
N SER A 559 -50.08 -2.54 -2.32
CA SER A 559 -50.11 -2.49 -3.75
C SER A 559 -49.60 -1.14 -4.23
N ASN A 560 -50.06 -0.07 -3.58
CA ASN A 560 -49.55 1.26 -3.85
C ASN A 560 -48.07 1.34 -3.58
N PHE A 561 -47.65 0.79 -2.44
CA PHE A 561 -46.24 0.75 -2.09
C PHE A 561 -45.41 0.22 -3.28
N LYS A 562 -45.85 -0.89 -3.87
CA LYS A 562 -45.16 -1.53 -5.01
C LYS A 562 -45.06 -0.64 -6.25
N GLU A 563 -46.14 0.08 -6.55
CA GLU A 563 -46.15 1.13 -7.57
C GLU A 563 -45.08 2.20 -7.35
N GLN A 564 -45.12 2.85 -6.20
CA GLN A 564 -44.13 3.87 -5.86
C GLN A 564 -42.73 3.33 -6.06
N SER A 565 -42.47 2.15 -5.51
CA SER A 565 -41.16 1.50 -5.57
C SER A 565 -40.72 0.99 -6.97
N GLN A 566 -41.68 0.80 -7.87
CA GLN A 566 -41.41 0.36 -9.24
C GLN A 566 -40.58 1.40 -9.99
N CYS A 567 -40.88 2.66 -9.69
CA CYS A 567 -40.10 3.80 -10.13
C CYS A 567 -38.58 3.59 -9.92
N MET A 568 -38.17 3.29 -8.70
CA MET A 568 -36.74 3.11 -8.37
C MET A 568 -36.09 1.90 -9.02
N VAL A 569 -36.88 0.87 -9.31
CA VAL A 569 -36.37 -0.29 -10.04
C VAL A 569 -35.89 0.18 -11.42
N TYR A 570 -36.77 0.93 -12.11
CA TYR A 570 -36.49 1.45 -13.43
C TYR A 570 -35.43 2.53 -13.41
N GLN A 571 -35.43 3.37 -12.38
CA GLN A 571 -34.42 4.41 -12.29
C GLN A 571 -33.00 3.81 -12.24
N TYR A 572 -32.80 2.91 -11.30
CA TYR A 572 -31.48 2.33 -11.06
C TYR A 572 -31.14 1.25 -12.08
N GLY A 573 -32.14 0.48 -12.50
CA GLY A 573 -31.95 -0.52 -13.57
C GLY A 573 -31.45 0.08 -14.89
N ASN A 574 -31.68 1.38 -15.06
CA ASN A 574 -31.30 2.09 -16.27
C ASN A 574 -29.97 2.81 -16.11
N PHE A 575 -29.37 2.78 -14.92
CA PHE A 575 -27.99 3.23 -14.81
C PHE A 575 -27.12 2.18 -15.45
N SER A 576 -26.17 2.60 -16.27
CA SER A 576 -25.28 1.61 -16.80
C SER A 576 -23.87 2.04 -16.48
N TRP A 577 -23.02 1.05 -16.23
CA TRP A 577 -21.77 1.27 -15.53
C TRP A 577 -20.54 0.91 -16.38
N ASP A 578 -19.78 1.94 -16.75
CA ASP A 578 -18.64 1.78 -17.67
C ASP A 578 -17.66 0.72 -17.15
N LEU A 579 -17.23 0.88 -15.89
CA LEU A 579 -16.33 -0.04 -15.21
C LEU A 579 -16.73 -1.49 -15.32
N ALA A 580 -18.04 -1.77 -15.39
CA ALA A 580 -18.56 -3.14 -15.51
C ALA A 580 -18.91 -3.49 -16.94
N GLY A 581 -18.14 -2.94 -17.88
CA GLY A 581 -18.33 -3.16 -19.32
C GLY A 581 -19.64 -2.63 -19.89
N GLY A 582 -20.17 -1.57 -19.29
CA GLY A 582 -21.40 -0.97 -19.73
C GLY A 582 -22.65 -1.73 -19.37
N GLN A 583 -22.54 -2.63 -18.39
CA GLN A 583 -23.73 -3.31 -17.89
C GLN A 583 -24.55 -2.42 -16.98
N HIS A 584 -25.85 -2.68 -16.92
CA HIS A 584 -26.74 -1.93 -16.05
C HIS A 584 -26.98 -2.65 -14.72
N LEU A 585 -27.29 -1.85 -13.69
CA LEU A 585 -27.48 -2.38 -12.35
C LEU A 585 -28.71 -3.24 -12.30
N ASN A 586 -28.79 -4.10 -11.30
CA ASN A 586 -30.01 -4.82 -11.06
C ASN A 586 -30.90 -4.01 -10.13
N GLY A 587 -31.89 -3.33 -10.72
CA GLY A 587 -32.81 -2.49 -9.96
C GLY A 587 -33.70 -3.23 -8.98
N ILE A 588 -33.74 -4.56 -9.08
CA ILE A 588 -34.51 -5.37 -8.15
C ILE A 588 -33.65 -5.78 -6.94
N ASN A 589 -32.48 -6.33 -7.19
CA ASN A 589 -31.58 -6.68 -6.10
C ASN A 589 -31.18 -5.48 -5.28
N THR A 590 -31.05 -4.32 -5.89
CA THR A 590 -30.63 -3.11 -5.18
C THR A 590 -31.78 -2.26 -4.71
N LEU A 591 -33.03 -2.70 -4.94
CA LEU A 591 -34.21 -1.94 -4.57
C LEU A 591 -34.25 -1.54 -3.09
N GLY A 592 -34.10 -2.51 -2.18
CA GLY A 592 -34.17 -2.27 -0.76
C GLY A 592 -33.21 -1.20 -0.29
N GLU A 593 -31.97 -1.29 -0.77
CA GLU A 593 -30.91 -0.32 -0.44
C GLU A 593 -31.20 1.06 -1.01
N ASN A 594 -31.64 1.10 -2.27
CA ASN A 594 -32.06 2.32 -2.94
C ASN A 594 -33.30 2.98 -2.27
N ILE A 595 -34.28 2.18 -1.87
CA ILE A 595 -35.38 2.70 -1.05
C ILE A 595 -34.84 3.34 0.23
N ALA A 596 -33.89 2.64 0.87
CA ALA A 596 -33.32 3.08 2.13
C ALA A 596 -32.42 4.31 1.98
N ASP A 597 -31.67 4.40 0.88
CA ASP A 597 -30.91 5.63 0.59
C ASP A 597 -31.87 6.80 0.40
N ASN A 598 -32.89 6.61 -0.43
CA ASN A 598 -33.81 7.70 -0.68
C ASN A 598 -34.59 8.16 0.55
N GLY A 599 -35.13 7.22 1.32
CA GLY A 599 -35.78 7.54 2.58
C GLY A 599 -34.83 8.28 3.50
N GLY A 600 -33.66 7.71 3.71
CA GLY A 600 -32.69 8.27 4.65
C GLY A 600 -32.34 9.70 4.37
N LEU A 601 -32.17 10.02 3.10
CA LEU A 601 -31.79 11.37 2.71
C LEU A 601 -32.85 12.38 3.09
N GLY A 602 -34.12 12.06 2.80
CA GLY A 602 -35.24 12.93 3.11
C GLY A 602 -35.35 13.20 4.60
N GLN A 603 -35.33 12.13 5.40
CA GLN A 603 -35.42 12.26 6.84
C GLN A 603 -34.29 13.09 7.45
N ALA A 604 -33.06 12.78 7.05
CA ALA A 604 -31.88 13.49 7.55
C ALA A 604 -31.87 14.98 7.15
N TYR A 605 -32.31 15.28 5.94
CA TYR A 605 -32.42 16.66 5.50
C TYR A 605 -33.53 17.43 6.21
N ARG A 606 -34.67 16.77 6.40
CA ARG A 606 -35.76 17.39 7.13
C ARG A 606 -35.38 17.63 8.59
N ALA A 607 -34.60 16.70 9.18
CA ALA A 607 -34.15 16.88 10.55
C ALA A 607 -33.21 18.05 10.65
N TYR A 608 -32.39 18.24 9.62
CA TYR A 608 -31.47 19.37 9.61
C TYR A 608 -32.18 20.73 9.42
N GLN A 609 -33.22 20.76 8.58
CA GLN A 609 -34.11 21.90 8.50
C GLN A 609 -34.73 22.19 9.87
N ASN A 610 -35.24 21.16 10.54
CA ASN A 610 -35.72 21.31 11.91
C ASN A 610 -34.66 21.88 12.82
N TYR A 611 -33.40 21.45 12.66
CA TYR A 611 -32.35 21.90 13.55
C TYR A 611 -32.05 23.38 13.35
N ILE A 612 -31.93 23.82 12.10
CA ILE A 612 -31.76 25.23 11.76
C ILE A 612 -32.90 26.05 12.34
N LYS A 613 -34.13 25.54 12.19
CA LYS A 613 -35.33 26.21 12.68
C LYS A 613 -35.33 26.39 14.20
N LYS A 614 -34.71 25.46 14.93
CA LYS A 614 -34.73 25.44 16.39
C LYS A 614 -33.52 26.16 16.98
N ASN A 615 -32.47 26.33 16.19
CA ASN A 615 -31.18 26.78 16.70
C ASN A 615 -30.57 27.91 15.90
N GLY A 616 -31.11 28.17 14.71
CA GLY A 616 -30.55 29.17 13.79
C GLY A 616 -29.44 28.62 12.89
N GLU A 617 -28.99 29.44 11.94
CA GLU A 617 -27.88 29.09 11.07
C GLU A 617 -26.56 28.86 11.84
N GLU A 618 -25.71 27.96 11.34
CA GLU A 618 -24.38 27.70 11.91
C GLU A 618 -23.36 28.60 11.26
N LYS A 619 -22.23 28.81 11.94
CA LYS A 619 -21.13 29.58 11.37
C LYS A 619 -20.63 28.94 10.08
N LEU A 620 -20.26 29.76 9.11
CA LEU A 620 -19.80 29.25 7.83
C LEU A 620 -18.41 28.62 7.93
N LEU A 621 -18.03 27.87 6.90
CA LEU A 621 -16.72 27.25 6.84
C LEU A 621 -15.79 28.09 5.98
N PRO A 622 -14.56 28.29 6.45
CA PRO A 622 -13.59 29.06 5.69
C PRO A 622 -13.18 28.36 4.38
N GLY A 623 -12.99 29.13 3.31
CA GLY A 623 -12.58 28.57 2.03
C GLY A 623 -13.70 28.08 1.14
N LEU A 624 -14.85 27.80 1.74
CA LEU A 624 -16.00 27.28 1.01
C LEU A 624 -17.11 28.29 0.85
N ASP A 625 -17.38 28.69 -0.39
CA ASP A 625 -18.53 29.54 -0.74
C ASP A 625 -19.80 28.73 -0.90
N LEU A 626 -20.18 28.04 0.15
CA LEU A 626 -21.39 27.25 0.15
C LEU A 626 -22.07 27.51 1.47
N ASN A 627 -23.38 27.57 1.44
CA ASN A 627 -24.11 27.65 2.69
C ASN A 627 -24.22 26.24 3.26
N HIS A 628 -24.84 26.12 4.41
CA HIS A 628 -24.91 24.84 5.07
C HIS A 628 -25.86 23.84 4.44
N LYS A 629 -26.88 24.31 3.75
CA LYS A 629 -27.74 23.35 3.07
C LYS A 629 -26.91 22.64 2.01
N GLN A 630 -26.07 23.40 1.30
CA GLN A 630 -25.16 22.87 0.29
C GLN A 630 -24.09 21.95 0.90
N LEU A 631 -23.62 22.33 2.08
CA LEU A 631 -22.60 21.56 2.79
C LEU A 631 -23.16 20.21 3.24
N PHE A 632 -24.41 20.20 3.65
CA PHE A 632 -25.11 18.96 3.90
C PHE A 632 -24.98 17.98 2.70
N PHE A 633 -25.23 18.46 1.49
CA PHE A 633 -25.19 17.61 0.31
C PHE A 633 -23.79 17.22 -0.10
N LEU A 634 -22.86 18.17 -0.03
CA LEU A 634 -21.46 17.89 -0.30
C LEU A 634 -20.92 16.68 0.52
N ASN A 635 -20.89 16.84 1.84
CA ASN A 635 -20.45 15.80 2.77
C ASN A 635 -21.20 14.51 2.50
N PHE A 636 -22.50 14.61 2.26
CA PHE A 636 -23.33 13.45 1.94
C PHE A 636 -22.76 12.71 0.74
N ALA A 637 -22.35 13.46 -0.28
CA ALA A 637 -21.79 12.86 -1.48
C ALA A 637 -20.40 12.31 -1.27
N GLN A 638 -19.58 13.02 -0.50
CA GLN A 638 -18.15 12.68 -0.37
C GLN A 638 -17.91 11.43 0.45
N VAL A 639 -18.97 10.94 1.10
CA VAL A 639 -18.95 9.64 1.78
C VAL A 639 -18.56 8.58 0.75
N TRP A 640 -18.97 8.81 -0.50
CA TRP A 640 -18.75 7.88 -1.58
C TRP A 640 -17.73 8.26 -2.66
N CYS A 641 -16.84 9.22 -2.38
CA CYS A 641 -15.67 9.41 -3.23
C CYS A 641 -14.92 8.11 -3.26
N GLY A 642 -14.64 7.65 -4.47
CA GLY A 642 -13.97 6.40 -4.63
C GLY A 642 -14.17 5.85 -6.01
N THR A 643 -13.52 4.70 -6.26
CA THR A 643 -13.65 4.06 -7.55
C THR A 643 -13.37 2.53 -7.47
N TYR A 644 -13.63 1.83 -8.56
CA TYR A 644 -13.58 0.36 -8.57
C TYR A 644 -12.59 -0.13 -9.62
N ARG A 645 -11.96 -1.27 -9.37
CA ARG A 645 -11.31 -2.04 -10.44
C ARG A 645 -12.41 -2.68 -11.26
N PRO A 646 -12.23 -2.68 -12.61
CA PRO A 646 -13.25 -3.25 -13.53
C PRO A 646 -13.62 -4.69 -13.18
N GLU A 647 -12.64 -5.47 -12.75
CA GLU A 647 -12.85 -6.86 -12.32
C GLU A 647 -13.85 -6.88 -11.18
N TYR A 648 -13.67 -5.97 -10.26
CA TYR A 648 -14.47 -5.99 -9.07
C TYR A 648 -15.82 -5.32 -9.29
N ALA A 649 -15.88 -4.43 -10.26
CA ALA A 649 -17.14 -3.86 -10.71
C ALA A 649 -18.03 -4.94 -11.34
N VAL A 650 -17.42 -5.82 -12.13
CA VAL A 650 -18.12 -6.93 -12.73
C VAL A 650 -18.71 -7.82 -11.64
N ASN A 651 -17.90 -8.12 -10.64
CA ASN A 651 -18.29 -8.91 -9.47
C ASN A 651 -19.46 -8.26 -8.70
N SER A 652 -19.22 -7.04 -8.23
CA SER A 652 -20.10 -6.39 -7.26
C SER A 652 -21.45 -6.07 -7.83
N ILE A 653 -21.48 -5.75 -9.13
CA ILE A 653 -22.75 -5.51 -9.83
C ILE A 653 -23.68 -6.75 -9.83
N LYS A 654 -23.10 -7.94 -9.60
CA LYS A 654 -23.90 -9.17 -9.52
C LYS A 654 -24.17 -9.58 -8.10
N THR A 655 -23.33 -9.11 -7.18
CA THR A 655 -23.35 -9.59 -5.80
C THR A 655 -23.75 -8.55 -4.75
N ASP A 656 -23.47 -7.27 -4.97
CA ASP A 656 -23.73 -6.28 -3.95
C ASP A 656 -25.19 -5.87 -3.96
N VAL A 657 -25.84 -5.85 -2.80
CA VAL A 657 -27.24 -5.39 -2.72
C VAL A 657 -27.35 -3.85 -2.73
N HIS A 658 -26.22 -3.16 -2.60
CA HIS A 658 -26.14 -1.70 -2.75
C HIS A 658 -25.75 -1.39 -4.18
N SER A 659 -26.22 -0.26 -4.66
CA SER A 659 -25.71 0.28 -5.92
C SER A 659 -24.29 0.79 -5.67
N PRO A 660 -23.47 0.83 -6.72
CA PRO A 660 -22.18 1.53 -6.62
C PRO A 660 -22.33 3.00 -6.15
N GLY A 661 -21.37 3.48 -5.36
CA GLY A 661 -21.42 4.78 -4.74
C GLY A 661 -21.80 5.94 -5.62
N ASN A 662 -21.12 6.07 -6.76
CA ASN A 662 -21.45 7.13 -7.69
C ASN A 662 -22.95 7.16 -7.95
N PHE A 663 -23.55 5.97 -8.09
CA PHE A 663 -24.95 5.85 -8.48
C PHE A 663 -25.89 6.05 -7.32
N ARG A 664 -25.44 5.71 -6.11
CA ARG A 664 -26.22 6.03 -4.90
C ARG A 664 -26.35 7.55 -4.78
N ILE A 665 -25.25 8.24 -5.01
CA ILE A 665 -25.20 9.70 -4.98
C ILE A 665 -26.05 10.33 -6.11
N ILE A 666 -25.88 9.84 -7.35
CA ILE A 666 -26.71 10.32 -8.45
C ILE A 666 -28.20 9.98 -8.16
N GLY A 667 -28.49 8.73 -7.86
CA GLY A 667 -29.86 8.28 -7.75
C GLY A 667 -30.64 9.06 -6.71
N THR A 668 -30.06 9.20 -5.52
CA THR A 668 -30.76 9.91 -4.46
C THR A 668 -30.94 11.39 -4.76
N LEU A 669 -29.91 12.02 -5.29
CA LEU A 669 -29.98 13.46 -5.49
C LEU A 669 -30.96 13.86 -6.61
N GLN A 670 -31.00 13.04 -7.67
CA GLN A 670 -31.95 13.18 -8.78
C GLN A 670 -33.40 13.14 -8.32
N ASN A 671 -33.68 12.30 -7.32
CA ASN A 671 -35.00 12.20 -6.75
C ASN A 671 -35.32 13.28 -5.74
N SER A 672 -34.35 14.13 -5.41
CA SER A 672 -34.52 15.10 -4.35
C SER A 672 -34.77 16.52 -4.85
N ALA A 673 -36.01 16.97 -4.71
CA ALA A 673 -36.35 18.36 -5.05
C ALA A 673 -35.55 19.31 -4.17
N GLU A 674 -35.26 18.85 -2.95
CA GLU A 674 -34.54 19.63 -1.96
C GLU A 674 -33.11 19.91 -2.40
N PHE A 675 -32.44 18.89 -2.96
CA PHE A 675 -31.11 19.08 -3.58
C PHE A 675 -31.06 20.13 -4.70
N SER A 676 -31.97 20.04 -5.66
CA SER A 676 -32.00 20.98 -6.80
C SER A 676 -32.22 22.44 -6.38
N GLU A 677 -33.06 22.65 -5.36
CA GLU A 677 -33.23 23.99 -4.78
C GLU A 677 -31.95 24.53 -4.13
N ALA A 678 -31.33 23.70 -3.29
CA ALA A 678 -30.06 24.05 -2.66
C ALA A 678 -29.03 24.45 -3.70
N PHE A 679 -29.09 23.81 -4.87
CA PHE A 679 -28.08 24.02 -5.89
C PHE A 679 -28.54 24.76 -7.14
N HIS A 680 -29.82 25.15 -7.16
CA HIS A 680 -30.41 26.00 -8.21
C HIS A 680 -30.37 25.36 -9.60
N CYS A 681 -30.71 24.07 -9.65
CA CYS A 681 -30.65 23.31 -10.89
C CYS A 681 -31.79 23.60 -11.83
N ARG A 682 -31.42 23.82 -13.10
CA ARG A 682 -32.32 23.93 -14.24
C ARG A 682 -33.18 22.68 -14.33
N LYS A 683 -34.44 22.84 -14.69
CA LYS A 683 -35.28 21.67 -14.89
C LYS A 683 -34.73 20.80 -16.02
N ASN A 684 -34.86 19.48 -15.87
CA ASN A 684 -34.30 18.50 -16.80
C ASN A 684 -32.78 18.54 -17.04
N SER A 685 -32.05 19.28 -16.19
CA SER A 685 -30.60 19.10 -16.03
C SER A 685 -30.39 17.69 -15.47
N TYR A 686 -29.21 17.12 -15.66
CA TYR A 686 -29.02 15.71 -15.36
C TYR A 686 -29.33 15.36 -13.91
N MET A 687 -28.92 16.25 -12.99
CA MET A 687 -29.23 16.09 -11.58
C MET A 687 -30.68 16.38 -11.21
N ASN A 688 -31.47 16.84 -12.17
CA ASN A 688 -32.84 17.30 -11.90
C ASN A 688 -33.88 16.80 -12.90
N PRO A 689 -34.04 15.47 -13.01
CA PRO A 689 -35.07 14.92 -13.88
C PRO A 689 -36.47 15.37 -13.48
N GLU A 690 -37.39 15.33 -14.44
CA GLU A 690 -38.76 15.73 -14.22
C GLU A 690 -39.46 14.71 -13.32
N LYS A 691 -39.34 13.43 -13.65
CA LYS A 691 -39.94 12.39 -12.84
C LYS A 691 -39.01 12.11 -11.66
N LYS A 692 -39.59 12.05 -10.46
CA LYS A 692 -38.82 11.79 -9.26
C LYS A 692 -39.47 10.66 -8.49
N CYS A 693 -38.65 9.73 -8.01
CA CYS A 693 -39.13 8.56 -7.29
C CYS A 693 -39.26 8.87 -5.81
N ARG A 694 -40.36 8.42 -5.23
CA ARG A 694 -40.61 8.66 -3.83
C ARG A 694 -41.32 7.49 -3.25
N VAL A 695 -40.83 7.01 -2.12
CA VAL A 695 -41.62 6.14 -1.27
C VAL A 695 -41.71 6.73 0.14
N TRP A 696 -40.60 6.83 0.86
CA TRP A 696 -40.67 7.39 2.21
C TRP A 696 -40.22 8.85 2.31
N GLY B 1 -7.40 39.42 12.00
CA GLY B 1 -6.28 39.45 10.99
C GLY B 1 -5.69 38.08 10.66
N ILE B 2 -6.54 37.06 10.69
CA ILE B 2 -6.20 35.69 10.30
C ILE B 2 -6.40 35.51 8.79
N CYS B 3 -5.56 34.72 8.16
CA CYS B 3 -5.76 34.36 6.76
C CYS B 3 -6.93 33.37 6.59
N LYS B 4 -7.62 33.42 5.46
CA LYS B 4 -8.73 32.48 5.24
C LYS B 4 -8.96 32.03 3.78
N SER B 5 -7.88 32.01 3.01
CA SER B 5 -7.90 31.43 1.68
C SER B 5 -7.97 29.88 1.73
N SER B 6 -8.44 29.27 0.64
CA SER B 6 -8.38 27.81 0.43
C SER B 6 -6.96 27.30 0.70
N ASP B 7 -5.98 28.05 0.23
CA ASP B 7 -4.58 27.72 0.41
C ASP B 7 -4.15 27.72 1.88
N CYS B 8 -4.59 28.72 2.62
CA CYS B 8 -4.34 28.75 4.06
C CYS B 8 -5.00 27.61 4.80
N ILE B 9 -6.26 27.31 4.44
CA ILE B 9 -7.01 26.21 5.06
C ILE B 9 -6.28 24.88 4.90
N LYS B 10 -5.99 24.52 3.65
CA LYS B 10 -5.26 23.31 3.29
C LYS B 10 -3.95 23.28 4.05
N SER B 11 -3.23 24.41 4.02
CA SER B 11 -1.95 24.53 4.71
C SER B 11 -2.09 24.26 6.20
N ALA B 12 -3.04 24.94 6.84
CA ALA B 12 -3.30 24.75 8.26
C ALA B 12 -3.63 23.29 8.63
N ALA B 13 -4.60 22.68 7.92
CA ALA B 13 -5.06 21.31 8.23
C ALA B 13 -3.94 20.28 8.10
N ARG B 14 -3.13 20.42 7.07
CA ARG B 14 -1.97 19.59 6.95
C ARG B 14 -1.15 19.71 8.23
N LEU B 15 -0.77 20.95 8.59
CA LEU B 15 0.10 21.20 9.74
C LEU B 15 -0.48 20.68 11.03
N ILE B 16 -1.79 20.85 11.19
CA ILE B 16 -2.53 20.44 12.38
C ILE B 16 -2.59 18.92 12.43
N GLN B 17 -2.89 18.31 11.29
CA GLN B 17 -3.06 16.86 11.20
C GLN B 17 -1.82 16.06 11.55
N ASN B 18 -0.65 16.55 11.14
CA ASN B 18 0.62 15.85 11.37
C ASN B 18 1.12 15.95 12.81
N MET B 19 0.76 17.02 13.50
CA MET B 19 1.34 17.30 14.81
C MET B 19 0.65 16.62 15.99
N ASP B 20 1.37 16.58 17.12
CA ASP B 20 0.85 16.10 18.41
C ASP B 20 0.91 17.17 19.50
N ALA B 21 -0.16 17.96 19.62
CA ALA B 21 -0.24 19.10 20.56
C ALA B 21 0.11 18.79 22.04
N THR B 22 -0.24 17.58 22.50
CA THR B 22 -0.01 17.16 23.89
C THR B 22 1.46 16.88 24.26
N THR B 23 2.38 17.10 23.32
CA THR B 23 3.80 16.88 23.54
C THR B 23 4.46 18.25 23.72
N GLU B 24 5.38 18.32 24.68
CA GLU B 24 6.06 19.57 25.02
C GLU B 24 7.17 19.89 24.00
N PRO B 25 6.96 20.93 23.18
CA PRO B 25 7.91 21.23 22.13
C PRO B 25 9.40 21.22 22.55
N CYS B 26 9.71 21.56 23.81
CA CYS B 26 11.12 21.60 24.26
C CYS B 26 11.61 20.28 24.88
N THR B 27 10.65 19.41 25.22
CA THR B 27 10.91 17.99 25.50
C THR B 27 11.34 17.27 24.20
N ASP B 28 10.43 17.21 23.22
CA ASP B 28 10.70 16.56 21.93
C ASP B 28 9.93 17.14 20.74
N PHE B 29 10.58 18.04 20.02
CA PHE B 29 9.91 18.79 18.97
C PHE B 29 9.47 17.90 17.80
N PHE B 30 10.21 16.82 17.55
CA PHE B 30 9.88 15.86 16.51
C PHE B 30 8.56 15.16 16.82
N LYS B 31 8.41 14.66 18.03
CA LYS B 31 7.17 14.00 18.40
C LYS B 31 6.05 15.03 18.42
N TYR B 32 6.42 16.26 18.75
CA TYR B 32 5.45 17.34 18.80
C TYR B 32 4.95 17.70 17.40
N ALA B 33 5.89 17.84 16.47
CA ALA B 33 5.62 18.25 15.11
C ALA B 33 5.07 17.13 14.21
N CYS B 34 5.34 15.87 14.59
CA CYS B 34 5.05 14.73 13.74
C CYS B 34 4.21 13.64 14.35
N GLY B 35 3.91 13.77 15.64
CA GLY B 35 3.24 12.70 16.42
C GLY B 35 1.90 12.25 15.92
N GLY B 36 1.16 13.15 15.28
CA GLY B 36 -0.14 12.79 14.72
C GLY B 36 0.07 11.94 13.50
N TRP B 37 1.04 12.35 12.65
CA TRP B 37 1.39 11.56 11.49
C TRP B 37 1.73 10.12 11.94
N LEU B 38 2.66 9.99 12.90
CA LEU B 38 3.11 8.68 13.35
C LEU B 38 1.98 7.74 13.78
N LYS B 39 1.06 8.24 14.60
CA LYS B 39 -0.12 7.48 15.03
C LYS B 39 -1.00 7.03 13.89
N ARG B 40 -1.25 7.92 12.94
CA ARG B 40 -2.17 7.66 11.85
C ARG B 40 -1.56 6.69 10.82
N ASN B 41 -0.28 6.87 10.57
CA ASN B 41 0.34 6.17 9.45
C ASN B 41 1.02 4.85 9.80
N VAL B 42 1.24 4.06 8.76
CA VAL B 42 1.84 2.74 8.84
C VAL B 42 2.65 2.57 7.55
N ILE B 43 3.86 2.00 7.66
CA ILE B 43 4.69 1.76 6.48
C ILE B 43 4.05 0.72 5.55
N PRO B 44 3.90 1.07 4.25
CA PRO B 44 3.38 0.12 3.27
C PRO B 44 4.26 -1.11 3.14
N GLU B 45 3.67 -2.19 2.68
CA GLU B 45 4.41 -3.44 2.55
C GLU B 45 5.53 -3.33 1.53
N THR B 46 5.48 -2.30 0.71
CA THR B 46 6.46 -2.18 -0.34
C THR B 46 7.45 -1.05 -0.08
N SER B 47 7.43 -0.48 1.12
CA SER B 47 8.28 0.65 1.49
C SER B 47 9.20 0.25 2.60
N SER B 48 10.45 0.66 2.54
CA SER B 48 11.38 0.34 3.63
C SER B 48 11.41 1.49 4.65
N ARG B 49 10.93 2.63 4.17
CA ARG B 49 10.85 3.87 4.92
C ARG B 49 9.57 4.53 4.44
N TYR B 50 8.82 5.13 5.35
CA TYR B 50 7.65 5.84 4.94
C TYR B 50 7.58 7.14 5.66
N GLY B 51 7.06 8.15 4.97
CA GLY B 51 6.91 9.50 5.52
C GLY B 51 6.48 10.50 4.48
N ASN B 52 6.43 11.75 4.90
CA ASN B 52 6.00 12.87 4.06
C ASN B 52 6.86 13.07 2.82
N PHE B 53 8.15 12.77 2.93
CA PHE B 53 9.06 12.88 1.80
C PHE B 53 8.84 11.76 0.81
N ASP B 54 8.57 10.56 1.31
CA ASP B 54 8.37 9.39 0.44
C ASP B 54 7.02 9.42 -0.27
N ILE B 55 6.03 10.04 0.39
CA ILE B 55 4.71 10.25 -0.21
C ILE B 55 4.85 11.21 -1.41
N LEU B 56 5.65 12.26 -1.27
CA LEU B 56 5.89 13.14 -2.44
C LEU B 56 6.38 12.35 -3.67
N ARG B 57 7.27 11.40 -3.44
CA ARG B 57 7.83 10.56 -4.50
C ARG B 57 6.81 9.58 -5.07
N ASP B 58 5.99 9.02 -4.18
CA ASP B 58 4.88 8.17 -4.57
C ASP B 58 3.94 8.93 -5.49
N GLU B 59 3.66 10.18 -5.15
CA GLU B 59 2.79 11.05 -5.93
C GLU B 59 3.40 11.46 -7.26
N LEU B 60 4.73 11.52 -7.31
CA LEU B 60 5.39 11.91 -8.54
C LEU B 60 5.22 10.78 -9.55
N GLU B 61 5.36 9.54 -9.07
CA GLU B 61 5.18 8.36 -9.93
C GLU B 61 3.78 8.31 -10.52
N VAL B 62 2.77 8.65 -9.71
CA VAL B 62 1.40 8.76 -10.22
C VAL B 62 1.41 9.62 -11.50
N VAL B 63 2.00 10.82 -11.41
CA VAL B 63 2.04 11.74 -12.53
C VAL B 63 2.75 11.10 -13.73
N LEU B 64 3.90 10.45 -13.47
CA LEU B 64 4.66 9.79 -14.53
C LEU B 64 3.84 8.68 -15.22
N LYS B 65 2.97 8.01 -14.46
CA LYS B 65 1.99 7.11 -15.03
C LYS B 65 1.05 7.84 -16.02
N ASP B 66 0.37 8.87 -15.54
CA ASP B 66 -0.56 9.67 -16.36
C ASP B 66 0.06 10.17 -17.65
N VAL B 67 1.34 10.52 -17.63
CA VAL B 67 1.99 11.08 -18.81
C VAL B 67 2.66 10.04 -19.70
N LEU B 68 2.99 8.86 -19.16
CA LEU B 68 3.66 7.83 -19.98
C LEU B 68 2.71 6.82 -20.59
N GLN B 69 1.53 6.65 -20.01
CA GLN B 69 0.68 5.51 -20.37
C GLN B 69 -0.20 5.65 -21.62
N GLU B 70 -0.36 6.86 -22.13
CA GLU B 70 -1.22 7.08 -23.29
C GLU B 70 -0.49 7.79 -24.41
N PRO B 71 -0.34 7.13 -25.56
CA PRO B 71 0.24 7.81 -26.72
C PRO B 71 -0.70 8.92 -27.29
N LYS B 72 -0.08 9.94 -27.88
CA LYS B 72 -0.76 11.11 -28.45
C LYS B 72 -0.14 11.40 -29.82
N THR B 73 -0.94 11.92 -30.75
CA THR B 73 -0.39 12.19 -32.10
C THR B 73 0.63 13.31 -31.99
N GLU B 74 0.42 14.22 -31.06
CA GLU B 74 1.35 15.32 -30.88
C GLU B 74 2.72 14.85 -30.33
N ASP B 75 2.86 13.57 -29.98
CA ASP B 75 4.12 13.03 -29.38
C ASP B 75 5.34 12.97 -30.31
N ILE B 76 6.33 13.82 -30.05
CA ILE B 76 7.57 13.79 -30.80
C ILE B 76 8.36 12.49 -30.52
N VAL B 77 9.37 12.19 -31.34
CA VAL B 77 9.99 10.85 -31.30
C VAL B 77 10.47 10.48 -29.89
N ALA B 78 11.25 11.37 -29.28
CA ALA B 78 11.72 11.17 -27.91
C ALA B 78 10.60 10.63 -26.99
N VAL B 79 9.47 11.32 -27.02
CA VAL B 79 8.34 10.99 -26.17
C VAL B 79 7.77 9.60 -26.53
N GLN B 80 7.75 9.29 -27.83
CA GLN B 80 7.19 8.02 -28.33
C GLN B 80 8.03 6.86 -27.90
N LYS B 81 9.35 7.08 -27.91
CA LYS B 81 10.31 6.11 -27.43
C LYS B 81 10.13 5.81 -25.94
N ALA B 82 10.01 6.88 -25.14
CA ALA B 82 9.81 6.75 -23.71
C ALA B 82 8.51 6.02 -23.39
N LYS B 83 7.44 6.30 -24.14
CA LYS B 83 6.19 5.58 -23.89
C LYS B 83 6.26 4.13 -24.36
N ALA B 84 7.09 3.88 -25.37
CA ALA B 84 7.29 2.53 -25.89
C ALA B 84 8.01 1.70 -24.83
N LEU B 85 9.12 2.26 -24.35
CA LEU B 85 9.90 1.66 -23.29
C LEU B 85 8.95 1.33 -22.16
N TYR B 86 8.18 2.32 -21.71
CA TYR B 86 7.22 2.15 -20.62
C TYR B 86 6.30 0.99 -20.87
N ARG B 87 5.68 0.95 -22.05
CA ARG B 87 4.76 -0.14 -22.41
C ARG B 87 5.42 -1.52 -22.40
N SER B 88 6.68 -1.59 -22.84
CA SER B 88 7.49 -2.81 -22.74
C SER B 88 7.65 -3.28 -21.27
N CYS B 89 7.88 -2.32 -20.40
CA CYS B 89 8.07 -2.57 -18.97
C CYS B 89 6.83 -3.17 -18.27
N ILE B 90 5.66 -2.58 -18.50
CA ILE B 90 4.45 -2.98 -17.79
C ILE B 90 3.80 -4.26 -18.31
N ASN B 91 4.23 -4.69 -19.49
CA ASN B 91 3.75 -5.94 -20.06
C ASN B 91 4.38 -7.19 -19.43
N GLU B 92 3.85 -7.55 -18.27
CA GLU B 92 4.24 -8.73 -17.50
C GLU B 92 3.99 -10.08 -18.19
N SER B 93 2.85 -10.23 -18.86
CA SER B 93 2.58 -11.48 -19.58
C SER B 93 3.66 -11.76 -20.64
N ALA B 94 4.06 -10.73 -21.40
CA ALA B 94 5.19 -10.88 -22.34
C ALA B 94 6.49 -11.25 -21.64
N ILE B 95 6.74 -10.67 -20.46
CA ILE B 95 7.96 -10.91 -19.72
C ILE B 95 7.92 -12.33 -19.19
N ASP B 96 6.79 -12.68 -18.57
CA ASP B 96 6.52 -14.01 -18.05
C ASP B 96 6.61 -15.10 -19.13
N SER B 97 6.13 -14.77 -20.33
CA SER B 97 6.13 -15.69 -21.47
C SER B 97 7.54 -16.10 -21.84
N ARG B 98 8.46 -15.16 -21.71
CA ARG B 98 9.83 -15.37 -22.12
C ARG B 98 10.69 -16.11 -21.10
N GLY B 99 10.11 -16.39 -19.92
CA GLY B 99 10.80 -17.05 -18.83
C GLY B 99 12.12 -16.40 -18.43
N GLY B 100 13.19 -17.19 -18.40
CA GLY B 100 14.51 -16.68 -18.13
C GLY B 100 15.33 -16.70 -19.39
N GLU B 101 14.67 -17.03 -20.50
CA GLU B 101 15.33 -17.16 -21.80
C GLU B 101 16.21 -15.95 -22.17
N PRO B 102 15.71 -14.70 -21.96
CA PRO B 102 16.55 -13.54 -22.28
C PRO B 102 17.86 -13.51 -21.50
N LEU B 103 17.86 -14.10 -20.30
CA LEU B 103 19.08 -14.18 -19.50
C LEU B 103 19.97 -15.26 -20.08
N LEU B 104 19.39 -16.42 -20.36
CA LEU B 104 20.12 -17.55 -20.92
C LEU B 104 20.95 -17.11 -22.11
N LYS B 105 20.35 -16.37 -23.04
CA LYS B 105 21.10 -15.91 -24.19
C LYS B 105 22.16 -14.86 -23.83
N LEU B 106 22.05 -14.23 -22.65
CA LEU B 106 23.03 -13.22 -22.23
C LEU B 106 24.31 -13.78 -21.58
N LEU B 107 24.18 -14.85 -20.79
CA LEU B 107 25.34 -15.51 -20.13
C LEU B 107 26.64 -15.64 -20.98
N PRO B 108 26.54 -16.13 -22.24
CA PRO B 108 27.84 -16.36 -22.92
C PRO B 108 28.66 -15.07 -23.05
N ASP B 109 27.99 -13.96 -23.36
CA ASP B 109 28.64 -12.66 -23.50
C ASP B 109 29.29 -12.13 -22.21
N ILE B 110 29.12 -12.83 -21.09
CA ILE B 110 29.84 -12.47 -19.85
C ILE B 110 30.76 -13.57 -19.35
N TYR B 111 30.95 -14.59 -20.20
CA TYR B 111 31.70 -15.81 -19.88
C TYR B 111 30.91 -16.71 -18.94
N GLY B 112 29.60 -16.82 -19.19
CA GLY B 112 28.68 -17.65 -18.38
C GLY B 112 28.76 -17.52 -16.86
N TRP B 113 28.21 -18.53 -16.17
CA TRP B 113 28.23 -18.58 -14.71
C TRP B 113 28.48 -20.05 -14.35
N PRO B 114 29.76 -20.37 -14.05
CA PRO B 114 30.22 -21.74 -13.88
C PRO B 114 29.22 -22.63 -13.18
N VAL B 115 28.73 -22.22 -12.01
CA VAL B 115 27.80 -23.02 -11.23
C VAL B 115 26.58 -23.47 -12.04
N ALA B 116 26.26 -22.74 -13.09
CA ALA B 116 25.04 -22.99 -13.86
C ALA B 116 25.39 -23.57 -15.22
N THR B 117 26.67 -23.94 -15.37
CA THR B 117 27.23 -24.43 -16.63
C THR B 117 27.83 -25.85 -16.50
N GLU B 118 27.82 -26.59 -17.62
CA GLU B 118 28.59 -27.82 -17.76
C GLU B 118 29.90 -27.55 -18.51
N ASN B 119 30.97 -28.21 -18.06
CA ASN B 119 32.31 -28.02 -18.65
C ASN B 119 32.58 -26.54 -18.92
N TRP B 120 32.29 -25.72 -17.91
CA TRP B 120 32.59 -24.30 -17.97
C TRP B 120 34.07 -24.10 -18.27
N GLU B 121 34.93 -24.84 -17.57
CA GLU B 121 36.36 -24.82 -17.84
C GLU B 121 36.63 -25.04 -19.32
N GLN B 122 35.97 -26.05 -19.89
CA GLN B 122 36.20 -26.41 -21.28
C GLN B 122 35.74 -25.30 -22.25
N LYS B 123 34.54 -24.75 -22.00
CA LYS B 123 33.91 -23.78 -22.90
C LYS B 123 34.54 -22.39 -22.85
N TYR B 124 35.01 -21.97 -21.68
CA TYR B 124 35.47 -20.59 -21.48
C TYR B 124 36.89 -20.44 -20.93
N GLY B 125 37.38 -21.41 -20.16
CA GLY B 125 38.71 -21.32 -19.52
C GLY B 125 39.81 -21.11 -20.55
N ALA B 126 39.53 -21.52 -21.79
CA ALA B 126 40.46 -21.36 -22.90
C ALA B 126 40.63 -19.88 -23.30
N SER B 127 39.66 -19.05 -22.96
CA SER B 127 39.64 -17.62 -23.31
C SER B 127 39.73 -16.70 -22.09
N TRP B 128 39.30 -17.21 -20.93
CA TRP B 128 39.05 -16.41 -19.75
C TRP B 128 40.31 -15.82 -19.12
N THR B 129 40.29 -14.51 -18.96
CA THR B 129 41.28 -13.82 -18.14
C THR B 129 40.55 -12.87 -17.19
N ALA B 130 41.21 -12.50 -16.10
CA ALA B 130 40.67 -11.52 -15.16
C ALA B 130 40.48 -10.15 -15.79
N GLU B 131 41.31 -9.81 -16.80
CA GLU B 131 41.22 -8.53 -17.51
C GLU B 131 40.00 -8.47 -18.41
N LYS B 132 39.79 -9.54 -19.17
CA LYS B 132 38.71 -9.58 -20.15
C LYS B 132 37.36 -9.68 -19.46
N ALA B 133 37.32 -10.41 -18.34
CA ALA B 133 36.07 -10.66 -17.64
C ALA B 133 35.58 -9.43 -16.86
N ILE B 134 36.49 -8.78 -16.12
CA ILE B 134 36.16 -7.55 -15.41
C ILE B 134 35.88 -6.42 -16.37
N ALA B 135 36.51 -6.47 -17.54
CA ALA B 135 36.30 -5.43 -18.52
C ALA B 135 34.99 -5.58 -19.27
N GLN B 136 34.55 -6.82 -19.50
CA GLN B 136 33.30 -7.04 -20.25
C GLN B 136 32.09 -6.60 -19.44
N LEU B 137 32.11 -6.91 -18.15
CA LEU B 137 31.00 -6.57 -17.27
C LEU B 137 30.93 -5.05 -17.11
N ASN B 138 32.10 -4.43 -17.03
CA ASN B 138 32.23 -3.00 -16.92
C ASN B 138 31.83 -2.28 -18.19
N SER B 139 32.57 -2.53 -19.27
CA SER B 139 32.42 -1.72 -20.49
C SER B 139 31.10 -1.96 -21.18
N LYS B 140 30.65 -3.20 -21.25
CA LYS B 140 29.43 -3.47 -21.98
C LYS B 140 28.18 -3.28 -21.13
N TYR B 141 28.28 -3.53 -19.82
CA TYR B 141 27.09 -3.65 -18.97
C TYR B 141 27.01 -2.73 -17.75
N GLY B 142 28.11 -2.07 -17.41
CA GLY B 142 28.11 -1.09 -16.33
C GLY B 142 28.21 -1.76 -14.97
N LYS B 143 28.44 -3.07 -14.98
CA LYS B 143 28.64 -3.80 -13.76
C LYS B 143 30.14 -3.83 -13.40
N LYS B 144 30.48 -3.29 -12.23
CA LYS B 144 31.88 -3.16 -11.79
C LYS B 144 32.19 -4.14 -10.65
N VAL B 145 32.94 -5.19 -10.97
CA VAL B 145 33.31 -6.19 -9.98
C VAL B 145 34.83 -6.19 -9.75
N LEU B 146 35.24 -6.42 -8.50
CA LEU B 146 36.66 -6.63 -8.13
C LEU B 146 37.53 -5.38 -8.12
N ILE B 147 37.63 -4.76 -9.30
CA ILE B 147 38.30 -3.48 -9.46
C ILE B 147 37.35 -2.54 -10.18
N ASN B 148 36.95 -1.46 -9.51
CA ASN B 148 36.11 -0.45 -10.17
C ASN B 148 36.93 0.59 -10.93
N LEU B 149 36.75 0.57 -12.26
CA LEU B 149 37.40 1.49 -13.20
C LEU B 149 36.32 2.37 -13.87
N PHE B 150 36.48 3.69 -13.76
CA PHE B 150 35.53 4.61 -14.42
C PHE B 150 36.12 5.95 -14.91
N VAL B 151 35.50 6.50 -15.96
CA VAL B 151 35.79 7.84 -16.46
C VAL B 151 34.98 8.87 -15.66
N GLY B 152 35.67 9.81 -15.01
CA GLY B 152 35.00 10.87 -14.25
C GLY B 152 35.73 12.21 -14.27
N THR B 153 35.13 13.19 -13.62
CA THR B 153 35.69 14.52 -13.52
C THR B 153 36.91 14.50 -12.62
N ASP B 154 38.06 14.82 -13.22
CA ASP B 154 39.32 15.04 -12.54
C ASP B 154 39.08 16.03 -11.40
N ASP B 155 39.17 15.56 -10.17
CA ASP B 155 38.92 16.44 -9.04
C ASP B 155 39.76 17.72 -9.08
N LYS B 156 40.97 17.63 -9.64
CA LYS B 156 41.94 18.76 -9.63
C LYS B 156 41.92 19.57 -10.93
N ASN B 157 41.40 18.96 -11.99
CA ASN B 157 41.32 19.60 -13.29
C ASN B 157 39.86 19.48 -13.81
N SER B 158 38.98 20.27 -13.19
CA SER B 158 37.51 20.12 -13.34
C SER B 158 36.96 20.43 -14.71
N VAL B 159 37.80 20.95 -15.60
CA VAL B 159 37.40 21.08 -16.99
C VAL B 159 37.43 19.70 -17.69
N ASN B 160 38.17 18.76 -17.11
CA ASN B 160 38.51 17.48 -17.79
C ASN B 160 38.09 16.19 -17.08
N HIS B 161 38.02 15.11 -17.87
CA HIS B 161 37.77 13.77 -17.32
C HIS B 161 39.03 12.89 -17.28
N VAL B 162 39.28 12.27 -16.13
CA VAL B 162 40.28 11.20 -16.02
C VAL B 162 39.69 9.83 -15.72
N ILE B 163 40.41 8.79 -16.10
CA ILE B 163 40.14 7.45 -15.62
C ILE B 163 40.41 7.39 -14.11
N HIS B 164 39.60 6.58 -13.41
CA HIS B 164 39.69 6.41 -11.97
C HIS B 164 39.73 4.91 -11.63
N ILE B 165 40.42 4.56 -10.54
CA ILE B 165 40.42 3.19 -10.03
C ILE B 165 40.01 3.25 -8.58
N ASP B 166 39.01 2.45 -8.20
CA ASP B 166 38.49 2.42 -6.84
C ASP B 166 37.99 1.02 -6.52
N GLN B 167 37.85 0.74 -5.23
CA GLN B 167 37.25 -0.49 -4.73
C GLN B 167 35.79 -0.62 -5.20
N PRO B 168 35.32 -1.86 -5.44
CA PRO B 168 33.98 -2.02 -6.02
C PRO B 168 32.90 -1.99 -4.93
N ARG B 169 31.64 -1.94 -5.35
CA ARG B 169 30.52 -2.15 -4.41
C ARG B 169 30.36 -3.64 -4.13
N LEU B 170 29.67 -3.96 -3.04
CA LEU B 170 29.41 -5.35 -2.64
C LEU B 170 27.94 -5.76 -2.81
N GLY B 171 27.72 -7.06 -2.98
CA GLY B 171 26.36 -7.60 -3.06
C GLY B 171 25.45 -7.26 -1.89
N LEU B 172 26.02 -7.22 -0.69
CA LEU B 172 25.30 -6.80 0.50
C LEU B 172 25.55 -5.29 0.67
N PRO B 173 24.74 -4.59 1.53
CA PRO B 173 24.75 -3.11 1.61
C PRO B 173 26.08 -2.42 2.04
N SER B 174 26.69 -2.87 3.13
CA SER B 174 28.01 -2.38 3.50
C SER B 174 28.90 -3.56 3.91
N ARG B 175 30.20 -3.31 3.96
CA ARG B 175 31.16 -4.33 4.39
C ARG B 175 30.76 -4.97 5.71
N ASP B 176 30.23 -4.14 6.62
CA ASP B 176 29.76 -4.59 7.94
C ASP B 176 28.95 -5.87 7.87
N TYR B 177 28.14 -6.00 6.82
CA TYR B 177 27.21 -7.11 6.70
C TYR B 177 27.94 -8.46 6.69
N TYR B 178 29.10 -8.49 6.04
CA TYR B 178 29.89 -9.72 5.88
C TYR B 178 30.46 -10.30 7.19
N GLU B 179 30.24 -9.61 8.31
CA GLU B 179 30.44 -10.17 9.64
C GLU B 179 29.62 -11.45 9.77
N CYS B 180 28.38 -11.38 9.29
CA CYS B 180 27.46 -12.50 9.24
C CYS B 180 26.96 -13.01 10.57
N THR B 181 27.14 -12.24 11.63
CA THR B 181 26.57 -12.63 12.92
C THR B 181 25.54 -11.61 13.36
N GLY B 182 24.84 -11.89 14.44
CA GLY B 182 23.85 -10.99 14.99
C GLY B 182 22.90 -10.50 13.92
N ILE B 183 22.78 -9.16 13.85
CA ILE B 183 21.82 -8.50 12.98
C ILE B 183 22.04 -8.80 11.50
N TYR B 184 23.21 -9.31 11.17
CA TYR B 184 23.60 -9.56 9.79
C TYR B 184 23.43 -11.00 9.32
N LYS B 185 23.12 -11.93 10.21
CA LYS B 185 23.05 -13.35 9.85
C LYS B 185 21.95 -13.66 8.82
N GLU B 186 20.75 -13.11 9.03
CA GLU B 186 19.64 -13.36 8.13
C GLU B 186 19.95 -12.85 6.71
N ALA B 187 20.56 -11.68 6.63
CA ALA B 187 21.01 -11.13 5.35
C ALA B 187 22.03 -12.06 4.67
N CYS B 188 22.96 -12.57 5.47
CA CYS B 188 23.96 -13.51 4.98
C CYS B 188 23.33 -14.81 4.50
N THR B 189 22.47 -15.39 5.32
CA THR B 189 21.69 -16.58 4.94
C THR B 189 20.80 -16.40 3.69
N ALA B 190 20.08 -15.29 3.62
CA ALA B 190 19.20 -15.08 2.48
C ALA B 190 19.97 -14.80 1.18
N TYR B 191 21.16 -14.23 1.32
CA TYR B 191 22.01 -13.89 0.17
C TYR B 191 22.54 -15.15 -0.52
N VAL B 192 23.01 -16.10 0.28
CA VAL B 192 23.50 -17.38 -0.23
C VAL B 192 22.35 -18.25 -0.73
N ASP B 193 21.25 -18.30 0.02
CA ASP B 193 20.05 -18.97 -0.44
C ASP B 193 19.60 -18.42 -1.79
N PHE B 194 19.73 -17.10 -1.94
CA PHE B 194 19.39 -16.40 -3.17
C PHE B 194 20.28 -16.89 -4.33
N MET B 195 21.60 -16.87 -4.11
CA MET B 195 22.54 -17.38 -5.10
C MET B 195 22.10 -18.75 -5.56
N ILE B 196 21.76 -19.60 -4.59
CA ILE B 196 21.40 -20.98 -4.85
C ILE B 196 20.13 -21.09 -5.68
N SER B 197 19.12 -20.32 -5.28
CA SER B 197 17.81 -20.37 -5.91
C SER B 197 17.89 -20.08 -7.38
N VAL B 198 18.71 -19.08 -7.71
CA VAL B 198 18.81 -18.58 -9.08
C VAL B 198 19.62 -19.57 -9.91
N ALA B 199 20.75 -19.98 -9.38
CA ALA B 199 21.54 -21.08 -9.91
C ALA B 199 20.66 -22.31 -10.14
N ARG B 200 19.91 -22.71 -9.12
CA ARG B 200 18.97 -23.81 -9.28
C ARG B 200 18.00 -23.54 -10.43
N LEU B 201 17.41 -22.34 -10.51
CA LEU B 201 16.45 -22.06 -11.58
C LEU B 201 17.06 -22.07 -12.98
N ILE B 202 18.28 -21.55 -13.11
CA ILE B 202 18.94 -21.52 -14.41
C ILE B 202 19.23 -22.95 -14.90
N ARG B 203 19.80 -23.79 -14.04
CA ARG B 203 20.02 -25.20 -14.37
C ARG B 203 18.75 -25.87 -14.86
N GLN B 204 17.68 -25.76 -14.06
CA GLN B 204 16.41 -26.35 -14.44
C GLN B 204 15.99 -25.94 -15.85
N GLU B 205 16.05 -24.66 -16.14
CA GLU B 205 15.63 -24.18 -17.46
C GLU B 205 16.54 -24.69 -18.60
N GLU B 206 17.83 -24.87 -18.34
CA GLU B 206 18.76 -25.51 -19.29
C GLU B 206 18.52 -27.01 -19.40
N ARG B 207 17.79 -27.58 -18.45
CA ARG B 207 17.51 -29.04 -18.34
C ARG B 207 18.67 -29.87 -17.80
N LEU B 208 19.69 -29.20 -17.25
CA LEU B 208 20.87 -29.84 -16.69
C LEU B 208 20.57 -30.56 -15.37
N PRO B 209 21.45 -31.52 -14.98
CA PRO B 209 21.39 -32.14 -13.66
C PRO B 209 21.67 -31.15 -12.52
N ILE B 210 21.18 -31.47 -11.33
CA ILE B 210 21.39 -30.65 -10.16
C ILE B 210 21.89 -31.47 -8.97
N ASP B 211 23.08 -31.11 -8.51
CA ASP B 211 23.61 -31.66 -7.28
C ASP B 211 23.50 -30.55 -6.23
N GLU B 212 22.50 -30.67 -5.36
CA GLU B 212 22.25 -29.63 -4.37
C GLU B 212 23.45 -29.29 -3.46
N ASN B 213 24.35 -30.24 -3.27
CA ASN B 213 25.58 -30.00 -2.49
C ASN B 213 26.62 -29.21 -3.24
N GLN B 214 26.70 -29.46 -4.54
CA GLN B 214 27.58 -28.69 -5.42
C GLN B 214 27.05 -27.29 -5.57
N LEU B 215 25.72 -27.16 -5.59
CA LEU B 215 25.09 -25.86 -5.62
C LEU B 215 25.47 -25.10 -4.36
N ALA B 216 25.16 -25.69 -3.19
CA ALA B 216 25.51 -25.12 -1.88
C ALA B 216 26.99 -24.79 -1.75
N LEU B 217 27.84 -25.76 -2.06
CA LEU B 217 29.29 -25.60 -1.90
C LEU B 217 29.87 -24.45 -2.74
N GLU B 218 29.45 -24.36 -4.01
CA GLU B 218 29.97 -23.34 -4.92
C GLU B 218 29.60 -21.91 -4.51
N MET B 219 28.35 -21.73 -4.07
CA MET B 219 27.85 -20.41 -3.72
C MET B 219 28.39 -19.99 -2.38
N ASN B 220 28.50 -20.94 -1.45
CA ASN B 220 29.11 -20.62 -0.17
C ASN B 220 30.56 -20.20 -0.33
N LYS B 221 31.19 -20.69 -1.40
CA LYS B 221 32.56 -20.29 -1.73
C LYS B 221 32.61 -18.87 -2.29
N VAL B 222 31.62 -18.53 -3.12
CA VAL B 222 31.41 -17.15 -3.59
C VAL B 222 31.32 -16.20 -2.38
N MET B 223 30.60 -16.64 -1.34
CA MET B 223 30.47 -15.88 -0.11
C MET B 223 31.81 -15.68 0.59
N GLU B 224 32.67 -16.70 0.50
CA GLU B 224 33.96 -16.65 1.18
C GLU B 224 34.87 -15.65 0.48
N LEU B 225 34.82 -15.66 -0.85
CA LEU B 225 35.53 -14.68 -1.66
C LEU B 225 35.07 -13.26 -1.34
N GLU B 226 33.74 -13.05 -1.30
CA GLU B 226 33.23 -11.71 -1.14
C GLU B 226 33.48 -11.23 0.28
N LYS B 227 33.31 -12.14 1.25
CA LYS B 227 33.67 -11.83 2.64
C LYS B 227 35.10 -11.28 2.70
N GLU B 228 36.02 -11.92 1.99
CA GLU B 228 37.41 -11.48 1.96
C GLU B 228 37.57 -10.13 1.28
N ILE B 229 36.96 -9.95 0.12
CA ILE B 229 36.96 -8.67 -0.60
C ILE B 229 36.33 -7.55 0.24
N ALA B 230 35.19 -7.85 0.88
CA ALA B 230 34.53 -6.87 1.74
C ALA B 230 35.56 -6.37 2.74
N ASN B 231 36.21 -7.31 3.42
CA ASN B 231 37.25 -7.03 4.41
C ASN B 231 38.42 -6.19 3.86
N ALA B 232 38.76 -6.40 2.59
CA ALA B 232 39.83 -5.66 1.93
C ALA B 232 39.52 -4.19 1.59
N THR B 233 38.24 -3.80 1.69
CA THR B 233 37.81 -2.44 1.26
C THR B 233 38.01 -1.43 2.36
N ALA B 234 38.31 -0.21 1.96
CA ALA B 234 38.43 0.92 2.90
C ALA B 234 37.07 1.31 3.48
N LYS B 235 37.02 1.49 4.80
CA LYS B 235 35.86 2.05 5.49
C LYS B 235 35.60 3.50 5.05
N PRO B 236 34.33 3.94 5.08
CA PRO B 236 33.93 5.30 4.68
C PRO B 236 34.57 6.44 5.52
N GLU B 237 34.73 6.23 6.84
CA GLU B 237 35.59 7.09 7.70
C GLU B 237 36.93 7.38 7.03
N ASP B 238 37.54 6.34 6.48
CA ASP B 238 38.87 6.47 5.90
C ASP B 238 38.79 6.75 4.39
N ARG B 239 37.72 7.41 3.95
CA ARG B 239 37.56 7.79 2.52
C ARG B 239 36.94 9.18 2.36
N ASN B 240 36.66 9.83 3.49
CA ASN B 240 35.89 11.08 3.50
C ASN B 240 36.71 12.36 3.21
N ASP B 241 38.04 12.29 3.30
CA ASP B 241 38.93 13.41 2.96
C ASP B 241 39.42 13.25 1.52
N PRO B 242 38.93 14.11 0.60
CA PRO B 242 39.26 13.95 -0.81
C PRO B 242 40.69 14.41 -1.15
N MET B 243 41.39 14.99 -0.18
CA MET B 243 42.79 15.35 -0.34
C MET B 243 43.65 14.08 -0.34
N LEU B 244 43.54 13.31 0.74
CA LEU B 244 44.17 12.01 0.86
C LEU B 244 43.66 10.98 -0.15
N LEU B 245 42.36 11.03 -0.49
CA LEU B 245 41.82 10.12 -1.49
C LEU B 245 42.43 10.33 -2.86
N TYR B 246 42.65 11.59 -3.24
CA TYR B 246 43.21 11.89 -4.56
C TYR B 246 44.65 11.36 -4.67
N ASN B 247 44.86 10.42 -5.60
CA ASN B 247 46.19 9.86 -5.89
C ASN B 247 46.43 9.65 -7.40
N LYS B 248 46.98 10.66 -8.06
CA LYS B 248 47.26 10.59 -9.51
C LYS B 248 48.46 9.66 -9.77
N MET B 249 48.40 8.95 -10.89
CA MET B 249 49.41 7.99 -11.30
C MET B 249 49.28 7.66 -12.78
N THR B 250 50.38 7.23 -13.38
CA THR B 250 50.34 6.72 -14.74
C THR B 250 49.99 5.25 -14.61
N LEU B 251 49.55 4.65 -15.71
CA LEU B 251 49.31 3.22 -15.71
C LEU B 251 50.59 2.48 -15.34
N ALA B 252 51.73 3.12 -15.63
CA ALA B 252 53.05 2.59 -15.32
C ALA B 252 53.21 2.31 -13.82
N GLN B 253 53.18 3.38 -13.04
CA GLN B 253 53.51 3.33 -11.61
C GLN B 253 52.50 2.56 -10.74
N ILE B 254 51.28 2.40 -11.28
CA ILE B 254 50.29 1.46 -10.74
C ILE B 254 50.71 0.03 -11.09
N GLN B 255 51.07 -0.19 -12.36
CA GLN B 255 51.47 -1.52 -12.85
C GLN B 255 52.71 -2.08 -12.12
N ASN B 256 53.22 -1.31 -11.17
CA ASN B 256 54.36 -1.67 -10.35
C ASN B 256 53.99 -1.70 -8.87
N ASN B 257 53.39 -0.60 -8.38
CA ASN B 257 52.85 -0.53 -7.01
C ASN B 257 51.74 -1.53 -6.73
N PHE B 258 50.99 -1.88 -7.78
CA PHE B 258 49.79 -2.67 -7.62
C PHE B 258 49.73 -3.82 -8.62
N SER B 259 50.67 -4.75 -8.42
CA SER B 259 50.73 -6.01 -9.16
C SER B 259 49.59 -6.92 -8.69
N LEU B 260 49.05 -7.70 -9.62
CA LEU B 260 48.04 -8.69 -9.25
C LEU B 260 48.22 -9.97 -10.03
N GLU B 261 48.45 -11.06 -9.32
CA GLU B 261 48.44 -12.36 -9.95
C GLU B 261 47.12 -13.06 -9.60
N ILE B 262 46.36 -13.33 -10.65
CA ILE B 262 45.05 -13.95 -10.53
C ILE B 262 45.07 -15.12 -11.49
N ASN B 263 44.77 -16.32 -10.97
CA ASN B 263 44.76 -17.50 -11.82
C ASN B 263 46.18 -17.82 -12.32
N GLY B 264 47.17 -17.11 -11.75
CA GLY B 264 48.52 -17.05 -12.28
C GLY B 264 48.55 -16.32 -13.61
N LYS B 265 48.87 -15.02 -13.60
CA LYS B 265 48.88 -14.25 -14.86
C LYS B 265 50.14 -13.38 -15.21
N PRO B 266 50.45 -12.35 -14.41
CA PRO B 266 49.62 -11.61 -13.48
C PRO B 266 48.87 -10.53 -14.29
N PHE B 267 48.31 -9.54 -13.60
CA PHE B 267 47.39 -8.57 -14.20
C PHE B 267 48.08 -7.56 -15.13
N SER B 268 47.49 -7.32 -16.29
CA SER B 268 47.92 -6.23 -17.18
C SER B 268 46.95 -5.04 -17.15
N TRP B 269 47.20 -4.15 -16.20
CA TRP B 269 46.43 -2.94 -16.02
C TRP B 269 46.20 -2.22 -17.33
N LEU B 270 47.26 -2.07 -18.11
CA LEU B 270 47.21 -1.41 -19.41
C LEU B 270 46.38 -2.20 -20.43
N ASN B 271 46.42 -3.53 -20.32
CA ASN B 271 45.63 -4.42 -21.17
C ASN B 271 44.16 -4.41 -20.72
N PHE B 272 43.97 -4.29 -19.40
CA PHE B 272 42.66 -4.18 -18.78
C PHE B 272 41.94 -2.92 -19.28
N THR B 273 42.60 -1.77 -19.16
CA THR B 273 42.06 -0.50 -19.66
C THR B 273 41.61 -0.57 -21.12
N ASN B 274 42.51 -0.93 -22.04
CA ASN B 274 42.17 -0.98 -23.48
C ASN B 274 41.07 -1.97 -23.81
N GLU B 275 40.91 -2.97 -22.94
CA GLU B 275 39.81 -3.90 -23.03
C GLU B 275 38.49 -3.15 -22.85
N ILE B 276 38.41 -2.33 -21.80
CA ILE B 276 37.29 -1.40 -21.59
C ILE B 276 37.28 -0.31 -22.66
N MET B 277 38.41 0.38 -22.76
CA MET B 277 38.53 1.62 -23.53
C MET B 277 38.32 1.47 -25.02
N SER B 278 38.61 0.28 -25.54
CA SER B 278 38.40 0.02 -26.96
C SER B 278 36.94 0.08 -27.37
N THR B 279 36.04 0.14 -26.40
CA THR B 279 34.60 0.06 -26.72
C THR B 279 34.07 1.36 -27.34
N VAL B 280 34.86 2.42 -27.30
CA VAL B 280 34.54 3.65 -28.05
C VAL B 280 35.80 4.23 -28.75
N ASN B 281 36.61 3.36 -29.35
CA ASN B 281 37.81 3.74 -30.11
C ASN B 281 38.74 4.72 -29.39
N ILE B 282 39.07 4.41 -28.14
CA ILE B 282 40.05 5.22 -27.42
C ILE B 282 41.19 4.34 -26.89
N SER B 283 42.17 4.03 -27.74
CA SER B 283 43.31 3.24 -27.32
C SER B 283 44.19 4.06 -26.37
N ILE B 284 44.78 3.37 -25.38
CA ILE B 284 45.44 3.98 -24.21
C ILE B 284 46.87 3.46 -24.05
N THR B 285 47.75 4.28 -23.47
CA THR B 285 49.16 3.92 -23.28
C THR B 285 49.52 4.00 -21.80
N ASN B 286 50.74 3.56 -21.45
CA ASN B 286 51.21 3.59 -20.07
C ASN B 286 51.37 5.04 -19.58
N GLU B 287 51.42 5.98 -20.53
CA GLU B 287 51.56 7.41 -20.20
C GLU B 287 50.26 8.09 -19.83
N GLU B 288 49.15 7.35 -19.96
CA GLU B 288 47.85 7.80 -19.48
C GLU B 288 47.87 7.99 -17.97
N ASP B 289 47.36 9.12 -17.53
CA ASP B 289 47.11 9.32 -16.12
C ASP B 289 45.79 8.66 -15.70
N VAL B 290 45.64 8.48 -14.39
CA VAL B 290 44.60 7.66 -13.76
C VAL B 290 44.56 8.06 -12.29
N VAL B 291 43.39 8.45 -11.80
CA VAL B 291 43.27 8.71 -10.36
C VAL B 291 43.00 7.38 -9.66
N VAL B 292 43.48 7.24 -8.43
CA VAL B 292 43.35 6.00 -7.69
C VAL B 292 42.85 6.36 -6.31
N TYR B 293 41.62 5.93 -5.99
CA TYR B 293 41.03 6.19 -4.66
C TYR B 293 41.31 5.10 -3.65
N ALA B 294 41.51 3.89 -4.15
CA ALA B 294 41.69 2.72 -3.30
C ALA B 294 43.10 2.15 -3.48
N PRO B 295 44.11 2.80 -2.85
CA PRO B 295 45.46 2.25 -3.07
C PRO B 295 45.60 0.96 -2.27
N GLU B 296 45.20 1.02 -1.00
CA GLU B 296 45.37 -0.06 -0.08
C GLU B 296 44.51 -1.24 -0.47
N TYR B 297 43.27 -0.99 -0.86
CA TYR B 297 42.42 -2.08 -1.28
C TYR B 297 43.16 -2.93 -2.33
N LEU B 298 43.72 -2.28 -3.35
CA LEU B 298 44.49 -2.97 -4.38
C LEU B 298 45.66 -3.75 -3.80
N THR B 299 46.26 -3.21 -2.75
CA THR B 299 47.33 -3.90 -2.03
C THR B 299 46.75 -5.15 -1.37
N LYS B 300 45.79 -4.96 -0.46
CA LYS B 300 45.19 -6.03 0.35
C LYS B 300 44.65 -7.18 -0.48
N LEU B 301 44.43 -6.86 -1.76
CA LEU B 301 43.77 -7.70 -2.71
C LEU B 301 44.70 -8.77 -3.25
N LYS B 302 45.98 -8.42 -3.33
CA LYS B 302 47.03 -9.27 -3.93
C LYS B 302 47.03 -10.71 -3.37
N PRO B 303 47.24 -10.86 -2.04
CA PRO B 303 47.10 -12.19 -1.45
C PRO B 303 45.75 -12.85 -1.77
N ILE B 304 44.66 -12.17 -1.44
CA ILE B 304 43.31 -12.71 -1.59
C ILE B 304 43.11 -13.41 -2.93
N LEU B 305 43.39 -12.70 -4.02
CA LEU B 305 43.07 -13.16 -5.36
C LEU B 305 43.98 -14.24 -5.93
N THR B 306 45.05 -14.60 -5.24
CA THR B 306 45.91 -15.67 -5.72
C THR B 306 45.26 -17.01 -5.41
N LYS B 307 44.62 -17.09 -4.24
CA LYS B 307 44.02 -18.30 -3.70
C LYS B 307 42.82 -18.88 -4.47
N TYR B 308 42.29 -18.11 -5.42
CA TYR B 308 41.00 -18.44 -6.02
C TYR B 308 41.19 -18.86 -7.45
N SER B 309 40.29 -19.71 -7.93
CA SER B 309 40.35 -20.19 -9.30
C SER B 309 39.51 -19.30 -10.19
N ALA B 310 39.78 -19.34 -11.49
CA ALA B 310 38.92 -18.68 -12.49
C ALA B 310 37.45 -19.01 -12.17
N ARG B 311 37.12 -20.29 -12.19
CA ARG B 311 35.77 -20.79 -11.86
C ARG B 311 35.15 -20.03 -10.68
N ASP B 312 35.93 -19.87 -9.62
CA ASP B 312 35.48 -19.18 -8.43
C ASP B 312 35.22 -17.69 -8.67
N LEU B 313 36.12 -17.03 -9.37
CA LEU B 313 35.97 -15.61 -9.66
C LEU B 313 34.76 -15.37 -10.57
N GLN B 314 34.67 -16.12 -11.66
CA GLN B 314 33.56 -15.93 -12.59
C GLN B 314 32.22 -16.22 -11.92
N ASN B 315 32.22 -17.14 -10.94
CA ASN B 315 31.04 -17.38 -10.12
C ASN B 315 30.57 -16.14 -9.36
N LEU B 316 31.50 -15.43 -8.73
CA LEU B 316 31.13 -14.20 -8.02
C LEU B 316 30.72 -13.10 -8.99
N MET B 317 31.54 -12.88 -10.00
CA MET B 317 31.39 -11.75 -10.92
C MET B 317 30.10 -11.80 -11.72
N SER B 318 29.79 -12.97 -12.28
CA SER B 318 28.55 -13.16 -13.00
C SER B 318 27.33 -13.02 -12.09
N TRP B 319 27.46 -13.54 -10.86
CA TRP B 319 26.36 -13.43 -9.91
C TRP B 319 26.03 -11.95 -9.64
N ARG B 320 27.08 -11.12 -9.56
CA ARG B 320 26.93 -9.72 -9.19
C ARG B 320 26.14 -8.95 -10.24
N PHE B 321 26.12 -9.46 -11.48
CA PHE B 321 25.31 -8.89 -12.54
C PHE B 321 23.94 -9.52 -12.51
N ILE B 322 23.93 -10.84 -12.38
CA ILE B 322 22.70 -11.66 -12.41
C ILE B 322 21.71 -11.25 -11.32
N MET B 323 22.23 -10.89 -10.15
CA MET B 323 21.47 -10.28 -9.05
C MET B 323 20.53 -9.16 -9.50
N ASP B 324 21.04 -8.31 -10.38
CA ASP B 324 20.31 -7.13 -10.84
C ASP B 324 19.20 -7.48 -11.81
N LEU B 325 19.41 -8.48 -12.67
CA LEU B 325 18.53 -8.73 -13.81
C LEU B 325 17.33 -9.61 -13.47
N VAL B 326 17.42 -10.25 -12.32
CA VAL B 326 16.48 -11.27 -11.95
C VAL B 326 15.08 -10.70 -11.80
N SER B 327 14.96 -9.46 -11.30
CA SER B 327 13.63 -8.88 -11.07
C SER B 327 13.04 -8.38 -12.38
N SER B 328 13.76 -8.66 -13.46
CA SER B 328 13.38 -8.31 -14.83
C SER B 328 13.00 -9.53 -15.67
N LEU B 329 12.83 -10.68 -15.03
CA LEU B 329 12.48 -11.90 -15.74
C LEU B 329 11.09 -12.33 -15.30
N SER B 330 10.71 -13.57 -15.58
CA SER B 330 9.38 -14.08 -15.22
C SER B 330 9.20 -14.19 -13.71
N ARG B 331 7.93 -14.24 -13.30
CA ARG B 331 7.54 -14.27 -11.89
C ARG B 331 8.45 -15.16 -11.04
N THR B 332 8.84 -16.29 -11.62
CA THR B 332 9.60 -17.32 -10.95
C THR B 332 10.95 -16.81 -10.49
N TYR B 333 11.63 -16.11 -11.38
CA TYR B 333 12.85 -15.42 -11.04
C TYR B 333 12.61 -14.29 -10.05
N LYS B 334 11.57 -13.49 -10.28
CA LYS B 334 11.23 -12.36 -9.40
C LYS B 334 11.08 -12.82 -7.96
N GLU B 335 10.36 -13.93 -7.77
CA GLU B 335 10.15 -14.55 -6.46
C GLU B 335 11.43 -15.04 -5.77
N SER B 336 12.43 -15.44 -6.54
CA SER B 336 13.68 -15.92 -5.94
C SER B 336 14.40 -14.88 -5.04
N ARG B 337 14.00 -13.62 -5.15
CA ARG B 337 14.68 -12.53 -4.44
C ARG B 337 13.95 -12.16 -3.14
N ASN B 338 12.76 -12.73 -2.94
CA ASN B 338 11.86 -12.34 -1.84
C ASN B 338 12.56 -12.18 -0.51
N ALA B 339 13.13 -13.27 -0.01
CA ALA B 339 13.76 -13.29 1.30
C ALA B 339 14.95 -12.33 1.37
N PHE B 340 15.69 -12.22 0.27
CA PHE B 340 16.79 -11.27 0.19
C PHE B 340 16.37 -9.81 0.44
N ARG B 341 15.41 -9.28 -0.32
CA ARG B 341 15.02 -7.88 -0.04
C ARG B 341 14.38 -7.70 1.32
N LYS B 342 13.75 -8.77 1.81
CA LYS B 342 13.18 -8.74 3.15
C LYS B 342 14.26 -8.48 4.19
N ALA B 343 15.39 -9.18 4.05
CA ALA B 343 16.53 -9.02 4.94
C ALA B 343 17.15 -7.63 4.83
N LEU B 344 17.15 -7.04 3.63
CA LEU B 344 17.83 -5.77 3.37
C LEU B 344 16.95 -4.53 3.50
N TYR B 345 15.65 -4.69 3.22
CA TYR B 345 14.73 -3.56 3.25
C TYR B 345 13.46 -3.84 4.03
N GLY B 346 13.30 -5.05 4.56
CA GLY B 346 12.11 -5.39 5.34
C GLY B 346 10.77 -5.45 4.62
N THR B 347 10.78 -5.17 3.32
CA THR B 347 9.57 -5.17 2.48
C THR B 347 9.11 -6.57 2.07
N THR B 348 7.81 -6.76 2.05
CA THR B 348 7.29 -8.10 1.87
C THR B 348 6.80 -8.32 0.46
N SER B 349 7.06 -7.36 -0.43
CA SER B 349 6.45 -7.36 -1.73
C SER B 349 7.13 -6.31 -2.61
N GLU B 350 7.17 -6.54 -3.92
CA GLU B 350 7.72 -5.52 -4.78
C GLU B 350 6.72 -4.41 -5.07
N THR B 351 7.24 -3.21 -5.30
CA THR B 351 6.42 -2.06 -5.54
C THR B 351 5.65 -2.25 -6.86
N ALA B 352 4.45 -1.71 -6.96
CA ALA B 352 3.61 -1.86 -8.17
C ALA B 352 4.39 -1.83 -9.48
N THR B 353 4.08 -2.76 -10.39
CA THR B 353 4.82 -2.82 -11.66
C THR B 353 4.91 -1.45 -12.31
N TRP B 354 3.77 -0.79 -12.50
CA TRP B 354 3.74 0.52 -13.12
C TRP B 354 4.61 1.59 -12.42
N ARG B 355 4.70 1.54 -11.08
CA ARG B 355 5.63 2.43 -10.34
C ARG B 355 7.10 2.17 -10.67
N ARG B 356 7.55 0.91 -10.57
CA ARG B 356 8.91 0.57 -10.98
C ARG B 356 9.16 1.07 -12.41
N CYS B 357 8.21 0.85 -13.30
CA CYS B 357 8.39 1.20 -14.72
C CYS B 357 8.55 2.67 -15.00
N ALA B 358 7.70 3.46 -14.35
CA ALA B 358 7.76 4.91 -14.41
C ALA B 358 9.09 5.41 -13.90
N ASN B 359 9.60 4.84 -12.80
CA ASN B 359 10.92 5.24 -12.29
C ASN B 359 12.01 4.86 -13.25
N TYR B 360 11.88 3.66 -13.81
CA TYR B 360 12.95 3.11 -14.63
C TYR B 360 13.17 3.92 -15.92
N VAL B 361 12.09 4.29 -16.60
CA VAL B 361 12.19 5.09 -17.81
C VAL B 361 12.54 6.53 -17.47
N ASN B 362 12.10 7.03 -16.30
CA ASN B 362 12.56 8.33 -15.80
C ASN B 362 14.08 8.34 -15.60
N GLY B 363 14.61 7.25 -15.05
CA GLY B 363 16.04 7.14 -14.79
C GLY B 363 16.87 6.97 -16.03
N ASN B 364 16.27 6.47 -17.10
CA ASN B 364 17.01 6.26 -18.35
C ASN B 364 16.78 7.34 -19.41
N MET B 365 15.61 8.00 -19.36
CA MET B 365 15.29 9.07 -20.29
C MET B 365 14.77 10.26 -19.52
N GLU B 366 15.65 10.81 -18.68
CA GLU B 366 15.28 11.88 -17.77
C GLU B 366 14.78 13.16 -18.46
N ASN B 367 15.30 13.43 -19.66
CA ASN B 367 14.93 14.66 -20.34
C ASN B 367 13.55 14.55 -21.00
N ALA B 368 13.31 13.42 -21.68
CA ALA B 368 12.01 13.16 -22.26
C ALA B 368 10.90 13.09 -21.19
N VAL B 369 11.19 12.45 -20.06
CA VAL B 369 10.20 12.34 -18.99
C VAL B 369 10.13 13.66 -18.21
N GLY B 370 11.28 14.29 -18.00
CA GLY B 370 11.33 15.64 -17.43
C GLY B 370 10.35 16.58 -18.10
N ARG B 371 10.40 16.60 -19.43
CA ARG B 371 9.52 17.42 -20.27
C ARG B 371 8.04 17.08 -20.06
N LEU B 372 7.71 15.80 -20.19
CA LEU B 372 6.37 15.32 -19.97
C LEU B 372 5.90 15.72 -18.59
N TYR B 373 6.81 15.60 -17.61
CA TYR B 373 6.54 15.96 -16.24
C TYR B 373 6.22 17.45 -16.05
N VAL B 374 7.15 18.33 -16.45
CA VAL B 374 7.01 19.75 -16.14
C VAL B 374 5.77 20.36 -16.80
N GLU B 375 5.47 19.89 -18.01
CA GLU B 375 4.25 20.27 -18.74
C GLU B 375 2.96 19.90 -18.01
N ALA B 376 2.99 18.82 -17.23
CA ALA B 376 1.81 18.35 -16.53
C ALA B 376 1.71 18.84 -15.09
N ALA B 377 2.81 19.33 -14.52
CA ALA B 377 2.81 19.56 -13.08
C ALA B 377 3.47 20.86 -12.64
N PHE B 378 4.44 21.33 -13.43
CA PHE B 378 5.28 22.44 -13.02
C PHE B 378 4.95 23.76 -13.72
N ALA B 379 4.78 24.78 -12.89
CA ALA B 379 4.36 26.10 -13.33
C ALA B 379 5.45 26.92 -14.03
N GLY B 380 6.60 27.14 -13.39
CA GLY B 380 7.65 27.88 -14.09
C GLY B 380 7.65 29.35 -13.76
N GLU B 381 6.51 29.88 -13.34
CA GLU B 381 6.52 31.16 -12.66
C GLU B 381 7.33 30.92 -11.38
N SER B 382 7.12 29.76 -10.79
CA SER B 382 7.88 29.28 -9.63
C SER B 382 9.38 29.54 -9.78
N LYS B 383 9.94 29.22 -10.95
CA LYS B 383 11.35 29.43 -11.23
C LYS B 383 11.89 30.77 -10.67
N HIS B 384 11.21 31.86 -11.00
CA HIS B 384 11.65 33.21 -10.64
C HIS B 384 11.58 33.50 -9.16
N VAL B 385 10.54 33.01 -8.51
CA VAL B 385 10.37 33.18 -7.09
C VAL B 385 11.52 32.50 -6.36
N VAL B 386 11.93 31.36 -6.89
CA VAL B 386 12.96 30.53 -6.27
C VAL B 386 14.36 31.10 -6.51
N GLU B 387 14.62 31.58 -7.73
CA GLU B 387 15.84 32.37 -8.04
C GLU B 387 16.02 33.45 -6.97
N ASP B 388 14.94 34.17 -6.70
CA ASP B 388 14.95 35.22 -5.69
C ASP B 388 15.33 34.70 -4.30
N LEU B 389 14.67 33.62 -3.89
CA LEU B 389 14.92 32.98 -2.61
C LEU B 389 16.37 32.55 -2.44
N ILE B 390 16.95 32.07 -3.55
CA ILE B 390 18.32 31.60 -3.58
C ILE B 390 19.23 32.78 -3.40
N ALA B 391 18.92 33.85 -4.13
CA ALA B 391 19.67 35.11 -4.05
C ALA B 391 19.73 35.61 -2.63
N GLN B 392 18.60 35.51 -1.93
CA GLN B 392 18.53 35.99 -0.55
C GLN B 392 19.31 35.16 0.44
N ILE B 393 19.35 33.85 0.22
CA ILE B 393 19.98 32.93 1.17
C ILE B 393 21.51 32.92 0.95
N ARG B 394 21.91 33.02 -0.32
CA ARG B 394 23.31 33.27 -0.69
C ARG B 394 23.82 34.54 -0.02
N GLU B 395 23.02 35.62 -0.07
CA GLU B 395 23.34 36.84 0.64
C GLU B 395 23.62 36.47 2.07
N VAL B 396 22.62 35.90 2.75
CA VAL B 396 22.77 35.58 4.17
C VAL B 396 24.06 34.79 4.41
N PHE B 397 24.34 33.83 3.53
CA PHE B 397 25.56 33.05 3.71
C PHE B 397 26.78 33.94 3.69
N ILE B 398 26.87 34.77 2.64
CA ILE B 398 27.99 35.70 2.45
C ILE B 398 28.17 36.57 3.70
N GLN B 399 27.08 37.15 4.19
CA GLN B 399 27.11 37.95 5.42
C GLN B 399 27.51 37.19 6.69
N THR B 400 27.25 35.88 6.74
CA THR B 400 27.60 35.07 7.94
C THR B 400 29.10 34.84 8.04
N LEU B 401 29.76 34.81 6.89
CA LEU B 401 31.20 34.74 6.81
C LEU B 401 31.91 35.79 7.68
N ASP B 402 31.24 36.92 7.95
CA ASP B 402 31.83 37.98 8.76
C ASP B 402 31.92 37.63 10.23
N ASP B 403 30.82 37.08 10.77
CA ASP B 403 30.71 36.76 12.19
C ASP B 403 31.52 35.52 12.59
N LEU B 404 32.25 34.97 11.62
CA LEU B 404 33.02 33.76 11.82
C LEU B 404 34.32 34.03 12.55
N THR B 405 34.21 34.28 13.84
CA THR B 405 35.38 34.53 14.68
C THR B 405 36.53 33.59 14.34
N TRP B 406 36.26 32.27 14.34
CA TRP B 406 37.27 31.24 14.08
C TRP B 406 37.88 31.27 12.67
N MET B 407 37.40 32.18 11.83
CA MET B 407 37.92 32.32 10.46
C MET B 407 38.83 33.55 10.28
N ASP B 408 39.66 33.53 9.23
CA ASP B 408 40.58 34.64 8.94
C ASP B 408 40.28 35.37 7.62
N ALA B 409 40.70 36.63 7.57
CA ALA B 409 40.41 37.58 6.49
C ALA B 409 40.58 37.05 5.05
N GLU B 410 41.70 36.39 4.78
CA GLU B 410 42.03 35.93 3.42
C GLU B 410 41.19 34.72 2.99
N THR B 411 40.83 33.87 3.96
CA THR B 411 39.98 32.72 3.69
C THR B 411 38.51 33.15 3.54
N LYS B 412 38.01 33.97 4.48
CA LYS B 412 36.67 34.55 4.36
C LYS B 412 36.56 35.14 2.97
N LYS B 413 37.56 35.94 2.57
CA LYS B 413 37.54 36.61 1.28
C LYS B 413 37.35 35.60 0.15
N ARG B 414 38.07 34.50 0.22
CA ARG B 414 37.92 33.44 -0.79
C ARG B 414 36.66 32.59 -0.59
N ALA B 415 36.31 32.28 0.65
CA ALA B 415 35.02 31.64 0.95
C ALA B 415 33.91 32.37 0.19
N GLU B 416 33.93 33.70 0.27
CA GLU B 416 33.00 34.58 -0.42
C GLU B 416 33.12 34.49 -1.94
N GLU B 417 34.35 34.50 -2.45
CA GLU B 417 34.59 34.36 -3.89
C GLU B 417 33.99 33.07 -4.43
N LYS B 418 33.96 32.02 -3.60
CA LYS B 418 33.37 30.74 -4.03
C LYS B 418 31.87 30.84 -3.91
N ALA B 419 31.40 31.30 -2.75
CA ALA B 419 29.99 31.58 -2.52
C ALA B 419 29.34 32.37 -3.68
N LEU B 420 29.96 33.49 -4.07
CA LEU B 420 29.43 34.34 -5.14
C LEU B 420 29.50 33.62 -6.47
N ALA B 421 30.36 32.62 -6.55
CA ALA B 421 30.59 31.95 -7.83
C ALA B 421 29.60 30.84 -8.13
N ILE B 422 28.92 30.34 -7.08
CA ILE B 422 27.99 29.21 -7.22
C ILE B 422 26.95 29.41 -8.33
N LYS B 423 26.95 28.50 -9.31
CA LYS B 423 25.87 28.45 -10.30
C LYS B 423 24.65 27.69 -9.76
N GLU B 424 23.47 28.10 -10.23
CA GLU B 424 22.23 27.51 -9.76
C GLU B 424 21.40 27.01 -10.95
N ARG B 425 20.77 25.85 -10.78
CA ARG B 425 19.86 25.29 -11.79
C ARG B 425 18.52 25.06 -11.12
N ILE B 426 17.46 25.50 -11.78
CA ILE B 426 16.15 25.56 -11.15
C ILE B 426 15.09 25.02 -12.10
N GLY B 427 14.28 24.09 -11.59
CA GLY B 427 13.18 23.53 -12.36
C GLY B 427 13.62 22.55 -13.41
N TYR B 428 14.02 23.06 -14.57
CA TYR B 428 14.38 22.22 -15.71
C TYR B 428 15.13 23.04 -16.75
N PRO B 429 15.95 22.39 -17.60
CA PRO B 429 16.53 23.15 -18.70
C PRO B 429 15.49 23.39 -19.78
N ASP B 430 15.16 24.66 -20.05
CA ASP B 430 14.20 25.02 -21.10
C ASP B 430 14.26 24.17 -22.38
N ASP B 431 15.48 23.82 -22.76
CA ASP B 431 15.76 23.00 -23.91
C ASP B 431 14.79 21.86 -24.16
N ILE B 432 14.48 21.09 -23.12
CA ILE B 432 13.71 19.87 -23.28
C ILE B 432 12.28 20.15 -23.69
N VAL B 433 11.80 21.36 -23.45
CA VAL B 433 10.51 21.74 -23.97
C VAL B 433 10.68 22.43 -25.34
N SER B 434 11.63 23.38 -25.41
CA SER B 434 11.66 24.35 -26.50
C SER B 434 12.37 23.88 -27.79
N ASN B 435 13.14 22.80 -27.68
CA ASN B 435 14.01 22.31 -28.76
C ASN B 435 13.78 20.82 -29.03
N ASP B 436 12.69 20.51 -29.73
CA ASP B 436 12.30 19.12 -30.03
C ASP B 436 13.38 18.31 -30.74
N ASN B 437 14.25 18.99 -31.47
CA ASN B 437 15.23 18.32 -32.32
C ASN B 437 16.41 17.79 -31.54
N LYS B 438 16.98 18.65 -30.68
CA LYS B 438 18.05 18.26 -29.77
C LYS B 438 17.61 17.08 -28.86
N LEU B 439 16.36 17.14 -28.40
CA LEU B 439 15.80 16.08 -27.56
C LEU B 439 15.72 14.79 -28.36
N ASN B 440 15.16 14.86 -29.57
CA ASN B 440 15.10 13.67 -30.43
C ASN B 440 16.46 13.10 -30.76
N ASN B 441 17.44 13.99 -30.92
CA ASN B 441 18.80 13.61 -31.23
C ASN B 441 19.43 12.78 -30.13
N GLU B 442 19.23 13.22 -28.88
CA GLU B 442 19.85 12.61 -27.71
C GLU B 442 19.53 11.12 -27.63
N TYR B 443 18.37 10.76 -28.14
CA TYR B 443 17.88 9.40 -28.07
C TYR B 443 17.89 8.72 -29.44
N LEU B 444 18.74 9.22 -30.34
CA LEU B 444 18.86 8.71 -31.72
C LEU B 444 19.29 7.24 -31.76
N GLU B 445 20.34 6.92 -31.03
CA GLU B 445 20.90 5.57 -31.01
C GLU B 445 19.96 4.51 -30.39
N LEU B 446 19.10 4.92 -29.47
CA LEU B 446 18.14 3.99 -28.86
C LEU B 446 17.02 3.60 -29.81
N ASN B 447 16.67 2.33 -29.77
CA ASN B 447 15.56 1.81 -30.53
C ASN B 447 14.98 0.60 -29.83
N TYR B 448 13.71 0.68 -29.40
CA TYR B 448 13.16 -0.30 -28.44
C TYR B 448 12.08 -1.19 -29.02
N LYS B 449 12.09 -2.46 -28.62
CA LYS B 449 11.01 -3.35 -29.01
C LYS B 449 9.94 -3.41 -27.92
N GLU B 450 8.69 -3.13 -28.28
CA GLU B 450 7.61 -3.09 -27.30
C GLU B 450 7.32 -4.42 -26.62
N ASP B 451 7.90 -5.51 -27.13
CA ASP B 451 7.75 -6.80 -26.44
C ASP B 451 9.07 -7.39 -26.00
N GLU B 452 10.12 -6.58 -26.04
CA GLU B 452 11.44 -7.05 -25.63
C GLU B 452 12.03 -6.16 -24.55
N TYR B 453 11.36 -6.13 -23.40
CA TYR B 453 11.79 -5.29 -22.28
C TYR B 453 13.21 -5.60 -21.85
N PHE B 454 13.54 -6.89 -21.88
CA PHE B 454 14.85 -7.29 -21.42
C PHE B 454 15.92 -6.78 -22.34
N GLU B 455 15.75 -6.97 -23.64
CA GLU B 455 16.75 -6.42 -24.57
C GLU B 455 16.89 -4.92 -24.37
N ASN B 456 15.75 -4.27 -24.09
CA ASN B 456 15.71 -2.84 -23.87
C ASN B 456 16.55 -2.39 -22.68
N ILE B 457 16.49 -3.13 -21.57
CA ILE B 457 17.27 -2.71 -20.43
C ILE B 457 18.73 -2.98 -20.73
N ILE B 458 19.00 -4.04 -21.52
CA ILE B 458 20.38 -4.34 -21.96
C ILE B 458 20.94 -3.21 -22.84
N GLN B 459 20.18 -2.86 -23.87
CA GLN B 459 20.52 -1.75 -24.77
C GLN B 459 20.82 -0.44 -24.00
N ASN B 460 20.00 -0.14 -22.98
CA ASN B 460 20.20 1.03 -22.11
C ASN B 460 21.49 0.97 -21.32
N LEU B 461 21.90 -0.26 -20.97
CA LEU B 461 23.08 -0.45 -20.12
C LEU B 461 24.31 -0.14 -20.94
N LYS B 462 24.27 -0.60 -22.19
CA LYS B 462 25.35 -0.35 -23.14
C LYS B 462 25.44 1.14 -23.46
N PHE B 463 24.31 1.72 -23.84
CA PHE B 463 24.20 3.15 -24.13
C PHE B 463 24.76 4.03 -23.01
N SER B 464 24.40 3.74 -21.75
CA SER B 464 24.83 4.58 -20.62
C SER B 464 26.32 4.45 -20.35
N GLN B 465 26.83 3.23 -20.47
CA GLN B 465 28.25 2.97 -20.26
C GLN B 465 29.11 3.58 -21.39
N SER B 466 28.70 3.35 -22.64
CA SER B 466 29.45 3.85 -23.82
C SER B 466 29.05 5.28 -24.17
N LYS B 467 28.89 6.10 -23.15
CA LYS B 467 28.48 7.48 -23.28
C LYS B 467 29.24 8.11 -22.14
N GLN B 468 29.31 7.36 -21.04
CA GLN B 468 30.21 7.71 -19.96
C GLN B 468 31.66 7.48 -20.38
N LEU B 469 31.89 6.47 -21.21
CA LEU B 469 33.27 6.17 -21.65
C LEU B 469 33.81 7.27 -22.61
N LYS B 470 33.10 7.47 -23.73
CA LYS B 470 33.52 8.45 -24.73
C LYS B 470 33.61 9.91 -24.20
N LYS B 471 33.47 10.10 -22.89
CA LYS B 471 33.61 11.42 -22.28
C LYS B 471 35.05 11.67 -21.85
N LEU B 472 35.92 10.70 -22.09
CA LEU B 472 37.31 10.80 -21.65
C LEU B 472 38.07 11.88 -22.43
N ARG B 473 38.05 11.75 -23.75
CA ARG B 473 38.67 12.75 -24.63
C ARG B 473 37.84 14.03 -24.72
N GLU B 474 36.97 14.26 -23.74
CA GLU B 474 36.04 15.39 -23.77
C GLU B 474 36.27 16.37 -22.63
N LYS B 475 35.78 17.59 -22.86
CA LYS B 475 35.71 18.60 -21.83
C LYS B 475 34.43 18.32 -21.08
N VAL B 476 34.39 18.63 -19.79
CA VAL B 476 33.12 18.68 -19.07
C VAL B 476 32.19 19.65 -19.82
N ASP B 477 30.90 19.30 -19.94
CA ASP B 477 29.92 20.17 -20.57
C ASP B 477 29.17 21.03 -19.53
N LYS B 478 29.41 22.34 -19.58
CA LYS B 478 28.91 23.32 -18.60
C LYS B 478 27.40 23.32 -18.48
N ASP B 479 26.72 23.11 -19.61
CA ASP B 479 25.25 23.07 -19.64
C ASP B 479 24.63 21.87 -18.93
N GLU B 480 25.27 20.72 -19.03
CA GLU B 480 24.72 19.47 -18.48
C GLU B 480 24.11 19.63 -17.09
N TRP B 481 22.87 19.18 -16.93
CA TRP B 481 22.24 19.10 -15.62
C TRP B 481 22.61 17.77 -14.99
N ILE B 482 22.81 17.79 -13.69
CA ILE B 482 23.19 16.58 -12.99
C ILE B 482 21.99 15.87 -12.38
N SER B 483 20.79 16.29 -12.77
CA SER B 483 19.55 15.64 -12.35
C SER B 483 18.46 15.98 -13.36
N GLY B 484 17.56 15.02 -13.56
CA GLY B 484 16.34 15.27 -14.29
C GLY B 484 15.46 16.17 -13.45
N ALA B 485 14.41 16.71 -14.06
CA ALA B 485 13.48 17.57 -13.36
C ALA B 485 12.43 16.77 -12.58
N ALA B 486 12.13 15.55 -13.03
CA ALA B 486 11.12 14.73 -12.36
C ALA B 486 11.78 13.97 -11.19
N VAL B 487 12.31 14.73 -10.24
CA VAL B 487 13.08 14.20 -9.13
C VAL B 487 12.66 14.96 -7.90
N VAL B 488 12.29 14.29 -6.81
CA VAL B 488 12.12 14.98 -5.52
C VAL B 488 13.42 14.92 -4.72
N ASN B 489 14.29 15.90 -4.94
CA ASN B 489 15.62 15.98 -4.30
C ASN B 489 16.29 17.30 -4.71
N ALA B 490 17.36 17.69 -4.02
CA ALA B 490 18.19 18.80 -4.49
C ALA B 490 19.65 18.36 -4.45
N PHE B 491 20.51 19.06 -5.15
CA PHE B 491 21.89 18.62 -5.29
C PHE B 491 22.92 19.74 -5.16
N TYR B 492 24.14 19.36 -4.78
CA TYR B 492 25.28 20.22 -4.92
C TYR B 492 26.37 19.46 -5.67
N SER B 493 27.01 20.12 -6.62
CA SER B 493 28.13 19.54 -7.37
C SER B 493 29.42 20.31 -7.14
N SER B 494 30.33 19.75 -6.36
CA SER B 494 31.58 20.41 -6.04
C SER B 494 32.42 20.63 -7.28
N GLY B 495 32.43 19.65 -8.17
CA GLY B 495 33.17 19.76 -9.42
C GLY B 495 32.55 20.69 -10.45
N ARG B 496 31.47 21.37 -10.07
CA ARG B 496 30.88 22.44 -10.89
C ARG B 496 30.55 23.65 -10.02
N ASN B 497 30.83 23.56 -8.72
CA ASN B 497 30.41 24.58 -7.74
C ASN B 497 28.97 25.07 -8.03
N GLN B 498 28.03 24.12 -8.00
CA GLN B 498 26.68 24.28 -8.50
C GLN B 498 25.65 23.81 -7.47
N ILE B 499 24.50 24.45 -7.47
CA ILE B 499 23.37 23.97 -6.69
C ILE B 499 22.22 23.72 -7.67
N VAL B 500 21.47 22.65 -7.45
CA VAL B 500 20.49 22.17 -8.43
C VAL B 500 19.18 21.85 -7.70
N PHE B 501 18.09 22.49 -8.11
CA PHE B 501 16.75 22.33 -7.48
C PHE B 501 15.65 21.92 -8.48
N PRO B 502 15.60 20.62 -8.84
CA PRO B 502 14.64 20.08 -9.83
C PRO B 502 13.18 20.44 -9.52
N ALA B 503 12.39 20.58 -10.59
CA ALA B 503 10.95 20.82 -10.48
C ALA B 503 10.24 19.98 -9.39
N GLY B 504 10.72 18.74 -9.20
CA GLY B 504 10.09 17.78 -8.29
C GLY B 504 10.10 18.17 -6.82
N ILE B 505 11.11 18.89 -6.37
CA ILE B 505 11.13 19.36 -4.99
C ILE B 505 10.42 20.70 -4.82
N LEU B 506 10.04 21.33 -5.94
CA LEU B 506 9.47 22.69 -5.89
C LEU B 506 7.95 22.67 -5.77
N GLN B 507 7.47 22.06 -4.69
CA GLN B 507 6.05 21.90 -4.41
C GLN B 507 5.92 21.78 -2.90
N PRO B 508 4.69 21.87 -2.35
CA PRO B 508 4.52 21.73 -0.90
C PRO B 508 4.90 20.33 -0.46
N PRO B 509 5.44 20.18 0.77
CA PRO B 509 5.57 21.24 1.78
C PRO B 509 6.73 22.21 1.60
N PHE B 510 7.62 21.94 0.66
CA PHE B 510 8.79 22.76 0.47
C PHE B 510 8.46 24.19 0.02
N PHE B 511 7.65 24.29 -1.04
CA PHE B 511 7.41 25.56 -1.70
C PHE B 511 6.07 25.63 -2.41
N SER B 512 5.37 26.74 -2.19
CA SER B 512 4.26 27.15 -3.02
C SER B 512 4.08 28.65 -2.89
N ALA B 513 3.94 29.32 -4.02
CA ALA B 513 3.52 30.73 -3.98
C ALA B 513 2.14 30.92 -3.32
N GLN B 514 1.38 29.85 -3.17
CA GLN B 514 0.11 29.91 -2.45
C GLN B 514 0.27 29.72 -0.93
N GLN B 515 1.38 29.15 -0.48
CA GLN B 515 1.58 28.91 0.96
C GLN B 515 2.39 30.02 1.61
N SER B 516 2.23 30.17 2.92
CA SER B 516 2.95 31.20 3.68
C SER B 516 4.45 31.14 3.47
N ASN B 517 5.08 32.29 3.59
CA ASN B 517 6.51 32.35 3.33
C ASN B 517 7.35 31.72 4.44
N SER B 518 6.83 31.74 5.67
CA SER B 518 7.45 31.00 6.77
C SER B 518 7.58 29.51 6.39
N LEU B 519 6.53 28.95 5.77
CA LEU B 519 6.59 27.58 5.24
C LEU B 519 7.60 27.49 4.10
N ASN B 520 7.58 28.48 3.21
CA ASN B 520 8.51 28.51 2.08
C ASN B 520 9.99 28.51 2.47
N TYR B 521 10.32 29.33 3.47
CA TYR B 521 11.69 29.46 4.00
C TYR B 521 12.10 28.27 4.87
N GLY B 522 11.19 27.80 5.73
CA GLY B 522 11.43 26.59 6.50
C GLY B 522 11.45 25.34 5.64
N GLY B 523 10.91 25.46 4.42
CA GLY B 523 10.85 24.35 3.48
C GLY B 523 12.02 24.44 2.55
N ILE B 524 11.79 25.02 1.37
CA ILE B 524 12.81 25.10 0.35
C ILE B 524 13.93 26.09 0.70
N GLY B 525 13.64 27.06 1.56
CA GLY B 525 14.68 27.99 2.01
C GLY B 525 15.77 27.24 2.74
N MET B 526 15.33 26.41 3.68
CA MET B 526 16.17 25.46 4.37
C MET B 526 16.98 24.63 3.39
N VAL B 527 16.30 23.99 2.45
CA VAL B 527 16.96 23.07 1.51
C VAL B 527 18.02 23.79 0.69
N ILE B 528 17.77 25.05 0.34
CA ILE B 528 18.71 25.87 -0.45
C ILE B 528 19.97 26.15 0.36
N GLY B 529 19.79 26.49 1.64
CA GLY B 529 20.91 26.69 2.55
C GLY B 529 21.81 25.47 2.68
N HIS B 530 21.16 24.31 2.80
CA HIS B 530 21.83 23.01 2.89
C HIS B 530 22.73 22.82 1.65
N GLU B 531 22.20 23.10 0.48
CA GLU B 531 22.98 22.89 -0.75
C GLU B 531 24.11 23.90 -0.94
N ILE B 532 23.91 25.11 -0.41
CA ILE B 532 24.92 26.16 -0.49
C ILE B 532 26.07 25.79 0.46
N THR B 533 25.69 25.35 1.66
CA THR B 533 26.63 24.87 2.63
C THR B 533 27.47 23.71 2.08
N HIS B 534 26.82 22.74 1.42
CA HIS B 534 27.56 21.60 0.87
C HIS B 534 28.90 22.01 0.30
N GLY B 535 28.95 23.16 -0.37
CA GLY B 535 30.21 23.68 -0.89
C GLY B 535 31.22 24.04 0.17
N PHE B 536 30.82 23.98 1.44
CA PHE B 536 31.71 24.37 2.54
C PHE B 536 31.67 23.40 3.74
N ASP B 537 31.30 22.16 3.50
CA ASP B 537 31.43 21.12 4.52
C ASP B 537 32.84 20.51 4.41
N ASP B 538 33.08 19.43 5.16
CA ASP B 538 34.36 18.69 5.07
C ASP B 538 34.78 18.28 3.64
N ASN B 539 33.82 17.92 2.81
CA ASN B 539 34.16 17.59 1.45
C ASN B 539 34.25 18.84 0.58
N GLY B 540 33.20 19.65 0.61
CA GLY B 540 33.02 20.75 -0.32
C GLY B 540 34.11 21.79 -0.27
N ARG B 541 34.48 22.16 0.96
CA ARG B 541 35.50 23.19 1.20
C ARG B 541 36.87 23.01 0.49
N ASN B 542 37.18 21.76 0.12
CA ASN B 542 38.43 21.43 -0.55
C ASN B 542 38.39 21.82 -2.02
N PHE B 543 37.30 22.48 -2.43
CA PHE B 543 37.12 22.83 -3.84
C PHE B 543 36.99 24.35 -4.10
N ASN B 544 37.77 24.84 -5.06
CA ASN B 544 37.78 26.27 -5.38
C ASN B 544 36.55 26.69 -6.20
N LYS B 545 36.37 28.00 -6.33
CA LYS B 545 35.26 28.57 -7.07
C LYS B 545 34.91 27.84 -8.38
N ASP B 546 35.88 27.24 -9.05
CA ASP B 546 35.61 26.60 -10.33
C ASP B 546 35.61 25.08 -10.25
N GLY B 547 35.52 24.58 -9.01
CA GLY B 547 35.40 23.14 -8.74
C GLY B 547 36.65 22.31 -9.02
N ASP B 548 37.78 22.80 -8.54
CA ASP B 548 39.04 22.08 -8.61
C ASP B 548 39.47 21.80 -7.21
N LEU B 549 39.94 20.57 -6.99
CA LEU B 549 40.38 20.17 -5.68
C LEU B 549 41.72 20.84 -5.44
N VAL B 550 41.72 21.94 -4.68
CA VAL B 550 42.92 22.73 -4.41
C VAL B 550 42.74 23.56 -3.15
N ASP B 551 43.62 23.34 -2.17
CA ASP B 551 43.49 24.00 -0.89
C ASP B 551 43.56 25.52 -1.00
N TRP B 552 42.48 26.18 -0.59
CA TRP B 552 42.40 27.64 -0.52
C TRP B 552 42.18 28.13 0.91
N TRP B 553 42.31 27.22 1.89
CA TRP B 553 42.26 27.58 3.30
C TRP B 553 43.66 27.83 3.85
N THR B 554 43.75 28.34 5.07
CA THR B 554 45.03 28.46 5.77
C THR B 554 45.04 27.51 6.95
N GLN B 555 46.20 26.94 7.25
CA GLN B 555 46.35 26.01 8.37
C GLN B 555 45.43 26.34 9.54
N GLN B 556 45.44 27.59 10.00
CA GLN B 556 44.65 27.96 11.17
C GLN B 556 43.16 27.92 10.89
N SER B 557 42.75 28.54 9.79
CA SER B 557 41.34 28.51 9.34
C SER B 557 40.86 27.06 9.31
N ALA B 558 41.51 26.26 8.45
CA ALA B 558 41.21 24.82 8.27
C ALA B 558 41.29 24.01 9.57
N SER B 559 42.15 24.48 10.48
CA SER B 559 42.33 23.82 11.76
C SER B 559 41.12 24.01 12.69
N ASN B 560 40.73 25.26 12.97
CA ASN B 560 39.60 25.50 13.91
C ASN B 560 38.28 25.03 13.31
N PHE B 561 38.23 25.06 11.97
CA PHE B 561 37.12 24.45 11.22
C PHE B 561 36.91 23.01 11.67
N LYS B 562 38.02 22.26 11.83
CA LYS B 562 37.97 20.89 12.35
C LYS B 562 37.51 20.84 13.80
N GLU B 563 37.98 21.80 14.62
CA GLU B 563 37.46 22.01 15.99
C GLU B 563 35.96 22.23 16.05
N GLN B 564 35.49 23.11 15.15
CA GLN B 564 34.07 23.40 15.05
C GLN B 564 33.34 22.10 14.72
N SER B 565 33.65 21.54 13.54
CA SER B 565 32.95 20.35 13.03
C SER B 565 33.08 19.12 13.93
N GLN B 566 34.23 18.97 14.59
CA GLN B 566 34.42 17.93 15.59
C GLN B 566 33.26 17.91 16.61
N CYS B 567 32.73 19.07 16.92
CA CYS B 567 31.55 19.14 17.78
C CYS B 567 30.46 18.23 17.24
N MET B 568 30.17 18.38 15.95
CA MET B 568 29.02 17.71 15.37
C MET B 568 29.19 16.19 15.36
N VAL B 569 30.36 15.73 14.92
CA VAL B 569 30.74 14.32 14.98
C VAL B 569 30.30 13.71 16.31
N TYR B 570 30.48 14.46 17.39
CA TYR B 570 30.21 13.92 18.71
C TYR B 570 28.74 14.02 19.05
N GLN B 571 28.10 15.10 18.60
CA GLN B 571 26.70 15.23 18.83
C GLN B 571 25.92 14.13 18.15
N TYR B 572 26.19 13.91 16.87
CA TYR B 572 25.36 12.93 16.13
C TYR B 572 25.71 11.49 16.51
N GLY B 573 27.02 11.20 16.59
CA GLY B 573 27.54 9.96 17.18
C GLY B 573 26.90 9.56 18.51
N ASN B 574 26.57 10.55 19.32
CA ASN B 574 26.00 10.28 20.63
C ASN B 574 24.51 9.89 20.57
N PHE B 575 23.90 10.05 19.39
CA PHE B 575 22.49 9.65 19.21
C PHE B 575 22.39 8.14 19.01
N SER B 576 21.39 7.52 19.62
CA SER B 576 21.22 6.09 19.49
C SER B 576 19.84 5.73 18.95
N TRP B 577 19.82 4.86 17.95
CA TRP B 577 18.63 4.59 17.14
C TRP B 577 18.04 3.23 17.48
N ASP B 578 16.86 3.26 18.09
CA ASP B 578 16.22 2.01 18.54
C ASP B 578 15.89 1.07 17.36
N LEU B 579 15.42 1.66 16.27
CA LEU B 579 15.04 0.91 15.06
C LEU B 579 16.22 0.17 14.44
N ALA B 580 17.44 0.60 14.73
CA ALA B 580 18.64 -0.15 14.37
C ALA B 580 19.16 -0.99 15.58
N GLY B 581 18.24 -1.34 16.47
CA GLY B 581 18.58 -2.04 17.70
C GLY B 581 19.67 -1.35 18.50
N GLY B 582 19.44 -0.09 18.88
CA GLY B 582 20.29 0.57 19.86
C GLY B 582 21.50 1.27 19.30
N GLN B 583 21.95 0.88 18.11
CA GLN B 583 23.19 1.43 17.55
C GLN B 583 23.28 2.96 17.56
N HIS B 584 24.50 3.48 17.61
CA HIS B 584 24.74 4.89 17.58
C HIS B 584 24.94 5.24 16.14
N LEU B 585 24.74 6.51 15.80
CA LEU B 585 24.91 6.97 14.43
C LEU B 585 26.38 7.14 14.11
N ASN B 586 26.74 6.95 12.86
CA ASN B 586 28.12 7.20 12.46
C ASN B 586 28.36 8.68 12.21
N GLY B 587 28.59 9.39 13.33
CA GLY B 587 28.95 10.83 13.35
C GLY B 587 30.00 11.31 12.34
N ILE B 588 30.83 10.42 11.82
CA ILE B 588 31.84 10.82 10.84
C ILE B 588 31.29 10.73 9.42
N ASN B 589 30.49 9.70 9.18
CA ASN B 589 29.87 9.50 7.88
C ASN B 589 28.75 10.49 7.64
N THR B 590 27.98 10.79 8.69
CA THR B 590 26.92 11.76 8.57
C THR B 590 27.42 13.23 8.52
N LEU B 591 28.63 13.47 9.02
CA LEU B 591 29.12 14.83 9.26
C LEU B 591 28.77 15.84 8.18
N GLY B 592 29.19 15.58 6.95
CA GLY B 592 28.92 16.48 5.82
C GLY B 592 27.48 16.93 5.78
N GLU B 593 26.57 15.95 5.74
CA GLU B 593 25.12 16.20 5.81
C GLU B 593 24.67 16.99 7.00
N ASN B 594 25.25 16.69 8.17
CA ASN B 594 24.86 17.40 9.39
C ASN B 594 25.32 18.87 9.37
N ILE B 595 26.54 19.10 8.89
CA ILE B 595 27.04 20.45 8.75
C ILE B 595 26.03 21.20 7.85
N ALA B 596 25.74 20.62 6.68
CA ALA B 596 24.78 21.19 5.73
C ALA B 596 23.39 21.42 6.32
N ASP B 597 22.93 20.55 7.19
CA ASP B 597 21.64 20.80 7.81
C ASP B 597 21.70 21.98 8.75
N ASN B 598 22.80 22.09 9.50
CA ASN B 598 22.87 23.13 10.52
C ASN B 598 23.10 24.54 9.98
N GLY B 599 24.05 24.66 9.07
CA GLY B 599 24.28 25.91 8.36
C GLY B 599 23.09 26.31 7.50
N GLY B 600 22.30 25.32 7.09
CA GLY B 600 21.21 25.54 6.15
C GLY B 600 20.07 26.19 6.91
N LEU B 601 19.68 25.56 8.02
CA LEU B 601 18.66 26.09 8.93
C LEU B 601 18.90 27.58 9.27
N GLY B 602 20.14 27.92 9.63
CA GLY B 602 20.49 29.27 10.07
C GLY B 602 20.26 30.23 8.93
N GLN B 603 20.89 29.95 7.80
CA GLN B 603 20.68 30.74 6.58
C GLN B 603 19.18 31.03 6.31
N ALA B 604 18.39 29.98 6.21
CA ALA B 604 16.96 30.10 5.95
C ALA B 604 16.23 30.96 6.99
N TYR B 605 16.60 30.82 8.24
CA TYR B 605 15.94 31.59 9.30
C TYR B 605 16.33 33.09 9.30
N ARG B 606 17.62 33.38 9.11
CA ARG B 606 18.05 34.77 9.01
C ARG B 606 17.31 35.40 7.84
N ALA B 607 17.26 34.69 6.72
CA ALA B 607 16.62 35.20 5.50
C ALA B 607 15.12 35.51 5.68
N TYR B 608 14.49 34.71 6.53
CA TYR B 608 13.06 34.84 6.77
C TYR B 608 12.84 36.02 7.71
N GLN B 609 13.70 36.11 8.72
CA GLN B 609 13.68 37.28 9.61
C GLN B 609 13.89 38.57 8.84
N ASN B 610 14.79 38.54 7.86
CA ASN B 610 14.98 39.65 6.89
C ASN B 610 13.72 39.96 6.08
N TYR B 611 13.01 38.92 5.66
CA TYR B 611 11.78 39.07 4.88
C TYR B 611 10.69 39.79 5.67
N ILE B 612 10.49 39.41 6.94
CA ILE B 612 9.50 40.08 7.79
C ILE B 612 9.76 41.60 7.86
N LYS B 613 11.03 42.00 7.93
CA LYS B 613 11.39 43.42 7.91
C LYS B 613 10.99 44.14 6.62
N LYS B 614 11.44 43.66 5.46
CA LYS B 614 11.12 44.29 4.17
C LYS B 614 9.61 44.34 3.80
N ASN B 615 8.78 43.49 4.42
CA ASN B 615 7.34 43.46 4.08
C ASN B 615 6.38 43.29 5.25
N GLY B 616 6.92 43.20 6.47
CA GLY B 616 6.07 43.03 7.67
C GLY B 616 5.54 41.61 7.79
N GLU B 617 4.95 41.30 8.95
CA GLU B 617 4.44 39.95 9.24
C GLU B 617 3.43 39.41 8.22
N GLU B 618 3.17 38.10 8.29
CA GLU B 618 2.18 37.45 7.43
C GLU B 618 0.94 37.23 8.27
N LYS B 619 -0.21 37.05 7.64
CA LYS B 619 -1.45 36.78 8.37
C LYS B 619 -1.43 35.40 8.99
N LEU B 620 -2.01 35.27 10.19
CA LEU B 620 -2.01 34.00 10.92
C LEU B 620 -2.81 32.92 10.18
N LEU B 621 -2.34 31.68 10.28
CA LEU B 621 -3.07 30.52 9.80
C LEU B 621 -4.16 30.16 10.79
N PRO B 622 -5.38 29.91 10.28
CA PRO B 622 -6.57 29.61 11.07
C PRO B 622 -6.52 28.23 11.72
N GLY B 623 -6.89 28.16 12.99
CA GLY B 623 -6.88 26.91 13.73
C GLY B 623 -5.59 26.67 14.49
N LEU B 624 -4.58 27.48 14.22
CA LEU B 624 -3.26 27.26 14.82
C LEU B 624 -2.82 28.44 15.62
N ASP B 625 -2.46 28.21 16.88
CA ASP B 625 -2.00 29.28 17.77
C ASP B 625 -0.49 29.38 17.81
N LEU B 626 0.09 29.71 16.65
CA LEU B 626 1.51 29.82 16.48
C LEU B 626 1.78 30.98 15.57
N ASN B 627 2.75 31.80 15.95
CA ASN B 627 3.22 32.87 15.06
C ASN B 627 4.09 32.27 13.96
N HIS B 628 4.43 33.09 12.97
CA HIS B 628 5.10 32.55 11.79
C HIS B 628 6.51 32.06 12.08
N LYS B 629 7.12 32.65 13.10
CA LYS B 629 8.36 32.18 13.66
C LYS B 629 8.22 30.68 14.02
N GLN B 630 7.16 30.34 14.75
CA GLN B 630 6.85 28.96 15.14
C GLN B 630 6.53 28.06 13.96
N LEU B 631 5.68 28.56 13.06
CA LEU B 631 5.26 27.82 11.89
C LEU B 631 6.43 27.45 10.98
N PHE B 632 7.44 28.34 10.92
CA PHE B 632 8.67 28.09 10.17
C PHE B 632 9.30 26.77 10.58
N PHE B 633 9.48 26.59 11.88
CA PHE B 633 10.14 25.39 12.42
C PHE B 633 9.24 24.20 12.31
N LEU B 634 7.94 24.41 12.55
CA LEU B 634 6.90 23.41 12.36
C LEU B 634 6.97 22.80 10.95
N ASN B 635 6.99 23.64 9.93
CA ASN B 635 7.07 23.15 8.55
C ASN B 635 8.37 22.40 8.28
N PHE B 636 9.49 23.04 8.61
CA PHE B 636 10.83 22.44 8.67
C PHE B 636 10.85 20.99 9.18
N ALA B 637 10.19 20.75 10.29
CA ALA B 637 10.21 19.49 10.98
C ALA B 637 9.38 18.44 10.27
N GLN B 638 8.21 18.86 9.82
CA GLN B 638 7.23 18.01 9.20
C GLN B 638 7.70 17.47 7.84
N VAL B 639 8.72 18.10 7.27
CA VAL B 639 9.44 17.52 6.13
C VAL B 639 9.89 16.10 6.48
N TRP B 640 10.20 15.86 7.76
CA TRP B 640 10.68 14.54 8.18
C TRP B 640 9.73 13.64 9.00
N CYS B 641 8.46 14.02 9.10
CA CYS B 641 7.46 13.08 9.58
C CYS B 641 7.63 11.81 8.78
N GLY B 642 7.93 10.71 9.46
CA GLY B 642 8.19 9.45 8.79
C GLY B 642 8.84 8.45 9.73
N THR B 643 8.91 7.19 9.29
CA THR B 643 9.54 6.13 10.08
C THR B 643 10.21 5.04 9.19
N TYR B 644 10.79 4.05 9.86
CA TYR B 644 11.64 3.08 9.20
C TYR B 644 11.28 1.67 9.56
N ARG B 645 11.51 0.77 8.60
CA ARG B 645 11.52 -0.66 8.87
C ARG B 645 12.85 -1.03 9.56
N PRO B 646 12.78 -1.75 10.69
CA PRO B 646 13.99 -2.24 11.39
C PRO B 646 15.11 -2.70 10.44
N GLU B 647 14.78 -3.59 9.50
CA GLU B 647 15.77 -4.17 8.58
C GLU B 647 16.44 -3.09 7.78
N TYR B 648 15.66 -2.06 7.43
CA TYR B 648 16.21 -1.01 6.62
C TYR B 648 17.00 -0.02 7.49
N ALA B 649 16.58 0.18 8.74
CA ALA B 649 17.37 0.99 9.68
C ALA B 649 18.79 0.47 9.83
N VAL B 650 18.92 -0.82 10.15
CA VAL B 650 20.19 -1.54 10.17
C VAL B 650 20.94 -1.24 8.89
N ASN B 651 20.22 -1.27 7.77
CA ASN B 651 20.78 -0.91 6.48
C ASN B 651 21.31 0.55 6.40
N SER B 652 20.45 1.55 6.65
CA SER B 652 20.80 2.93 6.35
C SER B 652 21.78 3.55 7.36
N ILE B 653 21.73 3.09 8.60
CA ILE B 653 22.71 3.53 9.61
C ILE B 653 24.15 3.36 9.08
N LYS B 654 24.36 2.39 8.19
CA LYS B 654 25.68 2.14 7.62
C LYS B 654 25.83 2.70 6.21
N THR B 655 24.73 2.87 5.49
CA THR B 655 24.88 3.19 4.06
C THR B 655 24.49 4.63 3.67
N ASP B 656 23.76 5.30 4.55
CA ASP B 656 23.18 6.60 4.26
C ASP B 656 24.06 7.71 4.84
N VAL B 657 24.39 8.71 4.01
CA VAL B 657 25.24 9.80 4.45
C VAL B 657 24.42 10.81 5.23
N HIS B 658 23.10 10.78 5.08
CA HIS B 658 22.20 11.59 5.92
C HIS B 658 21.91 10.90 7.23
N SER B 659 21.58 11.68 8.24
CA SER B 659 21.06 11.12 9.47
C SER B 659 19.59 10.83 9.27
N PRO B 660 19.01 9.94 10.08
CA PRO B 660 17.58 9.69 10.03
C PRO B 660 16.76 10.96 10.34
N GLY B 661 15.58 11.06 9.73
CA GLY B 661 14.75 12.25 9.78
C GLY B 661 14.67 12.82 11.16
N ASN B 662 14.13 12.01 12.08
CA ASN B 662 13.96 12.38 13.49
C ASN B 662 15.21 13.04 14.11
N PHE B 663 16.40 12.47 13.88
CA PHE B 663 17.65 13.05 14.41
C PHE B 663 18.17 14.24 13.63
N ARG B 664 17.81 14.36 12.36
CA ARG B 664 18.13 15.58 11.60
C ARG B 664 17.39 16.77 12.20
N ILE B 665 16.13 16.53 12.60
CA ILE B 665 15.26 17.53 13.23
C ILE B 665 15.75 17.86 14.64
N ILE B 666 15.96 16.85 15.47
CA ILE B 666 16.43 17.13 16.85
C ILE B 666 17.82 17.76 16.86
N GLY B 667 18.78 17.06 16.28
CA GLY B 667 20.15 17.57 16.13
C GLY B 667 20.27 19.03 15.71
N THR B 668 19.55 19.43 14.67
CA THR B 668 19.69 20.78 14.14
C THR B 668 19.06 21.82 15.05
N LEU B 669 17.88 21.50 15.58
CA LEU B 669 17.17 22.42 16.45
C LEU B 669 17.87 22.56 17.79
N GLN B 670 18.38 21.44 18.29
CA GLN B 670 19.19 21.46 19.52
C GLN B 670 20.24 22.55 19.44
N ASN B 671 20.88 22.65 18.27
CA ASN B 671 21.91 23.63 17.99
C ASN B 671 21.41 25.05 17.71
N SER B 672 20.10 25.29 17.83
CA SER B 672 19.56 26.58 17.43
C SER B 672 18.96 27.37 18.59
N ALA B 673 19.66 28.44 18.96
CA ALA B 673 19.17 29.36 19.97
C ALA B 673 17.80 29.89 19.56
N GLU B 674 17.66 30.21 18.26
CA GLU B 674 16.44 30.81 17.66
C GLU B 674 15.24 29.91 17.81
N PHE B 675 15.42 28.61 17.59
CA PHE B 675 14.35 27.65 17.90
C PHE B 675 13.90 27.81 19.35
N SER B 676 14.86 27.75 20.27
CA SER B 676 14.57 27.77 21.73
C SER B 676 13.95 29.09 22.12
N GLU B 677 14.46 30.16 21.52
CA GLU B 677 13.86 31.46 21.63
C GLU B 677 12.38 31.36 21.22
N ALA B 678 12.13 31.00 19.95
CA ALA B 678 10.75 30.89 19.41
C ALA B 678 9.84 29.92 20.14
N PHE B 679 10.41 28.96 20.85
CA PHE B 679 9.57 28.09 21.68
C PHE B 679 9.70 28.27 23.20
N HIS B 680 10.59 29.19 23.63
CA HIS B 680 10.82 29.52 25.05
C HIS B 680 11.24 28.26 25.78
N CYS B 681 12.44 27.79 25.47
CA CYS B 681 12.95 26.54 26.02
C CYS B 681 13.86 26.81 27.19
N ARG B 682 13.55 26.21 28.34
CA ARG B 682 14.47 26.28 29.46
C ARG B 682 15.86 25.85 28.96
N LYS B 683 16.92 26.39 29.55
CA LYS B 683 18.28 25.97 29.18
C LYS B 683 18.44 24.54 29.68
N ASN B 684 19.05 23.70 28.85
CA ASN B 684 19.19 22.27 29.14
C ASN B 684 17.87 21.54 29.34
N SER B 685 16.80 22.10 28.79
CA SER B 685 15.62 21.30 28.43
C SER B 685 16.16 20.47 27.27
N TYR B 686 15.57 19.31 27.01
CA TYR B 686 16.11 18.41 25.99
C TYR B 686 16.46 19.14 24.67
N MET B 687 15.57 20.00 24.20
CA MET B 687 15.77 20.70 22.93
C MET B 687 16.80 21.84 22.95
N ASN B 688 17.31 22.18 24.14
CA ASN B 688 18.11 23.38 24.38
C ASN B 688 19.40 23.12 25.21
N PRO B 689 20.29 22.24 24.72
CA PRO B 689 21.55 22.01 25.45
C PRO B 689 22.42 23.26 25.49
N GLU B 690 23.22 23.41 26.56
CA GLU B 690 24.21 24.49 26.68
C GLU B 690 25.18 24.49 25.49
N LYS B 691 25.79 23.33 25.26
CA LYS B 691 26.70 23.16 24.15
C LYS B 691 25.86 23.04 22.89
N LYS B 692 26.16 23.90 21.93
CA LYS B 692 25.48 23.92 20.65
C LYS B 692 26.59 23.94 19.66
N CYS B 693 26.49 23.10 18.65
CA CYS B 693 27.52 23.09 17.62
C CYS B 693 27.16 24.17 16.61
N ARG B 694 28.17 24.60 15.85
CA ARG B 694 28.04 25.79 15.05
C ARG B 694 29.21 25.71 14.09
N VAL B 695 28.96 25.77 12.80
CA VAL B 695 30.07 25.99 11.88
C VAL B 695 29.77 27.14 10.91
N TRP B 696 28.64 27.08 10.21
CA TRP B 696 28.26 28.24 9.41
C TRP B 696 27.02 28.97 9.98
#